data_1NX2
# 
_entry.id   1NX2 
# 
_audit_conform.dict_name       mmcif_pdbx.dic 
_audit_conform.dict_version    5.386 
_audit_conform.dict_location   http://mmcif.pdb.org/dictionaries/ascii/mmcif_pdbx.dic 
# 
loop_
_database_2.database_id 
_database_2.database_code 
_database_2.pdbx_database_accession 
_database_2.pdbx_DOI 
PDB   1NX2         pdb_00001nx2 10.2210/pdb1nx2/pdb 
RCSB  RCSB018303   ?            ?                   
WWPDB D_1000018303 ?            ?                   
# 
loop_
_pdbx_audit_revision_history.ordinal 
_pdbx_audit_revision_history.data_content_type 
_pdbx_audit_revision_history.major_revision 
_pdbx_audit_revision_history.minor_revision 
_pdbx_audit_revision_history.revision_date 
1 'Structure model' 1 0 2003-08-19 
2 'Structure model' 1 1 2008-04-29 
3 'Structure model' 1 2 2011-07-13 
4 'Structure model' 1 3 2012-05-02 
5 'Structure model' 1 4 2024-02-14 
# 
_pdbx_audit_revision_details.ordinal             1 
_pdbx_audit_revision_details.revision_ordinal    1 
_pdbx_audit_revision_details.data_content_type   'Structure model' 
_pdbx_audit_revision_details.provider            repository 
_pdbx_audit_revision_details.type                'Initial release' 
_pdbx_audit_revision_details.description         ? 
_pdbx_audit_revision_details.details             ? 
# 
loop_
_pdbx_audit_revision_group.ordinal 
_pdbx_audit_revision_group.revision_ordinal 
_pdbx_audit_revision_group.data_content_type 
_pdbx_audit_revision_group.group 
1 2 'Structure model' 'Version format compliance' 
2 3 'Structure model' 'Derived calculations'      
3 3 'Structure model' 'Version format compliance' 
4 4 'Structure model' 'Structure summary'         
5 5 'Structure model' 'Data collection'           
6 5 'Structure model' 'Database references'       
7 5 'Structure model' 'Derived calculations'      
# 
loop_
_pdbx_audit_revision_category.ordinal 
_pdbx_audit_revision_category.revision_ordinal 
_pdbx_audit_revision_category.data_content_type 
_pdbx_audit_revision_category.category 
1 5 'Structure model' chem_comp_atom         
2 5 'Structure model' chem_comp_bond         
3 5 'Structure model' database_2             
4 5 'Structure model' pdbx_struct_conn_angle 
5 5 'Structure model' struct_conn            
6 5 'Structure model' struct_site            
# 
loop_
_pdbx_audit_revision_item.ordinal 
_pdbx_audit_revision_item.revision_ordinal 
_pdbx_audit_revision_item.data_content_type 
_pdbx_audit_revision_item.item 
1  5 'Structure model' '_database_2.pdbx_DOI'                        
2  5 'Structure model' '_database_2.pdbx_database_accession'         
3  5 'Structure model' '_pdbx_struct_conn_angle.ptnr1_auth_comp_id'  
4  5 'Structure model' '_pdbx_struct_conn_angle.ptnr1_auth_seq_id'   
5  5 'Structure model' '_pdbx_struct_conn_angle.ptnr1_label_asym_id' 
6  5 'Structure model' '_pdbx_struct_conn_angle.ptnr1_label_atom_id' 
7  5 'Structure model' '_pdbx_struct_conn_angle.ptnr1_label_comp_id' 
8  5 'Structure model' '_pdbx_struct_conn_angle.ptnr1_label_seq_id'  
9  5 'Structure model' '_pdbx_struct_conn_angle.ptnr3_auth_comp_id'  
10 5 'Structure model' '_pdbx_struct_conn_angle.ptnr3_auth_seq_id'   
11 5 'Structure model' '_pdbx_struct_conn_angle.ptnr3_label_asym_id' 
12 5 'Structure model' '_pdbx_struct_conn_angle.ptnr3_label_atom_id' 
13 5 'Structure model' '_pdbx_struct_conn_angle.ptnr3_label_comp_id' 
14 5 'Structure model' '_pdbx_struct_conn_angle.ptnr3_label_seq_id'  
15 5 'Structure model' '_pdbx_struct_conn_angle.value'               
16 5 'Structure model' '_struct_conn.pdbx_dist_value'                
17 5 'Structure model' '_struct_conn.ptnr2_auth_comp_id'             
18 5 'Structure model' '_struct_conn.ptnr2_auth_seq_id'              
19 5 'Structure model' '_struct_conn.ptnr2_label_asym_id'            
20 5 'Structure model' '_struct_conn.ptnr2_label_atom_id'            
21 5 'Structure model' '_struct_conn.ptnr2_label_comp_id'            
22 5 'Structure model' '_struct_conn.ptnr2_label_seq_id'             
23 5 'Structure model' '_struct_site.pdbx_auth_asym_id'              
24 5 'Structure model' '_struct_site.pdbx_auth_comp_id'              
25 5 'Structure model' '_struct_site.pdbx_auth_seq_id'               
# 
_pdbx_database_status.status_code                     REL 
_pdbx_database_status.entry_id                        1NX2 
_pdbx_database_status.recvd_initial_deposition_date   2003-02-07 
_pdbx_database_status.deposit_site                    RCSB 
_pdbx_database_status.process_site                    RCSB 
_pdbx_database_status.SG_entry                        . 
_pdbx_database_status.status_code_sf                  ? 
_pdbx_database_status.status_code_mr                  ? 
_pdbx_database_status.status_code_cs                  ? 
_pdbx_database_status.methods_development_category    ? 
_pdbx_database_status.pdb_format_compatible           Y 
_pdbx_database_status.status_code_nmr_data            ? 
# 
loop_
_pdbx_database_related.db_name 
_pdbx_database_related.db_id 
_pdbx_database_related.details 
_pdbx_database_related.content_type 
PDB 1NX0 . unspecified 
PDB 1NX1 . unspecified 
PDB 1NX3 . unspecified 
# 
loop_
_audit_author.name 
_audit_author.pdbx_ordinal 
'Todd, B.'             1 
'Moore, D.'            2 
'Deivanayagam, C.C.S.' 3 
'Lin, G.-D.'           4 
'Chattopadhyay, D.'    5 
'Maki, M.'             6 
'Wang, K.K.W.'         7 
'Narayana, S.V.L.'     8 
# 
_citation.id                        primary 
_citation.title                     
;A structural model for the inhibition of calpain by calpastatin: crystal structures of the native domain VI of calpain and its complexes with calpastatin peptide and a small molecule inhibitor.
;
_citation.journal_abbrev            J.Mol.Biol. 
_citation.journal_volume            328 
_citation.page_first                131 
_citation.page_last                 146 
_citation.year                      2003 
_citation.journal_id_ASTM           JMOBAK 
_citation.country                   UK 
_citation.journal_id_ISSN           0022-2836 
_citation.journal_id_CSD            0070 
_citation.book_publisher            ? 
_citation.pdbx_database_id_PubMed   12684003 
_citation.pdbx_database_id_DOI      '10.1016/S0022-2836(03)00274-2' 
# 
loop_
_citation_author.citation_id 
_citation_author.name 
_citation_author.ordinal 
_citation_author.identifier_ORCID 
primary 'Todd, B.'             1 ? 
primary 'Moore, D.'            2 ? 
primary 'Deivanayagam, C.C.S.' 3 ? 
primary 'Lin, G.-D.'           4 ? 
primary 'Chattopadhyay, D.'    5 ? 
primary 'Maki, M.'             6 ? 
primary 'Wang, K.K.W.'         7 ? 
primary 'Narayana, S.V.L.'     8 ? 
# 
loop_
_entity.id 
_entity.type 
_entity.src_method 
_entity.pdbx_description 
_entity.formula_weight 
_entity.pdbx_number_of_molecules 
_entity.pdbx_ec 
_entity.pdbx_mutation 
_entity.pdbx_fragment 
_entity.details 
1 polymer     man 'Calcium-dependent protease, small subunit' 19883.477 1  ? ? 'Domain VI' ? 
2 non-polymer syn 'CALCIUM ION'                               40.078    4  ? ? ?           ? 
3 water       nat water                                       18.015    86 ? ? ?           ? 
# 
_entity_name_com.entity_id   1 
_entity_name_com.name        'Calpain regulatory subunit, Calcium-activated neutral proteinase, CANP' 
# 
_entity_poly.entity_id                      1 
_entity_poly.type                           'polypeptide(L)' 
_entity_poly.nstd_linkage                   no 
_entity_poly.nstd_monomer                   no 
_entity_poly.pdbx_seq_one_letter_code       
;EEVRQFRRLFAQLAGDDMEVSATELMNILNKVVTRHPDLKTDGFGIDTCRSMVAVMDSDTTGKLGFEEFKYLWNNIKKWQ
AIYKQFDVDRSGTIGSSELPGAFEAAGFHLNEHLYSMIIRRYSDEGGNMDFDNFISCLVRLDAMFRAFKSLDKDGTGQIQ
VNIQEWLQLTMYS
;
_entity_poly.pdbx_seq_one_letter_code_can   
;EEVRQFRRLFAQLAGDDMEVSATELMNILNKVVTRHPDLKTDGFGIDTCRSMVAVMDSDTTGKLGFEEFKYLWNNIKKWQ
AIYKQFDVDRSGTIGSSELPGAFEAAGFHLNEHLYSMIIRRYSDEGGNMDFDNFISCLVRLDAMFRAFKSLDKDGTGQIQ
VNIQEWLQLTMYS
;
_entity_poly.pdbx_strand_id                 A 
_entity_poly.pdbx_target_identifier         ? 
# 
loop_
_pdbx_entity_nonpoly.entity_id 
_pdbx_entity_nonpoly.name 
_pdbx_entity_nonpoly.comp_id 
2 'CALCIUM ION' CA  
3 water         HOH 
# 
loop_
_entity_poly_seq.entity_id 
_entity_poly_seq.num 
_entity_poly_seq.mon_id 
_entity_poly_seq.hetero 
1 1   GLU n 
1 2   GLU n 
1 3   VAL n 
1 4   ARG n 
1 5   GLN n 
1 6   PHE n 
1 7   ARG n 
1 8   ARG n 
1 9   LEU n 
1 10  PHE n 
1 11  ALA n 
1 12  GLN n 
1 13  LEU n 
1 14  ALA n 
1 15  GLY n 
1 16  ASP n 
1 17  ASP n 
1 18  MET n 
1 19  GLU n 
1 20  VAL n 
1 21  SER n 
1 22  ALA n 
1 23  THR n 
1 24  GLU n 
1 25  LEU n 
1 26  MET n 
1 27  ASN n 
1 28  ILE n 
1 29  LEU n 
1 30  ASN n 
1 31  LYS n 
1 32  VAL n 
1 33  VAL n 
1 34  THR n 
1 35  ARG n 
1 36  HIS n 
1 37  PRO n 
1 38  ASP n 
1 39  LEU n 
1 40  LYS n 
1 41  THR n 
1 42  ASP n 
1 43  GLY n 
1 44  PHE n 
1 45  GLY n 
1 46  ILE n 
1 47  ASP n 
1 48  THR n 
1 49  CYS n 
1 50  ARG n 
1 51  SER n 
1 52  MET n 
1 53  VAL n 
1 54  ALA n 
1 55  VAL n 
1 56  MET n 
1 57  ASP n 
1 58  SER n 
1 59  ASP n 
1 60  THR n 
1 61  THR n 
1 62  GLY n 
1 63  LYS n 
1 64  LEU n 
1 65  GLY n 
1 66  PHE n 
1 67  GLU n 
1 68  GLU n 
1 69  PHE n 
1 70  LYS n 
1 71  TYR n 
1 72  LEU n 
1 73  TRP n 
1 74  ASN n 
1 75  ASN n 
1 76  ILE n 
1 77  LYS n 
1 78  LYS n 
1 79  TRP n 
1 80  GLN n 
1 81  ALA n 
1 82  ILE n 
1 83  TYR n 
1 84  LYS n 
1 85  GLN n 
1 86  PHE n 
1 87  ASP n 
1 88  VAL n 
1 89  ASP n 
1 90  ARG n 
1 91  SER n 
1 92  GLY n 
1 93  THR n 
1 94  ILE n 
1 95  GLY n 
1 96  SER n 
1 97  SER n 
1 98  GLU n 
1 99  LEU n 
1 100 PRO n 
1 101 GLY n 
1 102 ALA n 
1 103 PHE n 
1 104 GLU n 
1 105 ALA n 
1 106 ALA n 
1 107 GLY n 
1 108 PHE n 
1 109 HIS n 
1 110 LEU n 
1 111 ASN n 
1 112 GLU n 
1 113 HIS n 
1 114 LEU n 
1 115 TYR n 
1 116 SER n 
1 117 MET n 
1 118 ILE n 
1 119 ILE n 
1 120 ARG n 
1 121 ARG n 
1 122 TYR n 
1 123 SER n 
1 124 ASP n 
1 125 GLU n 
1 126 GLY n 
1 127 GLY n 
1 128 ASN n 
1 129 MET n 
1 130 ASP n 
1 131 PHE n 
1 132 ASP n 
1 133 ASN n 
1 134 PHE n 
1 135 ILE n 
1 136 SER n 
1 137 CYS n 
1 138 LEU n 
1 139 VAL n 
1 140 ARG n 
1 141 LEU n 
1 142 ASP n 
1 143 ALA n 
1 144 MET n 
1 145 PHE n 
1 146 ARG n 
1 147 ALA n 
1 148 PHE n 
1 149 LYS n 
1 150 SER n 
1 151 LEU n 
1 152 ASP n 
1 153 LYS n 
1 154 ASP n 
1 155 GLY n 
1 156 THR n 
1 157 GLY n 
1 158 GLN n 
1 159 ILE n 
1 160 GLN n 
1 161 VAL n 
1 162 ASN n 
1 163 ILE n 
1 164 GLN n 
1 165 GLU n 
1 166 TRP n 
1 167 LEU n 
1 168 GLN n 
1 169 LEU n 
1 170 THR n 
1 171 MET n 
1 172 TYR n 
1 173 SER n 
# 
_entity_src_gen.entity_id                          1 
_entity_src_gen.pdbx_src_id                        1 
_entity_src_gen.pdbx_alt_source_flag               sample 
_entity_src_gen.pdbx_seq_type                      ? 
_entity_src_gen.pdbx_beg_seq_num                   ? 
_entity_src_gen.pdbx_end_seq_num                   ? 
_entity_src_gen.gene_src_common_name               pig 
_entity_src_gen.gene_src_genus                     Sus 
_entity_src_gen.pdbx_gene_src_gene                 'CAPNS1 OR CAPN4' 
_entity_src_gen.gene_src_species                   ? 
_entity_src_gen.gene_src_strain                    ? 
_entity_src_gen.gene_src_tissue                    ? 
_entity_src_gen.gene_src_tissue_fraction           ? 
_entity_src_gen.gene_src_details                   ? 
_entity_src_gen.pdbx_gene_src_fragment             ? 
_entity_src_gen.pdbx_gene_src_scientific_name      'Sus scrofa' 
_entity_src_gen.pdbx_gene_src_ncbi_taxonomy_id     9823 
_entity_src_gen.pdbx_gene_src_variant              ? 
_entity_src_gen.pdbx_gene_src_cell_line            ? 
_entity_src_gen.pdbx_gene_src_atcc                 ? 
_entity_src_gen.pdbx_gene_src_organ                ? 
_entity_src_gen.pdbx_gene_src_organelle            ? 
_entity_src_gen.pdbx_gene_src_cell                 ? 
_entity_src_gen.pdbx_gene_src_cellular_location    ? 
_entity_src_gen.host_org_common_name               ? 
_entity_src_gen.pdbx_host_org_scientific_name      'Escherichia coli' 
_entity_src_gen.pdbx_host_org_ncbi_taxonomy_id     562 
_entity_src_gen.host_org_genus                     Escherichia 
_entity_src_gen.pdbx_host_org_gene                 ? 
_entity_src_gen.pdbx_host_org_organ                ? 
_entity_src_gen.host_org_species                   ? 
_entity_src_gen.pdbx_host_org_tissue               ? 
_entity_src_gen.pdbx_host_org_tissue_fraction      ? 
_entity_src_gen.pdbx_host_org_strain               ? 
_entity_src_gen.pdbx_host_org_variant              ? 
_entity_src_gen.pdbx_host_org_cell_line            ? 
_entity_src_gen.pdbx_host_org_atcc                 ? 
_entity_src_gen.pdbx_host_org_culture_collection   ? 
_entity_src_gen.pdbx_host_org_cell                 ? 
_entity_src_gen.pdbx_host_org_organelle            ? 
_entity_src_gen.pdbx_host_org_cellular_location    ? 
_entity_src_gen.pdbx_host_org_vector_type          ? 
_entity_src_gen.pdbx_host_org_vector               ? 
_entity_src_gen.host_org_details                   ? 
_entity_src_gen.expression_system_id               ? 
_entity_src_gen.plasmid_name                       ? 
_entity_src_gen.plasmid_details                    ? 
_entity_src_gen.pdbx_description                   ? 
# 
loop_
_chem_comp.id 
_chem_comp.type 
_chem_comp.mon_nstd_flag 
_chem_comp.name 
_chem_comp.pdbx_synonyms 
_chem_comp.formula 
_chem_comp.formula_weight 
ALA 'L-peptide linking' y ALANINE         ? 'C3 H7 N O2'     89.093  
ARG 'L-peptide linking' y ARGININE        ? 'C6 H15 N4 O2 1' 175.209 
ASN 'L-peptide linking' y ASPARAGINE      ? 'C4 H8 N2 O3'    132.118 
ASP 'L-peptide linking' y 'ASPARTIC ACID' ? 'C4 H7 N O4'     133.103 
CA  non-polymer         . 'CALCIUM ION'   ? 'Ca 2'           40.078  
CYS 'L-peptide linking' y CYSTEINE        ? 'C3 H7 N O2 S'   121.158 
GLN 'L-peptide linking' y GLUTAMINE       ? 'C5 H10 N2 O3'   146.144 
GLU 'L-peptide linking' y 'GLUTAMIC ACID' ? 'C5 H9 N O4'     147.129 
GLY 'peptide linking'   y GLYCINE         ? 'C2 H5 N O2'     75.067  
HIS 'L-peptide linking' y HISTIDINE       ? 'C6 H10 N3 O2 1' 156.162 
HOH non-polymer         . WATER           ? 'H2 O'           18.015  
ILE 'L-peptide linking' y ISOLEUCINE      ? 'C6 H13 N O2'    131.173 
LEU 'L-peptide linking' y LEUCINE         ? 'C6 H13 N O2'    131.173 
LYS 'L-peptide linking' y LYSINE          ? 'C6 H15 N2 O2 1' 147.195 
MET 'L-peptide linking' y METHIONINE      ? 'C5 H11 N O2 S'  149.211 
PHE 'L-peptide linking' y PHENYLALANINE   ? 'C9 H11 N O2'    165.189 
PRO 'L-peptide linking' y PROLINE         ? 'C5 H9 N O2'     115.130 
SER 'L-peptide linking' y SERINE          ? 'C3 H7 N O3'     105.093 
THR 'L-peptide linking' y THREONINE       ? 'C4 H9 N O3'     119.119 
TRP 'L-peptide linking' y TRYPTOPHAN      ? 'C11 H12 N2 O2'  204.225 
TYR 'L-peptide linking' y TYROSINE        ? 'C9 H11 N O3'    181.189 
VAL 'L-peptide linking' y VALINE          ? 'C5 H11 N O2'    117.146 
# 
loop_
_pdbx_poly_seq_scheme.asym_id 
_pdbx_poly_seq_scheme.entity_id 
_pdbx_poly_seq_scheme.seq_id 
_pdbx_poly_seq_scheme.mon_id 
_pdbx_poly_seq_scheme.ndb_seq_num 
_pdbx_poly_seq_scheme.pdb_seq_num 
_pdbx_poly_seq_scheme.auth_seq_num 
_pdbx_poly_seq_scheme.pdb_mon_id 
_pdbx_poly_seq_scheme.auth_mon_id 
_pdbx_poly_seq_scheme.pdb_strand_id 
_pdbx_poly_seq_scheme.pdb_ins_code 
_pdbx_poly_seq_scheme.hetero 
A 1 1   GLU 1   94  94  GLU GLU A . n 
A 1 2   GLU 2   95  95  GLU GLU A . n 
A 1 3   VAL 3   96  96  VAL VAL A . n 
A 1 4   ARG 4   97  97  ARG ARG A . n 
A 1 5   GLN 5   98  98  GLN GLN A . n 
A 1 6   PHE 6   99  99  PHE PHE A . n 
A 1 7   ARG 7   100 100 ARG ARG A . n 
A 1 8   ARG 8   101 101 ARG ARG A . n 
A 1 9   LEU 9   102 102 LEU LEU A . n 
A 1 10  PHE 10  103 103 PHE PHE A . n 
A 1 11  ALA 11  104 104 ALA ALA A . n 
A 1 12  GLN 12  105 105 GLN GLN A . n 
A 1 13  LEU 13  106 106 LEU LEU A . n 
A 1 14  ALA 14  107 107 ALA ALA A . n 
A 1 15  GLY 15  108 108 GLY GLY A . n 
A 1 16  ASP 16  109 109 ASP ASP A . n 
A 1 17  ASP 17  110 110 ASP ASP A . n 
A 1 18  MET 18  111 111 MET MET A . n 
A 1 19  GLU 19  112 112 GLU GLU A . n 
A 1 20  VAL 20  113 113 VAL VAL A . n 
A 1 21  SER 21  114 114 SER SER A . n 
A 1 22  ALA 22  115 115 ALA ALA A . n 
A 1 23  THR 23  116 116 THR THR A . n 
A 1 24  GLU 24  117 117 GLU GLU A . n 
A 1 25  LEU 25  118 118 LEU LEU A . n 
A 1 26  MET 26  119 119 MET MET A . n 
A 1 27  ASN 27  120 120 ASN ASN A . n 
A 1 28  ILE 28  121 121 ILE ILE A . n 
A 1 29  LEU 29  122 122 LEU LEU A . n 
A 1 30  ASN 30  123 123 ASN ASN A . n 
A 1 31  LYS 31  124 124 LYS LYS A . n 
A 1 32  VAL 32  125 125 VAL VAL A . n 
A 1 33  VAL 33  126 126 VAL VAL A . n 
A 1 34  THR 34  127 127 THR THR A . n 
A 1 35  ARG 35  128 128 ARG ARG A . n 
A 1 36  HIS 36  129 129 HIS HIS A . n 
A 1 37  PRO 37  130 130 PRO PRO A . n 
A 1 38  ASP 38  131 131 ASP ASP A . n 
A 1 39  LEU 39  132 132 LEU LEU A . n 
A 1 40  LYS 40  133 133 LYS LYS A . n 
A 1 41  THR 41  134 134 THR THR A . n 
A 1 42  ASP 42  135 135 ASP ASP A . n 
A 1 43  GLY 43  136 136 GLY GLY A . n 
A 1 44  PHE 44  137 137 PHE PHE A . n 
A 1 45  GLY 45  138 138 GLY GLY A . n 
A 1 46  ILE 46  139 139 ILE ILE A . n 
A 1 47  ASP 47  140 140 ASP ASP A . n 
A 1 48  THR 48  141 141 THR THR A . n 
A 1 49  CYS 49  142 142 CYS CYS A . n 
A 1 50  ARG 50  143 143 ARG ARG A . n 
A 1 51  SER 51  144 144 SER SER A . n 
A 1 52  MET 52  145 145 MET MET A . n 
A 1 53  VAL 53  146 146 VAL VAL A . n 
A 1 54  ALA 54  147 147 ALA ALA A . n 
A 1 55  VAL 55  148 148 VAL VAL A . n 
A 1 56  MET 56  149 149 MET MET A . n 
A 1 57  ASP 57  150 150 ASP ASP A . n 
A 1 58  SER 58  151 151 SER SER A . n 
A 1 59  ASP 59  152 152 ASP ASP A . n 
A 1 60  THR 60  153 153 THR THR A . n 
A 1 61  THR 61  154 154 THR THR A . n 
A 1 62  GLY 62  155 155 GLY GLY A . n 
A 1 63  LYS 63  156 156 LYS LYS A . n 
A 1 64  LEU 64  157 157 LEU LEU A . n 
A 1 65  GLY 65  158 158 GLY GLY A . n 
A 1 66  PHE 66  159 159 PHE PHE A . n 
A 1 67  GLU 67  160 160 GLU GLU A . n 
A 1 68  GLU 68  161 161 GLU GLU A . n 
A 1 69  PHE 69  162 162 PHE PHE A . n 
A 1 70  LYS 70  163 163 LYS LYS A . n 
A 1 71  TYR 71  164 164 TYR TYR A . n 
A 1 72  LEU 72  165 165 LEU LEU A . n 
A 1 73  TRP 73  166 166 TRP TRP A . n 
A 1 74  ASN 74  167 167 ASN ASN A . n 
A 1 75  ASN 75  168 168 ASN ASN A . n 
A 1 76  ILE 76  169 169 ILE ILE A . n 
A 1 77  LYS 77  170 170 LYS LYS A . n 
A 1 78  LYS 78  171 171 LYS LYS A . n 
A 1 79  TRP 79  172 172 TRP TRP A . n 
A 1 80  GLN 80  173 173 GLN GLN A . n 
A 1 81  ALA 81  174 174 ALA ALA A . n 
A 1 82  ILE 82  175 175 ILE ILE A . n 
A 1 83  TYR 83  176 176 TYR TYR A . n 
A 1 84  LYS 84  177 177 LYS LYS A . n 
A 1 85  GLN 85  178 178 GLN GLN A . n 
A 1 86  PHE 86  179 179 PHE PHE A . n 
A 1 87  ASP 87  180 180 ASP ASP A . n 
A 1 88  VAL 88  181 181 VAL VAL A . n 
A 1 89  ASP 89  182 182 ASP ASP A . n 
A 1 90  ARG 90  183 183 ARG ARG A . n 
A 1 91  SER 91  184 184 SER SER A . n 
A 1 92  GLY 92  185 185 GLY GLY A . n 
A 1 93  THR 93  186 186 THR THR A . n 
A 1 94  ILE 94  187 187 ILE ILE A . n 
A 1 95  GLY 95  188 188 GLY GLY A . n 
A 1 96  SER 96  189 189 SER SER A . n 
A 1 97  SER 97  190 190 SER SER A . n 
A 1 98  GLU 98  191 191 GLU GLU A . n 
A 1 99  LEU 99  192 192 LEU LEU A . n 
A 1 100 PRO 100 193 193 PRO PRO A . n 
A 1 101 GLY 101 194 194 GLY GLY A . n 
A 1 102 ALA 102 195 195 ALA ALA A . n 
A 1 103 PHE 103 196 196 PHE PHE A . n 
A 1 104 GLU 104 197 197 GLU GLU A . n 
A 1 105 ALA 105 198 198 ALA ALA A . n 
A 1 106 ALA 106 199 199 ALA ALA A . n 
A 1 107 GLY 107 200 200 GLY GLY A . n 
A 1 108 PHE 108 201 201 PHE PHE A . n 
A 1 109 HIS 109 202 202 HIS HIS A . n 
A 1 110 LEU 110 203 203 LEU LEU A . n 
A 1 111 ASN 111 204 204 ASN ASN A . n 
A 1 112 GLU 112 205 205 GLU GLU A . n 
A 1 113 HIS 113 206 206 HIS HIS A . n 
A 1 114 LEU 114 207 207 LEU LEU A . n 
A 1 115 TYR 115 208 208 TYR TYR A . n 
A 1 116 SER 116 209 209 SER SER A . n 
A 1 117 MET 117 210 210 MET MET A . n 
A 1 118 ILE 118 211 211 ILE ILE A . n 
A 1 119 ILE 119 212 212 ILE ILE A . n 
A 1 120 ARG 120 213 213 ARG ARG A . n 
A 1 121 ARG 121 214 214 ARG ARG A . n 
A 1 122 TYR 122 215 215 TYR TYR A . n 
A 1 123 SER 123 216 216 SER SER A . n 
A 1 124 ASP 124 217 217 ASP ASP A . n 
A 1 125 GLU 125 218 218 GLU GLU A . n 
A 1 126 GLY 126 219 219 GLY GLY A . n 
A 1 127 GLY 127 220 220 GLY GLY A . n 
A 1 128 ASN 128 221 221 ASN ASN A . n 
A 1 129 MET 129 222 222 MET MET A . n 
A 1 130 ASP 130 223 223 ASP ASP A . n 
A 1 131 PHE 131 224 224 PHE PHE A . n 
A 1 132 ASP 132 225 225 ASP ASP A . n 
A 1 133 ASN 133 226 226 ASN ASN A . n 
A 1 134 PHE 134 227 227 PHE PHE A . n 
A 1 135 ILE 135 228 228 ILE ILE A . n 
A 1 136 SER 136 229 229 SER SER A . n 
A 1 137 CYS 137 230 230 CYS CYS A . n 
A 1 138 LEU 138 231 231 LEU LEU A . n 
A 1 139 VAL 139 232 232 VAL VAL A . n 
A 1 140 ARG 140 233 233 ARG ARG A . n 
A 1 141 LEU 141 234 234 LEU LEU A . n 
A 1 142 ASP 142 235 235 ASP ASP A . n 
A 1 143 ALA 143 236 236 ALA ALA A . n 
A 1 144 MET 144 237 237 MET MET A . n 
A 1 145 PHE 145 238 238 PHE PHE A . n 
A 1 146 ARG 146 239 239 ARG ARG A . n 
A 1 147 ALA 147 240 240 ALA ALA A . n 
A 1 148 PHE 148 241 241 PHE PHE A . n 
A 1 149 LYS 149 242 242 LYS LYS A . n 
A 1 150 SER 150 243 243 SER SER A . n 
A 1 151 LEU 151 244 244 LEU LEU A . n 
A 1 152 ASP 152 245 245 ASP ASP A . n 
A 1 153 LYS 153 246 246 LYS LYS A . n 
A 1 154 ASP 154 247 247 ASP ASP A . n 
A 1 155 GLY 155 248 248 GLY GLY A . n 
A 1 156 THR 156 249 249 THR THR A . n 
A 1 157 GLY 157 250 250 GLY GLY A . n 
A 1 158 GLN 158 251 251 GLN GLN A . n 
A 1 159 ILE 159 252 252 ILE ILE A . n 
A 1 160 GLN 160 253 253 GLN GLN A . n 
A 1 161 VAL 161 254 254 VAL VAL A . n 
A 1 162 ASN 162 255 255 ASN ASN A . n 
A 1 163 ILE 163 256 256 ILE ILE A . n 
A 1 164 GLN 164 257 257 GLN GLN A . n 
A 1 165 GLU 165 258 258 GLU GLU A . n 
A 1 166 TRP 166 259 259 TRP TRP A . n 
A 1 167 LEU 167 260 260 LEU LEU A . n 
A 1 168 GLN 168 261 261 GLN GLN A . n 
A 1 169 LEU 169 262 262 LEU LEU A . n 
A 1 170 THR 170 263 263 THR THR A . n 
A 1 171 MET 171 264 264 MET MET A . n 
A 1 172 TYR 172 265 265 TYR TYR A . n 
A 1 173 SER 173 266 266 SER SER A . n 
# 
loop_
_pdbx_nonpoly_scheme.asym_id 
_pdbx_nonpoly_scheme.entity_id 
_pdbx_nonpoly_scheme.mon_id 
_pdbx_nonpoly_scheme.ndb_seq_num 
_pdbx_nonpoly_scheme.pdb_seq_num 
_pdbx_nonpoly_scheme.auth_seq_num 
_pdbx_nonpoly_scheme.pdb_mon_id 
_pdbx_nonpoly_scheme.auth_mon_id 
_pdbx_nonpoly_scheme.pdb_strand_id 
_pdbx_nonpoly_scheme.pdb_ins_code 
B 2 CA  1  1   1  CA  CA2 A . 
C 2 CA  1  2   2  CA  CA2 A . 
D 2 CA  1  3   3  CA  CA2 A . 
E 2 CA  1  4   4  CA  CA2 A . 
F 3 HOH 1  267 1  HOH TIP A . 
F 3 HOH 2  268 2  HOH TIP A . 
F 3 HOH 3  269 3  HOH TIP A . 
F 3 HOH 4  270 4  HOH TIP A . 
F 3 HOH 5  271 5  HOH TIP A . 
F 3 HOH 6  272 6  HOH TIP A . 
F 3 HOH 7  273 7  HOH TIP A . 
F 3 HOH 8  274 8  HOH TIP A . 
F 3 HOH 9  275 9  HOH TIP A . 
F 3 HOH 10 276 10 HOH TIP A . 
F 3 HOH 11 277 11 HOH TIP A . 
F 3 HOH 12 278 12 HOH TIP A . 
F 3 HOH 13 279 13 HOH TIP A . 
F 3 HOH 14 280 14 HOH TIP A . 
F 3 HOH 15 281 15 HOH TIP A . 
F 3 HOH 16 282 16 HOH TIP A . 
F 3 HOH 17 283 17 HOH TIP A . 
F 3 HOH 18 284 18 HOH TIP A . 
F 3 HOH 19 285 19 HOH TIP A . 
F 3 HOH 20 286 20 HOH TIP A . 
F 3 HOH 21 287 21 HOH TIP A . 
F 3 HOH 22 288 22 HOH TIP A . 
F 3 HOH 23 289 23 HOH TIP A . 
F 3 HOH 24 290 24 HOH TIP A . 
F 3 HOH 25 291 25 HOH TIP A . 
F 3 HOH 26 292 26 HOH TIP A . 
F 3 HOH 27 293 27 HOH TIP A . 
F 3 HOH 28 294 28 HOH TIP A . 
F 3 HOH 29 295 29 HOH TIP A . 
F 3 HOH 30 296 30 HOH TIP A . 
F 3 HOH 31 297 31 HOH TIP A . 
F 3 HOH 32 298 32 HOH TIP A . 
F 3 HOH 33 299 33 HOH TIP A . 
F 3 HOH 34 300 34 HOH TIP A . 
F 3 HOH 35 301 35 HOH TIP A . 
F 3 HOH 36 302 36 HOH TIP A . 
F 3 HOH 37 303 37 HOH TIP A . 
F 3 HOH 38 304 38 HOH TIP A . 
F 3 HOH 39 305 39 HOH TIP A . 
F 3 HOH 40 306 40 HOH TIP A . 
F 3 HOH 41 307 41 HOH TIP A . 
F 3 HOH 42 308 42 HOH TIP A . 
F 3 HOH 43 309 43 HOH TIP A . 
F 3 HOH 44 310 44 HOH TIP A . 
F 3 HOH 45 311 45 HOH TIP A . 
F 3 HOH 46 312 46 HOH TIP A . 
F 3 HOH 47 313 47 HOH TIP A . 
F 3 HOH 48 314 48 HOH TIP A . 
F 3 HOH 49 315 49 HOH TIP A . 
F 3 HOH 50 316 50 HOH TIP A . 
F 3 HOH 51 317 51 HOH TIP A . 
F 3 HOH 52 318 52 HOH TIP A . 
F 3 HOH 53 319 53 HOH TIP A . 
F 3 HOH 54 320 54 HOH TIP A . 
F 3 HOH 55 321 55 HOH TIP A . 
F 3 HOH 56 322 56 HOH TIP A . 
F 3 HOH 57 323 57 HOH TIP A . 
F 3 HOH 58 324 58 HOH TIP A . 
F 3 HOH 59 325 59 HOH TIP A . 
F 3 HOH 60 326 60 HOH TIP A . 
F 3 HOH 61 327 61 HOH TIP A . 
F 3 HOH 62 328 62 HOH TIP A . 
F 3 HOH 63 329 63 HOH TIP A . 
F 3 HOH 64 330 64 HOH TIP A . 
F 3 HOH 65 331 65 HOH TIP A . 
F 3 HOH 66 332 66 HOH TIP A . 
F 3 HOH 67 333 67 HOH TIP A . 
F 3 HOH 68 334 68 HOH TIP A . 
F 3 HOH 69 335 69 HOH TIP A . 
F 3 HOH 70 336 70 HOH TIP A . 
F 3 HOH 71 337 71 HOH TIP A . 
F 3 HOH 72 338 72 HOH TIP A . 
F 3 HOH 73 339 73 HOH TIP A . 
F 3 HOH 74 340 74 HOH TIP A . 
F 3 HOH 75 341 75 HOH TIP A . 
F 3 HOH 76 342 76 HOH TIP A . 
F 3 HOH 77 343 77 HOH TIP A . 
F 3 HOH 78 344 78 HOH TIP A . 
F 3 HOH 79 345 79 HOH TIP A . 
F 3 HOH 80 346 80 HOH TIP A . 
F 3 HOH 81 347 81 HOH TIP A . 
F 3 HOH 82 348 82 HOH TIP A . 
F 3 HOH 83 349 83 HOH TIP A . 
F 3 HOH 84 350 84 HOH TIP A . 
F 3 HOH 85 351 85 HOH TIP A . 
F 3 HOH 86 352 86 HOH TIP A . 
# 
loop_
_software.name 
_software.classification 
_software.version 
_software.citation_id 
_software.pdbx_ordinal 
DENZO     'data reduction' . ? 1 
SCALEPACK 'data scaling'   . ? 2 
AMoRE     phasing          . ? 3 
CNS       refinement       . ? 4 
# 
_cell.entry_id           1NX2 
_cell.length_a           78.673 
_cell.length_b           78.673 
_cell.length_c           77.776 
_cell.angle_alpha        90.00 
_cell.angle_beta         90.00 
_cell.angle_gamma        120.00 
_cell.Z_PDB              6 
_cell.pdbx_unique_axis   ? 
_cell.length_a_esd       ? 
_cell.length_b_esd       ? 
_cell.length_c_esd       ? 
_cell.angle_alpha_esd    ? 
_cell.angle_beta_esd     ? 
_cell.angle_gamma_esd    ? 
# 
_symmetry.entry_id                         1NX2 
_symmetry.space_group_name_H-M             'P 31 2 1' 
_symmetry.pdbx_full_space_group_name_H-M   ? 
_symmetry.cell_setting                     ? 
_symmetry.Int_Tables_number                152 
_symmetry.space_group_name_Hall            ? 
# 
_exptl.entry_id          1NX2 
_exptl.method            'X-RAY DIFFRACTION' 
_exptl.crystals_number   1 
# 
_exptl_crystal.id                    1 
_exptl_crystal.density_meas          ? 
_exptl_crystal.density_Matthews      4.22 
_exptl_crystal.density_percent_sol   64.80 
_exptl_crystal.description           ? 
_exptl_crystal.F_000                 ? 
_exptl_crystal.preparation           ? 
# 
_exptl_crystal_grow.crystal_id      1 
_exptl_crystal_grow.method          'VAPOR DIFFUSION, HANGING DROP' 
_exptl_crystal_grow.temp            ? 
_exptl_crystal_grow.temp_details    ? 
_exptl_crystal_grow.pH              ? 
_exptl_crystal_grow.pdbx_details    'PEG 6000, BME, EDTA, CaCl2, VAPOR DIFFUSION, HANGING DROP' 
_exptl_crystal_grow.pdbx_pH_range   . 
# 
_diffrn.id                     1 
_diffrn.ambient_temp           103 
_diffrn.ambient_temp_details   ? 
_diffrn.crystal_id             1 
# 
_diffrn_detector.diffrn_id              1 
_diffrn_detector.detector               'IMAGE PLATE' 
_diffrn_detector.type                   'RIGAKU RAXIS IV' 
_diffrn_detector.pdbx_collection_date   ? 
_diffrn_detector.details                ? 
# 
_diffrn_radiation.diffrn_id                        1 
_diffrn_radiation.wavelength_id                    1 
_diffrn_radiation.pdbx_monochromatic_or_laue_m_l   M 
_diffrn_radiation.monochromator                    ? 
_diffrn_radiation.pdbx_diffrn_protocol             'SINGLE WAVELENGTH' 
_diffrn_radiation.pdbx_scattering_type             x-ray 
# 
_diffrn_radiation_wavelength.id           1 
_diffrn_radiation_wavelength.wavelength   1.54 
_diffrn_radiation_wavelength.wt           1.0 
# 
_diffrn_source.diffrn_id                   1 
_diffrn_source.source                      'ROTATING ANODE' 
_diffrn_source.type                        'RIGAKU RUH3R' 
_diffrn_source.pdbx_synchrotron_site       ? 
_diffrn_source.pdbx_synchrotron_beamline   ? 
_diffrn_source.pdbx_wavelength             ? 
_diffrn_source.pdbx_wavelength_list        1.54 
# 
_reflns.entry_id                     1NX2 
_reflns.number_all                   14531 
_reflns.number_obs                   14531 
_reflns.percent_possible_obs         99.8 
_reflns.observed_criterion_sigma_F   ? 
_reflns.observed_criterion_sigma_I   0 
_reflns.d_resolution_high            2.2 
_reflns.d_resolution_low             100 
_reflns.pdbx_Rmerge_I_obs            0.047 
_reflns.pdbx_Rsym_value              ? 
_reflns.pdbx_netI_over_sigmaI        22.9 
_reflns.B_iso_Wilson_estimate        ? 
_reflns.pdbx_redundancy              ? 
_reflns.R_free_details               ? 
_reflns.limit_h_max                  ? 
_reflns.limit_h_min                  ? 
_reflns.limit_k_max                  ? 
_reflns.limit_k_min                  ? 
_reflns.limit_l_max                  ? 
_reflns.limit_l_min                  ? 
_reflns.observed_criterion_F_max     ? 
_reflns.observed_criterion_F_min     ? 
_reflns.pdbx_ordinal                 1 
_reflns.pdbx_diffrn_id               1 
_reflns.pdbx_chi_squared             ? 
_reflns.pdbx_scaling_rejects         ? 
# 
_refine.entry_id                                 1NX2 
_refine.ls_d_res_high                            2.2 
_refine.ls_d_res_low                             100 
_refine.pdbx_ls_sigma_F                          3 
_refine.pdbx_ls_sigma_I                          ? 
_refine.ls_number_reflns_all                     14531 
_refine.ls_number_reflns_obs                     14531 
_refine.ls_number_reflns_R_free                  1453 
_refine.ls_percent_reflns_obs                    ? 
_refine.ls_R_factor_all                          ? 
_refine.ls_R_factor_obs                          0.221 
_refine.ls_R_factor_R_work                       0.221 
_refine.ls_R_factor_R_free                       0.264 
_refine.ls_redundancy_reflns_obs                 ? 
_refine.pdbx_data_cutoff_high_absF               ? 
_refine.pdbx_data_cutoff_low_absF                ? 
_refine.ls_number_parameters                     ? 
_refine.ls_number_restraints                     ? 
_refine.ls_percent_reflns_R_free                 10 
_refine.ls_R_factor_R_free_error                 ? 
_refine.ls_R_factor_R_free_error_details         ? 
_refine.pdbx_method_to_determine_struct          'MOLECULAR REPLACEMENT' 
_refine.pdbx_starting_model                      ? 
_refine.pdbx_ls_cross_valid_method               ? 
_refine.pdbx_R_Free_selection_details            random 
_refine.pdbx_stereochem_target_val_spec_case     ? 
_refine.pdbx_stereochemistry_target_values       'Engh & Huber' 
_refine.solvent_model_details                    ? 
_refine.solvent_model_param_bsol                 ? 
_refine.solvent_model_param_ksol                 ? 
_refine.occupancy_max                            ? 
_refine.occupancy_min                            ? 
_refine.pdbx_isotropic_thermal_model             ? 
_refine.B_iso_mean                               ? 
_refine.aniso_B[1][1]                            ? 
_refine.aniso_B[1][2]                            ? 
_refine.aniso_B[1][3]                            ? 
_refine.aniso_B[2][2]                            ? 
_refine.aniso_B[2][3]                            ? 
_refine.aniso_B[3][3]                            ? 
_refine.details                                  ? 
_refine.B_iso_min                                ? 
_refine.B_iso_max                                ? 
_refine.correlation_coeff_Fo_to_Fc               ? 
_refine.correlation_coeff_Fo_to_Fc_free          ? 
_refine.pdbx_solvent_vdw_probe_radii             ? 
_refine.pdbx_solvent_ion_probe_radii             ? 
_refine.pdbx_solvent_shrinkage_radii             ? 
_refine.overall_SU_R_Cruickshank_DPI             ? 
_refine.overall_SU_R_free                        ? 
_refine.overall_SU_B                             ? 
_refine.overall_SU_ML                            ? 
_refine.pdbx_overall_ESU_R                       ? 
_refine.pdbx_overall_ESU_R_Free                  ? 
_refine.pdbx_data_cutoff_high_rms_absF           ? 
_refine.pdbx_refine_id                           'X-RAY DIFFRACTION' 
_refine.pdbx_diffrn_id                           1 
_refine.pdbx_overall_phase_error                 ? 
_refine.ls_wR_factor_R_free                      ? 
_refine.ls_wR_factor_R_work                      ? 
_refine.overall_FOM_free_R_set                   ? 
_refine.overall_FOM_work_R_set                   ? 
_refine.pdbx_TLS_residual_ADP_flag               ? 
_refine.pdbx_overall_SU_R_free_Cruickshank_DPI   ? 
_refine.pdbx_overall_SU_R_Blow_DPI               ? 
_refine.pdbx_overall_SU_R_free_Blow_DPI          ? 
# 
_refine_hist.pdbx_refine_id                   'X-RAY DIFFRACTION' 
_refine_hist.cycle_id                         LAST 
_refine_hist.pdbx_number_atoms_protein        1395 
_refine_hist.pdbx_number_atoms_nucleic_acid   0 
_refine_hist.pdbx_number_atoms_ligand         4 
_refine_hist.number_atoms_solvent             86 
_refine_hist.number_atoms_total               1485 
_refine_hist.d_res_high                       2.2 
_refine_hist.d_res_low                        100 
# 
_struct.entry_id                  1NX2 
_struct.title                     'Calpain Domain VI' 
_struct.pdbx_model_details        ? 
_struct.pdbx_CASP_flag            ? 
_struct.pdbx_model_type_details   ? 
# 
_struct_keywords.entry_id        1NX2 
_struct_keywords.pdbx_keywords   HYDROLASE 
_struct_keywords.text            'HYDROLASE, CALCIUM BINDING' 
# 
loop_
_struct_asym.id 
_struct_asym.pdbx_blank_PDB_chainid_flag 
_struct_asym.pdbx_modified 
_struct_asym.entity_id 
_struct_asym.details 
A N N 1 ? 
B N N 2 ? 
C N N 2 ? 
D N N 2 ? 
E N N 2 ? 
F N N 3 ? 
# 
_struct_ref.id                         1 
_struct_ref.db_name                    UNP 
_struct_ref.db_code                    CPNS1_PIG 
_struct_ref.pdbx_db_accession          P04574 
_struct_ref.entity_id                  1 
_struct_ref.pdbx_seq_one_letter_code   
;EEVRQFRRLFAQLAGDDMEVSATELMNILNKVVTRHPDLKTDGFGIDTCRSMVAVMDSDTTGKLGFEEFKYLWNNIKKWQ
AIYKQFDVDRSGTIGSSELPGAFEAAGFHLNEHLYSMIIRRYSDEGGNMDFDNFISCLVRLDAMFRAFKSLDKDGTGQIQ
VNIQEWLQLTMYS
;
_struct_ref.pdbx_align_begin           94 
_struct_ref.pdbx_db_isoform            ? 
# 
_struct_ref_seq.align_id                      1 
_struct_ref_seq.ref_id                        1 
_struct_ref_seq.pdbx_PDB_id_code              1NX2 
_struct_ref_seq.pdbx_strand_id                A 
_struct_ref_seq.seq_align_beg                 1 
_struct_ref_seq.pdbx_seq_align_beg_ins_code   ? 
_struct_ref_seq.seq_align_end                 173 
_struct_ref_seq.pdbx_seq_align_end_ins_code   ? 
_struct_ref_seq.pdbx_db_accession             P04574 
_struct_ref_seq.db_align_beg                  94 
_struct_ref_seq.pdbx_db_align_beg_ins_code    ? 
_struct_ref_seq.db_align_end                  266 
_struct_ref_seq.pdbx_db_align_end_ins_code    ? 
_struct_ref_seq.pdbx_auth_seq_align_beg       94 
_struct_ref_seq.pdbx_auth_seq_align_end       266 
# 
_pdbx_struct_assembly.id                   1 
_pdbx_struct_assembly.details              author_and_software_defined_assembly 
_pdbx_struct_assembly.method_details       PISA,PQS 
_pdbx_struct_assembly.oligomeric_details   dimeric 
_pdbx_struct_assembly.oligomeric_count     2 
# 
loop_
_pdbx_struct_assembly_prop.biol_id 
_pdbx_struct_assembly_prop.type 
_pdbx_struct_assembly_prop.value 
_pdbx_struct_assembly_prop.details 
1 'ABSA (A^2)' 4770  ? 
1 MORE         -92   ? 
1 'SSA (A^2)'  16320 ? 
# 
_pdbx_struct_assembly_gen.assembly_id       1 
_pdbx_struct_assembly_gen.oper_expression   1,2 
_pdbx_struct_assembly_gen.asym_id_list      A,B,C,D,E,F 
# 
loop_
_pdbx_struct_oper_list.id 
_pdbx_struct_oper_list.type 
_pdbx_struct_oper_list.name 
_pdbx_struct_oper_list.symmetry_operation 
_pdbx_struct_oper_list.matrix[1][1] 
_pdbx_struct_oper_list.matrix[1][2] 
_pdbx_struct_oper_list.matrix[1][3] 
_pdbx_struct_oper_list.vector[1] 
_pdbx_struct_oper_list.matrix[2][1] 
_pdbx_struct_oper_list.matrix[2][2] 
_pdbx_struct_oper_list.matrix[2][3] 
_pdbx_struct_oper_list.vector[2] 
_pdbx_struct_oper_list.matrix[3][1] 
_pdbx_struct_oper_list.matrix[3][2] 
_pdbx_struct_oper_list.matrix[3][3] 
_pdbx_struct_oper_list.vector[3] 
1 'identity operation'         1_555 x,y,z          1.0000000000  0.0000000000  0.0000000000 0.0000000000 0.0000000000  1.0000000000  0.0000000000  0.0000000000   0.0000000000 0.0000000000  1.0000000000 0.0000000000   
2 'crystal symmetry operation' 6_555 -x,-x+y,-z+1/3 -0.6177049983 -0.4695339206 0.6308553182 8.3675178645 -0.4695339206 -0.4233194220 -0.7748151808 -14.2530696227 0.6308553182 -0.7748151808 0.0410244203 -15.6789673177 
# 
_struct_biol.id                    1 
_struct_biol.pdbx_parent_biol_id   ? 
_struct_biol.details               ? 
# 
loop_
_struct_conf.conf_type_id 
_struct_conf.id 
_struct_conf.pdbx_PDB_helix_id 
_struct_conf.beg_label_comp_id 
_struct_conf.beg_label_asym_id 
_struct_conf.beg_label_seq_id 
_struct_conf.pdbx_beg_PDB_ins_code 
_struct_conf.end_label_comp_id 
_struct_conf.end_label_asym_id 
_struct_conf.end_label_seq_id 
_struct_conf.pdbx_end_PDB_ins_code 
_struct_conf.beg_auth_comp_id 
_struct_conf.beg_auth_asym_id 
_struct_conf.beg_auth_seq_id 
_struct_conf.end_auth_comp_id 
_struct_conf.end_auth_asym_id 
_struct_conf.end_auth_seq_id 
_struct_conf.pdbx_PDB_helix_class 
_struct_conf.details 
_struct_conf.pdbx_PDB_helix_length 
HELX_P HELX_P1 1 GLU A 1   ? GLY A 15  ? GLU A 94  GLY A 108 1 ? 15 
HELX_P HELX_P2 2 ASP A 16  ? MET A 18  ? ASP A 109 MET A 111 5 ? 3  
HELX_P HELX_P3 3 SER A 21  ? THR A 34  ? SER A 114 THR A 127 1 ? 14 
HELX_P HELX_P4 4 GLY A 45  ? ASP A 57  ? GLY A 138 ASP A 150 1 ? 13 
HELX_P HELX_P5 5 GLY A 65  ? ASP A 87  ? GLY A 158 ASP A 180 1 ? 23 
HELX_P HELX_P6 6 GLU A 98  ? ALA A 106 ? GLU A 191 ALA A 199 1 ? 9  
HELX_P HELX_P7 7 ASN A 111 ? SER A 123 ? ASN A 204 SER A 216 1 ? 13 
HELX_P HELX_P8 8 ASP A 130 ? ASP A 152 ? ASP A 223 ASP A 245 1 ? 23 
HELX_P HELX_P9 9 ASN A 162 ? TYR A 172 ? ASN A 255 TYR A 265 1 ? 11 
# 
_struct_conf_type.id          HELX_P 
_struct_conf_type.criteria    ? 
_struct_conf_type.reference   ? 
# 
loop_
_struct_conn.id 
_struct_conn.conn_type_id 
_struct_conn.pdbx_leaving_atom_flag 
_struct_conn.pdbx_PDB_id 
_struct_conn.ptnr1_label_asym_id 
_struct_conn.ptnr1_label_comp_id 
_struct_conn.ptnr1_label_seq_id 
_struct_conn.ptnr1_label_atom_id 
_struct_conn.pdbx_ptnr1_label_alt_id 
_struct_conn.pdbx_ptnr1_PDB_ins_code 
_struct_conn.pdbx_ptnr1_standard_comp_id 
_struct_conn.ptnr1_symmetry 
_struct_conn.ptnr2_label_asym_id 
_struct_conn.ptnr2_label_comp_id 
_struct_conn.ptnr2_label_seq_id 
_struct_conn.ptnr2_label_atom_id 
_struct_conn.pdbx_ptnr2_label_alt_id 
_struct_conn.pdbx_ptnr2_PDB_ins_code 
_struct_conn.ptnr1_auth_asym_id 
_struct_conn.ptnr1_auth_comp_id 
_struct_conn.ptnr1_auth_seq_id 
_struct_conn.ptnr2_auth_asym_id 
_struct_conn.ptnr2_auth_comp_id 
_struct_conn.ptnr2_auth_seq_id 
_struct_conn.ptnr2_symmetry 
_struct_conn.pdbx_ptnr3_label_atom_id 
_struct_conn.pdbx_ptnr3_label_seq_id 
_struct_conn.pdbx_ptnr3_label_comp_id 
_struct_conn.pdbx_ptnr3_label_asym_id 
_struct_conn.pdbx_ptnr3_label_alt_id 
_struct_conn.pdbx_ptnr3_PDB_ins_code 
_struct_conn.details 
_struct_conn.pdbx_dist_value 
_struct_conn.pdbx_value_order 
_struct_conn.pdbx_role 
metalc1  metalc ? ? B CA . CA ? ? ? 1_555 A ASP 42  OD1 ? ? A CA 1 A ASP 135 1_555 ? ? ? ? ? ? ? 2.275 ? ? 
metalc2  metalc ? ? B CA . CA ? ? ? 1_555 A ASP 130 OD1 ? ? A CA 1 A ASP 223 1_555 ? ? ? ? ? ? ? 2.701 ? ? 
metalc3  metalc ? ? B CA . CA ? ? ? 1_555 A ASP 130 OD2 ? ? A CA 1 A ASP 223 1_555 ? ? ? ? ? ? ? 2.196 ? ? 
metalc4  metalc ? ? B CA . CA ? ? ? 1_555 A ASP 132 OD1 ? ? A CA 1 A ASP 225 1_555 ? ? ? ? ? ? ? 2.424 ? ? 
metalc5  metalc ? ? B CA . CA ? ? ? 1_555 A ASP 132 OD2 ? ? A CA 1 A ASP 225 1_555 ? ? ? ? ? ? ? 2.476 ? ? 
metalc6  metalc ? ? B CA . CA ? ? ? 1_555 A ASN 133 ND2 ? ? A CA 1 A ASN 226 1_555 ? ? ? ? ? ? ? 2.458 ? ? 
metalc7  metalc ? ? C CA . CA ? ? ? 1_555 A ASP 57  OD1 ? ? A CA 2 A ASP 150 1_555 ? ? ? ? ? ? ? 2.254 ? ? 
metalc8  metalc ? ? C CA . CA ? ? ? 1_555 A ASP 59  OD1 ? ? A CA 2 A ASP 152 1_555 ? ? ? ? ? ? ? 2.204 ? ? 
metalc9  metalc ? ? C CA . CA ? ? ? 1_555 A THR 61  OG1 ? ? A CA 2 A THR 154 1_555 ? ? ? ? ? ? ? 2.406 ? ? 
metalc10 metalc ? ? C CA . CA ? ? ? 1_555 A LYS 63  O   ? ? A CA 2 A LYS 156 1_555 ? ? ? ? ? ? ? 2.331 ? ? 
metalc11 metalc ? ? C CA . CA ? ? ? 1_555 A GLU 68  OE2 ? ? A CA 2 A GLU 161 1_555 ? ? ? ? ? ? ? 2.703 ? ? 
metalc12 metalc ? ? C CA . CA ? ? ? 1_555 A GLU 68  OE1 ? ? A CA 2 A GLU 161 1_555 ? ? ? ? ? ? ? 2.360 ? ? 
metalc13 metalc ? ? C CA . CA ? ? ? 1_555 F HOH .   O   ? ? A CA 2 A HOH 273 1_555 ? ? ? ? ? ? ? 2.436 ? ? 
metalc14 metalc ? ? D CA . CA ? ? ? 1_555 A ALA 14  O   ? ? A CA 3 A ALA 107 1_555 ? ? ? ? ? ? ? 2.235 ? ? 
metalc15 metalc ? ? D CA . CA ? ? ? 1_555 A ASP 17  OD2 ? ? A CA 3 A ASP 110 1_555 ? ? ? ? ? ? ? 2.446 ? ? 
metalc16 metalc ? ? D CA . CA ? ? ? 1_555 A GLU 19  O   ? ? A CA 3 A GLU 112 1_555 ? ? ? ? ? ? ? 2.462 ? ? 
metalc17 metalc ? ? D CA . CA ? ? ? 1_555 A GLU 24  OE1 ? ? A CA 3 A GLU 117 1_555 ? ? ? ? ? ? ? 2.405 ? ? 
metalc18 metalc ? ? D CA . CA ? ? ? 1_555 A GLU 24  OE2 ? ? A CA 3 A GLU 117 1_555 ? ? ? ? ? ? ? 2.520 ? ? 
metalc19 metalc ? ? D CA . CA ? ? ? 1_555 F HOH .   O   ? ? A CA 3 A HOH 267 1_555 ? ? ? ? ? ? ? 2.424 ? ? 
metalc20 metalc ? ? E CA . CA ? ? ? 1_555 A ASP 87  OD1 ? ? A CA 4 A ASP 180 1_555 ? ? ? ? ? ? ? 2.331 ? ? 
metalc21 metalc ? ? E CA . CA ? ? ? 1_555 A ASP 89  OD1 ? ? A CA 4 A ASP 182 1_555 ? ? ? ? ? ? ? 2.255 ? ? 
metalc22 metalc ? ? E CA . CA ? ? ? 1_555 A SER 91  OG  ? ? A CA 4 A SER 184 1_555 ? ? ? ? ? ? ? 2.524 ? ? 
metalc23 metalc ? ? E CA . CA ? ? ? 1_555 A THR 93  O   ? ? A CA 4 A THR 186 1_555 ? ? ? ? ? ? ? 2.499 ? ? 
metalc24 metalc ? ? E CA . CA ? ? ? 1_555 A GLU 98  OE1 ? ? A CA 4 A GLU 191 1_555 ? ? ? ? ? ? ? 2.403 ? ? 
metalc25 metalc ? ? E CA . CA ? ? ? 1_555 A GLU 98  OE2 ? ? A CA 4 A GLU 191 1_555 ? ? ? ? ? ? ? 2.553 ? ? 
# 
_struct_conn_type.id          metalc 
_struct_conn_type.criteria    ? 
_struct_conn_type.reference   ? 
# 
loop_
_pdbx_struct_conn_angle.id 
_pdbx_struct_conn_angle.ptnr1_label_atom_id 
_pdbx_struct_conn_angle.ptnr1_label_alt_id 
_pdbx_struct_conn_angle.ptnr1_label_asym_id 
_pdbx_struct_conn_angle.ptnr1_label_comp_id 
_pdbx_struct_conn_angle.ptnr1_label_seq_id 
_pdbx_struct_conn_angle.ptnr1_auth_atom_id 
_pdbx_struct_conn_angle.ptnr1_auth_asym_id 
_pdbx_struct_conn_angle.ptnr1_auth_comp_id 
_pdbx_struct_conn_angle.ptnr1_auth_seq_id 
_pdbx_struct_conn_angle.ptnr1_PDB_ins_code 
_pdbx_struct_conn_angle.ptnr1_symmetry 
_pdbx_struct_conn_angle.ptnr2_label_atom_id 
_pdbx_struct_conn_angle.ptnr2_label_alt_id 
_pdbx_struct_conn_angle.ptnr2_label_asym_id 
_pdbx_struct_conn_angle.ptnr2_label_comp_id 
_pdbx_struct_conn_angle.ptnr2_label_seq_id 
_pdbx_struct_conn_angle.ptnr2_auth_atom_id 
_pdbx_struct_conn_angle.ptnr2_auth_asym_id 
_pdbx_struct_conn_angle.ptnr2_auth_comp_id 
_pdbx_struct_conn_angle.ptnr2_auth_seq_id 
_pdbx_struct_conn_angle.ptnr2_PDB_ins_code 
_pdbx_struct_conn_angle.ptnr2_symmetry 
_pdbx_struct_conn_angle.ptnr3_label_atom_id 
_pdbx_struct_conn_angle.ptnr3_label_alt_id 
_pdbx_struct_conn_angle.ptnr3_label_asym_id 
_pdbx_struct_conn_angle.ptnr3_label_comp_id 
_pdbx_struct_conn_angle.ptnr3_label_seq_id 
_pdbx_struct_conn_angle.ptnr3_auth_atom_id 
_pdbx_struct_conn_angle.ptnr3_auth_asym_id 
_pdbx_struct_conn_angle.ptnr3_auth_comp_id 
_pdbx_struct_conn_angle.ptnr3_auth_seq_id 
_pdbx_struct_conn_angle.ptnr3_PDB_ins_code 
_pdbx_struct_conn_angle.ptnr3_symmetry 
_pdbx_struct_conn_angle.value 
_pdbx_struct_conn_angle.value_esd 
1  OD1 ? A ASP 42  ? A ASP 135 ? 1_555 CA ? B CA . ? A CA 1 ? 1_555 OD1 ? A ASP 130 ? A ASP 223 ? 1_555 125.1 ? 
2  OD1 ? A ASP 42  ? A ASP 135 ? 1_555 CA ? B CA . ? A CA 1 ? 1_555 OD2 ? A ASP 130 ? A ASP 223 ? 1_555 76.5  ? 
3  OD1 ? A ASP 130 ? A ASP 223 ? 1_555 CA ? B CA . ? A CA 1 ? 1_555 OD2 ? A ASP 130 ? A ASP 223 ? 1_555 51.9  ? 
4  OD1 ? A ASP 42  ? A ASP 135 ? 1_555 CA ? B CA . ? A CA 1 ? 1_555 OD1 ? A ASP 132 ? A ASP 225 ? 1_555 77.5  ? 
5  OD1 ? A ASP 130 ? A ASP 223 ? 1_555 CA ? B CA . ? A CA 1 ? 1_555 OD1 ? A ASP 132 ? A ASP 225 ? 1_555 71.7  ? 
6  OD2 ? A ASP 130 ? A ASP 223 ? 1_555 CA ? B CA . ? A CA 1 ? 1_555 OD1 ? A ASP 132 ? A ASP 225 ? 1_555 73.5  ? 
7  OD1 ? A ASP 42  ? A ASP 135 ? 1_555 CA ? B CA . ? A CA 1 ? 1_555 OD2 ? A ASP 132 ? A ASP 225 ? 1_555 93.0  ? 
8  OD1 ? A ASP 130 ? A ASP 223 ? 1_555 CA ? B CA . ? A CA 1 ? 1_555 OD2 ? A ASP 132 ? A ASP 225 ? 1_555 102.7 ? 
9  OD2 ? A ASP 130 ? A ASP 223 ? 1_555 CA ? B CA . ? A CA 1 ? 1_555 OD2 ? A ASP 132 ? A ASP 225 ? 1_555 126.5 ? 
10 OD1 ? A ASP 132 ? A ASP 225 ? 1_555 CA ? B CA . ? A CA 1 ? 1_555 OD2 ? A ASP 132 ? A ASP 225 ? 1_555 53.1  ? 
11 OD1 ? A ASP 42  ? A ASP 135 ? 1_555 CA ? B CA . ? A CA 1 ? 1_555 ND2 ? A ASN 133 ? A ASN 226 ? 1_555 157.7 ? 
12 OD1 ? A ASP 130 ? A ASP 223 ? 1_555 CA ? B CA . ? A CA 1 ? 1_555 ND2 ? A ASN 133 ? A ASN 226 ? 1_555 74.4  ? 
13 OD2 ? A ASP 130 ? A ASP 223 ? 1_555 CA ? B CA . ? A CA 1 ? 1_555 ND2 ? A ASN 133 ? A ASN 226 ? 1_555 125.2 ? 
14 OD1 ? A ASP 132 ? A ASP 225 ? 1_555 CA ? B CA . ? A CA 1 ? 1_555 ND2 ? A ASN 133 ? A ASN 226 ? 1_555 102.0 ? 
15 OD2 ? A ASP 132 ? A ASP 225 ? 1_555 CA ? B CA . ? A CA 1 ? 1_555 ND2 ? A ASN 133 ? A ASN 226 ? 1_555 70.3  ? 
16 OD1 ? A ASP 57  ? A ASP 150 ? 1_555 CA ? C CA . ? A CA 2 ? 1_555 OD1 ? A ASP 59  ? A ASP 152 ? 1_555 82.4  ? 
17 OD1 ? A ASP 57  ? A ASP 150 ? 1_555 CA ? C CA . ? A CA 2 ? 1_555 OG1 ? A THR 61  ? A THR 154 ? 1_555 82.4  ? 
18 OD1 ? A ASP 59  ? A ASP 152 ? 1_555 CA ? C CA . ? A CA 2 ? 1_555 OG1 ? A THR 61  ? A THR 154 ? 1_555 85.0  ? 
19 OD1 ? A ASP 57  ? A ASP 150 ? 1_555 CA ? C CA . ? A CA 2 ? 1_555 O   ? A LYS 63  ? A LYS 156 ? 1_555 86.0  ? 
20 OD1 ? A ASP 59  ? A ASP 152 ? 1_555 CA ? C CA . ? A CA 2 ? 1_555 O   ? A LYS 63  ? A LYS 156 ? 1_555 153.0 ? 
21 OG1 ? A THR 61  ? A THR 154 ? 1_555 CA ? C CA . ? A CA 2 ? 1_555 O   ? A LYS 63  ? A LYS 156 ? 1_555 69.3  ? 
22 OD1 ? A ASP 57  ? A ASP 150 ? 1_555 CA ? C CA . ? A CA 2 ? 1_555 OE2 ? A GLU 68  ? A GLU 161 ? 1_555 97.2  ? 
23 OD1 ? A ASP 59  ? A ASP 152 ? 1_555 CA ? C CA . ? A CA 2 ? 1_555 OE2 ? A GLU 68  ? A GLU 161 ? 1_555 74.9  ? 
24 OG1 ? A THR 61  ? A THR 154 ? 1_555 CA ? C CA . ? A CA 2 ? 1_555 OE2 ? A GLU 68  ? A GLU 161 ? 1_555 159.8 ? 
25 O   ? A LYS 63  ? A LYS 156 ? 1_555 CA ? C CA . ? A CA 2 ? 1_555 OE2 ? A GLU 68  ? A GLU 161 ? 1_555 131.0 ? 
26 OD1 ? A ASP 57  ? A ASP 150 ? 1_555 CA ? C CA . ? A CA 2 ? 1_555 OE1 ? A GLU 68  ? A GLU 161 ? 1_555 113.5 ? 
27 OD1 ? A ASP 59  ? A ASP 152 ? 1_555 CA ? C CA . ? A CA 2 ? 1_555 OE1 ? A GLU 68  ? A GLU 161 ? 1_555 124.2 ? 
28 OG1 ? A THR 61  ? A THR 154 ? 1_555 CA ? C CA . ? A CA 2 ? 1_555 OE1 ? A GLU 68  ? A GLU 161 ? 1_555 147.1 ? 
29 O   ? A LYS 63  ? A LYS 156 ? 1_555 CA ? C CA . ? A CA 2 ? 1_555 OE1 ? A GLU 68  ? A GLU 161 ? 1_555 82.8  ? 
30 OE2 ? A GLU 68  ? A GLU 161 ? 1_555 CA ? C CA . ? A CA 2 ? 1_555 OE1 ? A GLU 68  ? A GLU 161 ? 1_555 51.0  ? 
31 OD1 ? A ASP 57  ? A ASP 150 ? 1_555 CA ? C CA . ? A CA 2 ? 1_555 O   ? F HOH .   ? A HOH 273 ? 1_555 162.3 ? 
32 OD1 ? A ASP 59  ? A ASP 152 ? 1_555 CA ? C CA . ? A CA 2 ? 1_555 O   ? F HOH .   ? A HOH 273 ? 1_555 84.0  ? 
33 OG1 ? A THR 61  ? A THR 154 ? 1_555 CA ? C CA . ? A CA 2 ? 1_555 O   ? F HOH .   ? A HOH 273 ? 1_555 85.2  ? 
34 O   ? A LYS 63  ? A LYS 156 ? 1_555 CA ? C CA . ? A CA 2 ? 1_555 O   ? F HOH .   ? A HOH 273 ? 1_555 101.3 ? 
35 OE2 ? A GLU 68  ? A GLU 161 ? 1_555 CA ? C CA . ? A CA 2 ? 1_555 O   ? F HOH .   ? A HOH 273 ? 1_555 90.1  ? 
36 OE1 ? A GLU 68  ? A GLU 161 ? 1_555 CA ? C CA . ? A CA 2 ? 1_555 O   ? F HOH .   ? A HOH 273 ? 1_555 83.6  ? 
37 O   ? A ALA 14  ? A ALA 107 ? 1_555 CA ? D CA . ? A CA 3 ? 1_555 OD2 ? A ASP 17  ? A ASP 110 ? 1_555 92.9  ? 
38 O   ? A ALA 14  ? A ALA 107 ? 1_555 CA ? D CA . ? A CA 3 ? 1_555 O   ? A GLU 19  ? A GLU 112 ? 1_555 86.2  ? 
39 OD2 ? A ASP 17  ? A ASP 110 ? 1_555 CA ? D CA . ? A CA 3 ? 1_555 O   ? A GLU 19  ? A GLU 112 ? 1_555 77.7  ? 
40 O   ? A ALA 14  ? A ALA 107 ? 1_555 CA ? D CA . ? A CA 3 ? 1_555 OE1 ? A GLU 24  ? A GLU 117 ? 1_555 86.5  ? 
41 OD2 ? A ASP 17  ? A ASP 110 ? 1_555 CA ? D CA . ? A CA 3 ? 1_555 OE1 ? A GLU 24  ? A GLU 117 ? 1_555 158.7 ? 
42 O   ? A GLU 19  ? A GLU 112 ? 1_555 CA ? D CA . ? A CA 3 ? 1_555 OE1 ? A GLU 24  ? A GLU 117 ? 1_555 123.5 ? 
43 O   ? A ALA 14  ? A ALA 107 ? 1_555 CA ? D CA . ? A CA 3 ? 1_555 OE2 ? A GLU 24  ? A GLU 117 ? 1_555 96.2  ? 
44 OD2 ? A ASP 17  ? A ASP 110 ? 1_555 CA ? D CA . ? A CA 3 ? 1_555 OE2 ? A GLU 24  ? A GLU 117 ? 1_555 147.9 ? 
45 O   ? A GLU 19  ? A GLU 112 ? 1_555 CA ? D CA . ? A CA 3 ? 1_555 OE2 ? A GLU 24  ? A GLU 117 ? 1_555 72.2  ? 
46 OE1 ? A GLU 24  ? A GLU 117 ? 1_555 CA ? D CA . ? A CA 3 ? 1_555 OE2 ? A GLU 24  ? A GLU 117 ? 1_555 53.0  ? 
47 O   ? A ALA 14  ? A ALA 107 ? 1_555 CA ? D CA . ? A CA 3 ? 1_555 O   ? F HOH .   ? A HOH 267 ? 1_555 170.0 ? 
48 OD2 ? A ASP 17  ? A ASP 110 ? 1_555 CA ? D CA . ? A CA 3 ? 1_555 O   ? F HOH .   ? A HOH 267 ? 1_555 83.8  ? 
49 O   ? A GLU 19  ? A GLU 112 ? 1_555 CA ? D CA . ? A CA 3 ? 1_555 O   ? F HOH .   ? A HOH 267 ? 1_555 102.2 ? 
50 OE1 ? A GLU 24  ? A GLU 117 ? 1_555 CA ? D CA . ? A CA 3 ? 1_555 O   ? F HOH .   ? A HOH 267 ? 1_555 93.1  ? 
51 OE2 ? A GLU 24  ? A GLU 117 ? 1_555 CA ? D CA . ? A CA 3 ? 1_555 O   ? F HOH .   ? A HOH 267 ? 1_555 91.6  ? 
52 OD1 ? A ASP 87  ? A ASP 180 ? 1_555 CA ? E CA . ? A CA 4 ? 1_555 OD1 ? A ASP 89  ? A ASP 182 ? 1_555 79.4  ? 
53 OD1 ? A ASP 87  ? A ASP 180 ? 1_555 CA ? E CA . ? A CA 4 ? 1_555 OG  ? A SER 91  ? A SER 184 ? 1_555 76.3  ? 
54 OD1 ? A ASP 89  ? A ASP 182 ? 1_555 CA ? E CA . ? A CA 4 ? 1_555 OG  ? A SER 91  ? A SER 184 ? 1_555 93.9  ? 
55 OD1 ? A ASP 87  ? A ASP 180 ? 1_555 CA ? E CA . ? A CA 4 ? 1_555 O   ? A THR 93  ? A THR 186 ? 1_555 74.7  ? 
56 OD1 ? A ASP 89  ? A ASP 182 ? 1_555 CA ? E CA . ? A CA 4 ? 1_555 O   ? A THR 93  ? A THR 186 ? 1_555 149.3 ? 
57 OG  ? A SER 91  ? A SER 184 ? 1_555 CA ? E CA . ? A CA 4 ? 1_555 O   ? A THR 93  ? A THR 186 ? 1_555 64.3  ? 
58 OD1 ? A ASP 87  ? A ASP 180 ? 1_555 CA ? E CA . ? A CA 4 ? 1_555 OE1 ? A GLU 98  ? A GLU 191 ? 1_555 109.3 ? 
59 OD1 ? A ASP 89  ? A ASP 182 ? 1_555 CA ? E CA . ? A CA 4 ? 1_555 OE1 ? A GLU 98  ? A GLU 191 ? 1_555 125.4 ? 
60 OG  ? A SER 91  ? A SER 184 ? 1_555 CA ? E CA . ? A CA 4 ? 1_555 OE1 ? A GLU 98  ? A GLU 191 ? 1_555 140.8 ? 
61 O   ? A THR 93  ? A THR 186 ? 1_555 CA ? E CA . ? A CA 4 ? 1_555 OE1 ? A GLU 98  ? A GLU 191 ? 1_555 79.4  ? 
62 OD1 ? A ASP 87  ? A ASP 180 ? 1_555 CA ? E CA . ? A CA 4 ? 1_555 OE2 ? A GLU 98  ? A GLU 191 ? 1_555 100.2 ? 
63 OD1 ? A ASP 89  ? A ASP 182 ? 1_555 CA ? E CA . ? A CA 4 ? 1_555 OE2 ? A GLU 98  ? A GLU 191 ? 1_555 73.0  ? 
64 OG  ? A SER 91  ? A SER 184 ? 1_555 CA ? E CA . ? A CA 4 ? 1_555 OE2 ? A GLU 98  ? A GLU 191 ? 1_555 166.9 ? 
65 O   ? A THR 93  ? A THR 186 ? 1_555 CA ? E CA . ? A CA 4 ? 1_555 OE2 ? A GLU 98  ? A GLU 191 ? 1_555 127.4 ? 
66 OE1 ? A GLU 98  ? A GLU 191 ? 1_555 CA ? E CA . ? A CA 4 ? 1_555 OE2 ? A GLU 98  ? A GLU 191 ? 1_555 52.4  ? 
# 
_struct_sheet.id               A 
_struct_sheet.type             ? 
_struct_sheet.number_strands   2 
_struct_sheet.details          ? 
# 
_struct_sheet_order.sheet_id     A 
_struct_sheet_order.range_id_1   1 
_struct_sheet_order.range_id_2   2 
_struct_sheet_order.offset       ? 
_struct_sheet_order.sense        anti-parallel 
# 
loop_
_struct_sheet_range.sheet_id 
_struct_sheet_range.id 
_struct_sheet_range.beg_label_comp_id 
_struct_sheet_range.beg_label_asym_id 
_struct_sheet_range.beg_label_seq_id 
_struct_sheet_range.pdbx_beg_PDB_ins_code 
_struct_sheet_range.end_label_comp_id 
_struct_sheet_range.end_label_asym_id 
_struct_sheet_range.end_label_seq_id 
_struct_sheet_range.pdbx_end_PDB_ins_code 
_struct_sheet_range.beg_auth_comp_id 
_struct_sheet_range.beg_auth_asym_id 
_struct_sheet_range.beg_auth_seq_id 
_struct_sheet_range.end_auth_comp_id 
_struct_sheet_range.end_auth_asym_id 
_struct_sheet_range.end_auth_seq_id 
A 1 ILE A 94  ? GLY A 95  ? ILE A 187 GLY A 188 
A 2 ASN A 128 ? MET A 129 ? ASN A 221 MET A 222 
# 
_pdbx_struct_sheet_hbond.sheet_id                A 
_pdbx_struct_sheet_hbond.range_id_1              1 
_pdbx_struct_sheet_hbond.range_id_2              2 
_pdbx_struct_sheet_hbond.range_1_label_atom_id   N 
_pdbx_struct_sheet_hbond.range_1_label_comp_id   ILE 
_pdbx_struct_sheet_hbond.range_1_label_asym_id   A 
_pdbx_struct_sheet_hbond.range_1_label_seq_id    94 
_pdbx_struct_sheet_hbond.range_1_PDB_ins_code    ? 
_pdbx_struct_sheet_hbond.range_1_auth_atom_id    N 
_pdbx_struct_sheet_hbond.range_1_auth_comp_id    ILE 
_pdbx_struct_sheet_hbond.range_1_auth_asym_id    A 
_pdbx_struct_sheet_hbond.range_1_auth_seq_id     187 
_pdbx_struct_sheet_hbond.range_2_label_atom_id   O 
_pdbx_struct_sheet_hbond.range_2_label_comp_id   MET 
_pdbx_struct_sheet_hbond.range_2_label_asym_id   A 
_pdbx_struct_sheet_hbond.range_2_label_seq_id    129 
_pdbx_struct_sheet_hbond.range_2_PDB_ins_code    ? 
_pdbx_struct_sheet_hbond.range_2_auth_atom_id    O 
_pdbx_struct_sheet_hbond.range_2_auth_comp_id    MET 
_pdbx_struct_sheet_hbond.range_2_auth_asym_id    A 
_pdbx_struct_sheet_hbond.range_2_auth_seq_id     222 
# 
loop_
_struct_site.id 
_struct_site.pdbx_evidence_code 
_struct_site.pdbx_auth_asym_id 
_struct_site.pdbx_auth_comp_id 
_struct_site.pdbx_auth_seq_id 
_struct_site.pdbx_auth_ins_code 
_struct_site.pdbx_num_residues 
_struct_site.details 
AC1 Software A CA 1 ? 4 'BINDING SITE FOR RESIDUE CA A 1' 
AC2 Software A CA 2 ? 6 'BINDING SITE FOR RESIDUE CA A 2' 
AC3 Software A CA 3 ? 5 'BINDING SITE FOR RESIDUE CA A 3' 
AC4 Software A CA 4 ? 5 'BINDING SITE FOR RESIDUE CA A 4' 
# 
loop_
_struct_site_gen.id 
_struct_site_gen.site_id 
_struct_site_gen.pdbx_num_res 
_struct_site_gen.label_comp_id 
_struct_site_gen.label_asym_id 
_struct_site_gen.label_seq_id 
_struct_site_gen.pdbx_auth_ins_code 
_struct_site_gen.auth_comp_id 
_struct_site_gen.auth_asym_id 
_struct_site_gen.auth_seq_id 
_struct_site_gen.label_atom_id 
_struct_site_gen.label_alt_id 
_struct_site_gen.symmetry 
_struct_site_gen.details 
1  AC1 4 ASP A 42  ? ASP A 135 . ? 1_555 ? 
2  AC1 4 ASP A 130 ? ASP A 223 . ? 1_555 ? 
3  AC1 4 ASP A 132 ? ASP A 225 . ? 1_555 ? 
4  AC1 4 ASN A 133 ? ASN A 226 . ? 1_555 ? 
5  AC2 6 ASP A 57  ? ASP A 150 . ? 1_555 ? 
6  AC2 6 ASP A 59  ? ASP A 152 . ? 1_555 ? 
7  AC2 6 THR A 61  ? THR A 154 . ? 1_555 ? 
8  AC2 6 LYS A 63  ? LYS A 156 . ? 1_555 ? 
9  AC2 6 GLU A 68  ? GLU A 161 . ? 1_555 ? 
10 AC2 6 HOH F .   ? HOH A 273 . ? 1_555 ? 
11 AC3 5 ALA A 14  ? ALA A 107 . ? 1_555 ? 
12 AC3 5 ASP A 17  ? ASP A 110 . ? 1_555 ? 
13 AC3 5 GLU A 19  ? GLU A 112 . ? 1_555 ? 
14 AC3 5 GLU A 24  ? GLU A 117 . ? 1_555 ? 
15 AC3 5 HOH F .   ? HOH A 267 . ? 1_555 ? 
16 AC4 5 ASP A 87  ? ASP A 180 . ? 1_555 ? 
17 AC4 5 ASP A 89  ? ASP A 182 . ? 1_555 ? 
18 AC4 5 SER A 91  ? SER A 184 . ? 1_555 ? 
19 AC4 5 THR A 93  ? THR A 186 . ? 1_555 ? 
20 AC4 5 GLU A 98  ? GLU A 191 . ? 1_555 ? 
# 
loop_
_chem_comp_atom.comp_id 
_chem_comp_atom.atom_id 
_chem_comp_atom.type_symbol 
_chem_comp_atom.pdbx_aromatic_flag 
_chem_comp_atom.pdbx_stereo_config 
_chem_comp_atom.pdbx_ordinal 
ALA N    N  N N 1   
ALA CA   C  N S 2   
ALA C    C  N N 3   
ALA O    O  N N 4   
ALA CB   C  N N 5   
ALA OXT  O  N N 6   
ALA H    H  N N 7   
ALA H2   H  N N 8   
ALA HA   H  N N 9   
ALA HB1  H  N N 10  
ALA HB2  H  N N 11  
ALA HB3  H  N N 12  
ALA HXT  H  N N 13  
ARG N    N  N N 14  
ARG CA   C  N S 15  
ARG C    C  N N 16  
ARG O    O  N N 17  
ARG CB   C  N N 18  
ARG CG   C  N N 19  
ARG CD   C  N N 20  
ARG NE   N  N N 21  
ARG CZ   C  N N 22  
ARG NH1  N  N N 23  
ARG NH2  N  N N 24  
ARG OXT  O  N N 25  
ARG H    H  N N 26  
ARG H2   H  N N 27  
ARG HA   H  N N 28  
ARG HB2  H  N N 29  
ARG HB3  H  N N 30  
ARG HG2  H  N N 31  
ARG HG3  H  N N 32  
ARG HD2  H  N N 33  
ARG HD3  H  N N 34  
ARG HE   H  N N 35  
ARG HH11 H  N N 36  
ARG HH12 H  N N 37  
ARG HH21 H  N N 38  
ARG HH22 H  N N 39  
ARG HXT  H  N N 40  
ASN N    N  N N 41  
ASN CA   C  N S 42  
ASN C    C  N N 43  
ASN O    O  N N 44  
ASN CB   C  N N 45  
ASN CG   C  N N 46  
ASN OD1  O  N N 47  
ASN ND2  N  N N 48  
ASN OXT  O  N N 49  
ASN H    H  N N 50  
ASN H2   H  N N 51  
ASN HA   H  N N 52  
ASN HB2  H  N N 53  
ASN HB3  H  N N 54  
ASN HD21 H  N N 55  
ASN HD22 H  N N 56  
ASN HXT  H  N N 57  
ASP N    N  N N 58  
ASP CA   C  N S 59  
ASP C    C  N N 60  
ASP O    O  N N 61  
ASP CB   C  N N 62  
ASP CG   C  N N 63  
ASP OD1  O  N N 64  
ASP OD2  O  N N 65  
ASP OXT  O  N N 66  
ASP H    H  N N 67  
ASP H2   H  N N 68  
ASP HA   H  N N 69  
ASP HB2  H  N N 70  
ASP HB3  H  N N 71  
ASP HD2  H  N N 72  
ASP HXT  H  N N 73  
CA  CA   CA N N 74  
CYS N    N  N N 75  
CYS CA   C  N R 76  
CYS C    C  N N 77  
CYS O    O  N N 78  
CYS CB   C  N N 79  
CYS SG   S  N N 80  
CYS OXT  O  N N 81  
CYS H    H  N N 82  
CYS H2   H  N N 83  
CYS HA   H  N N 84  
CYS HB2  H  N N 85  
CYS HB3  H  N N 86  
CYS HG   H  N N 87  
CYS HXT  H  N N 88  
GLN N    N  N N 89  
GLN CA   C  N S 90  
GLN C    C  N N 91  
GLN O    O  N N 92  
GLN CB   C  N N 93  
GLN CG   C  N N 94  
GLN CD   C  N N 95  
GLN OE1  O  N N 96  
GLN NE2  N  N N 97  
GLN OXT  O  N N 98  
GLN H    H  N N 99  
GLN H2   H  N N 100 
GLN HA   H  N N 101 
GLN HB2  H  N N 102 
GLN HB3  H  N N 103 
GLN HG2  H  N N 104 
GLN HG3  H  N N 105 
GLN HE21 H  N N 106 
GLN HE22 H  N N 107 
GLN HXT  H  N N 108 
GLU N    N  N N 109 
GLU CA   C  N S 110 
GLU C    C  N N 111 
GLU O    O  N N 112 
GLU CB   C  N N 113 
GLU CG   C  N N 114 
GLU CD   C  N N 115 
GLU OE1  O  N N 116 
GLU OE2  O  N N 117 
GLU OXT  O  N N 118 
GLU H    H  N N 119 
GLU H2   H  N N 120 
GLU HA   H  N N 121 
GLU HB2  H  N N 122 
GLU HB3  H  N N 123 
GLU HG2  H  N N 124 
GLU HG3  H  N N 125 
GLU HE2  H  N N 126 
GLU HXT  H  N N 127 
GLY N    N  N N 128 
GLY CA   C  N N 129 
GLY C    C  N N 130 
GLY O    O  N N 131 
GLY OXT  O  N N 132 
GLY H    H  N N 133 
GLY H2   H  N N 134 
GLY HA2  H  N N 135 
GLY HA3  H  N N 136 
GLY HXT  H  N N 137 
HIS N    N  N N 138 
HIS CA   C  N S 139 
HIS C    C  N N 140 
HIS O    O  N N 141 
HIS CB   C  N N 142 
HIS CG   C  Y N 143 
HIS ND1  N  Y N 144 
HIS CD2  C  Y N 145 
HIS CE1  C  Y N 146 
HIS NE2  N  Y N 147 
HIS OXT  O  N N 148 
HIS H    H  N N 149 
HIS H2   H  N N 150 
HIS HA   H  N N 151 
HIS HB2  H  N N 152 
HIS HB3  H  N N 153 
HIS HD1  H  N N 154 
HIS HD2  H  N N 155 
HIS HE1  H  N N 156 
HIS HE2  H  N N 157 
HIS HXT  H  N N 158 
HOH O    O  N N 159 
HOH H1   H  N N 160 
HOH H2   H  N N 161 
ILE N    N  N N 162 
ILE CA   C  N S 163 
ILE C    C  N N 164 
ILE O    O  N N 165 
ILE CB   C  N S 166 
ILE CG1  C  N N 167 
ILE CG2  C  N N 168 
ILE CD1  C  N N 169 
ILE OXT  O  N N 170 
ILE H    H  N N 171 
ILE H2   H  N N 172 
ILE HA   H  N N 173 
ILE HB   H  N N 174 
ILE HG12 H  N N 175 
ILE HG13 H  N N 176 
ILE HG21 H  N N 177 
ILE HG22 H  N N 178 
ILE HG23 H  N N 179 
ILE HD11 H  N N 180 
ILE HD12 H  N N 181 
ILE HD13 H  N N 182 
ILE HXT  H  N N 183 
LEU N    N  N N 184 
LEU CA   C  N S 185 
LEU C    C  N N 186 
LEU O    O  N N 187 
LEU CB   C  N N 188 
LEU CG   C  N N 189 
LEU CD1  C  N N 190 
LEU CD2  C  N N 191 
LEU OXT  O  N N 192 
LEU H    H  N N 193 
LEU H2   H  N N 194 
LEU HA   H  N N 195 
LEU HB2  H  N N 196 
LEU HB3  H  N N 197 
LEU HG   H  N N 198 
LEU HD11 H  N N 199 
LEU HD12 H  N N 200 
LEU HD13 H  N N 201 
LEU HD21 H  N N 202 
LEU HD22 H  N N 203 
LEU HD23 H  N N 204 
LEU HXT  H  N N 205 
LYS N    N  N N 206 
LYS CA   C  N S 207 
LYS C    C  N N 208 
LYS O    O  N N 209 
LYS CB   C  N N 210 
LYS CG   C  N N 211 
LYS CD   C  N N 212 
LYS CE   C  N N 213 
LYS NZ   N  N N 214 
LYS OXT  O  N N 215 
LYS H    H  N N 216 
LYS H2   H  N N 217 
LYS HA   H  N N 218 
LYS HB2  H  N N 219 
LYS HB3  H  N N 220 
LYS HG2  H  N N 221 
LYS HG3  H  N N 222 
LYS HD2  H  N N 223 
LYS HD3  H  N N 224 
LYS HE2  H  N N 225 
LYS HE3  H  N N 226 
LYS HZ1  H  N N 227 
LYS HZ2  H  N N 228 
LYS HZ3  H  N N 229 
LYS HXT  H  N N 230 
MET N    N  N N 231 
MET CA   C  N S 232 
MET C    C  N N 233 
MET O    O  N N 234 
MET CB   C  N N 235 
MET CG   C  N N 236 
MET SD   S  N N 237 
MET CE   C  N N 238 
MET OXT  O  N N 239 
MET H    H  N N 240 
MET H2   H  N N 241 
MET HA   H  N N 242 
MET HB2  H  N N 243 
MET HB3  H  N N 244 
MET HG2  H  N N 245 
MET HG3  H  N N 246 
MET HE1  H  N N 247 
MET HE2  H  N N 248 
MET HE3  H  N N 249 
MET HXT  H  N N 250 
PHE N    N  N N 251 
PHE CA   C  N S 252 
PHE C    C  N N 253 
PHE O    O  N N 254 
PHE CB   C  N N 255 
PHE CG   C  Y N 256 
PHE CD1  C  Y N 257 
PHE CD2  C  Y N 258 
PHE CE1  C  Y N 259 
PHE CE2  C  Y N 260 
PHE CZ   C  Y N 261 
PHE OXT  O  N N 262 
PHE H    H  N N 263 
PHE H2   H  N N 264 
PHE HA   H  N N 265 
PHE HB2  H  N N 266 
PHE HB3  H  N N 267 
PHE HD1  H  N N 268 
PHE HD2  H  N N 269 
PHE HE1  H  N N 270 
PHE HE2  H  N N 271 
PHE HZ   H  N N 272 
PHE HXT  H  N N 273 
PRO N    N  N N 274 
PRO CA   C  N S 275 
PRO C    C  N N 276 
PRO O    O  N N 277 
PRO CB   C  N N 278 
PRO CG   C  N N 279 
PRO CD   C  N N 280 
PRO OXT  O  N N 281 
PRO H    H  N N 282 
PRO HA   H  N N 283 
PRO HB2  H  N N 284 
PRO HB3  H  N N 285 
PRO HG2  H  N N 286 
PRO HG3  H  N N 287 
PRO HD2  H  N N 288 
PRO HD3  H  N N 289 
PRO HXT  H  N N 290 
SER N    N  N N 291 
SER CA   C  N S 292 
SER C    C  N N 293 
SER O    O  N N 294 
SER CB   C  N N 295 
SER OG   O  N N 296 
SER OXT  O  N N 297 
SER H    H  N N 298 
SER H2   H  N N 299 
SER HA   H  N N 300 
SER HB2  H  N N 301 
SER HB3  H  N N 302 
SER HG   H  N N 303 
SER HXT  H  N N 304 
THR N    N  N N 305 
THR CA   C  N S 306 
THR C    C  N N 307 
THR O    O  N N 308 
THR CB   C  N R 309 
THR OG1  O  N N 310 
THR CG2  C  N N 311 
THR OXT  O  N N 312 
THR H    H  N N 313 
THR H2   H  N N 314 
THR HA   H  N N 315 
THR HB   H  N N 316 
THR HG1  H  N N 317 
THR HG21 H  N N 318 
THR HG22 H  N N 319 
THR HG23 H  N N 320 
THR HXT  H  N N 321 
TRP N    N  N N 322 
TRP CA   C  N S 323 
TRP C    C  N N 324 
TRP O    O  N N 325 
TRP CB   C  N N 326 
TRP CG   C  Y N 327 
TRP CD1  C  Y N 328 
TRP CD2  C  Y N 329 
TRP NE1  N  Y N 330 
TRP CE2  C  Y N 331 
TRP CE3  C  Y N 332 
TRP CZ2  C  Y N 333 
TRP CZ3  C  Y N 334 
TRP CH2  C  Y N 335 
TRP OXT  O  N N 336 
TRP H    H  N N 337 
TRP H2   H  N N 338 
TRP HA   H  N N 339 
TRP HB2  H  N N 340 
TRP HB3  H  N N 341 
TRP HD1  H  N N 342 
TRP HE1  H  N N 343 
TRP HE3  H  N N 344 
TRP HZ2  H  N N 345 
TRP HZ3  H  N N 346 
TRP HH2  H  N N 347 
TRP HXT  H  N N 348 
TYR N    N  N N 349 
TYR CA   C  N S 350 
TYR C    C  N N 351 
TYR O    O  N N 352 
TYR CB   C  N N 353 
TYR CG   C  Y N 354 
TYR CD1  C  Y N 355 
TYR CD2  C  Y N 356 
TYR CE1  C  Y N 357 
TYR CE2  C  Y N 358 
TYR CZ   C  Y N 359 
TYR OH   O  N N 360 
TYR OXT  O  N N 361 
TYR H    H  N N 362 
TYR H2   H  N N 363 
TYR HA   H  N N 364 
TYR HB2  H  N N 365 
TYR HB3  H  N N 366 
TYR HD1  H  N N 367 
TYR HD2  H  N N 368 
TYR HE1  H  N N 369 
TYR HE2  H  N N 370 
TYR HH   H  N N 371 
TYR HXT  H  N N 372 
VAL N    N  N N 373 
VAL CA   C  N S 374 
VAL C    C  N N 375 
VAL O    O  N N 376 
VAL CB   C  N N 377 
VAL CG1  C  N N 378 
VAL CG2  C  N N 379 
VAL OXT  O  N N 380 
VAL H    H  N N 381 
VAL H2   H  N N 382 
VAL HA   H  N N 383 
VAL HB   H  N N 384 
VAL HG11 H  N N 385 
VAL HG12 H  N N 386 
VAL HG13 H  N N 387 
VAL HG21 H  N N 388 
VAL HG22 H  N N 389 
VAL HG23 H  N N 390 
VAL HXT  H  N N 391 
# 
loop_
_chem_comp_bond.comp_id 
_chem_comp_bond.atom_id_1 
_chem_comp_bond.atom_id_2 
_chem_comp_bond.value_order 
_chem_comp_bond.pdbx_aromatic_flag 
_chem_comp_bond.pdbx_stereo_config 
_chem_comp_bond.pdbx_ordinal 
ALA N   CA   sing N N 1   
ALA N   H    sing N N 2   
ALA N   H2   sing N N 3   
ALA CA  C    sing N N 4   
ALA CA  CB   sing N N 5   
ALA CA  HA   sing N N 6   
ALA C   O    doub N N 7   
ALA C   OXT  sing N N 8   
ALA CB  HB1  sing N N 9   
ALA CB  HB2  sing N N 10  
ALA CB  HB3  sing N N 11  
ALA OXT HXT  sing N N 12  
ARG N   CA   sing N N 13  
ARG N   H    sing N N 14  
ARG N   H2   sing N N 15  
ARG CA  C    sing N N 16  
ARG CA  CB   sing N N 17  
ARG CA  HA   sing N N 18  
ARG C   O    doub N N 19  
ARG C   OXT  sing N N 20  
ARG CB  CG   sing N N 21  
ARG CB  HB2  sing N N 22  
ARG CB  HB3  sing N N 23  
ARG CG  CD   sing N N 24  
ARG CG  HG2  sing N N 25  
ARG CG  HG3  sing N N 26  
ARG CD  NE   sing N N 27  
ARG CD  HD2  sing N N 28  
ARG CD  HD3  sing N N 29  
ARG NE  CZ   sing N N 30  
ARG NE  HE   sing N N 31  
ARG CZ  NH1  sing N N 32  
ARG CZ  NH2  doub N N 33  
ARG NH1 HH11 sing N N 34  
ARG NH1 HH12 sing N N 35  
ARG NH2 HH21 sing N N 36  
ARG NH2 HH22 sing N N 37  
ARG OXT HXT  sing N N 38  
ASN N   CA   sing N N 39  
ASN N   H    sing N N 40  
ASN N   H2   sing N N 41  
ASN CA  C    sing N N 42  
ASN CA  CB   sing N N 43  
ASN CA  HA   sing N N 44  
ASN C   O    doub N N 45  
ASN C   OXT  sing N N 46  
ASN CB  CG   sing N N 47  
ASN CB  HB2  sing N N 48  
ASN CB  HB3  sing N N 49  
ASN CG  OD1  doub N N 50  
ASN CG  ND2  sing N N 51  
ASN ND2 HD21 sing N N 52  
ASN ND2 HD22 sing N N 53  
ASN OXT HXT  sing N N 54  
ASP N   CA   sing N N 55  
ASP N   H    sing N N 56  
ASP N   H2   sing N N 57  
ASP CA  C    sing N N 58  
ASP CA  CB   sing N N 59  
ASP CA  HA   sing N N 60  
ASP C   O    doub N N 61  
ASP C   OXT  sing N N 62  
ASP CB  CG   sing N N 63  
ASP CB  HB2  sing N N 64  
ASP CB  HB3  sing N N 65  
ASP CG  OD1  doub N N 66  
ASP CG  OD2  sing N N 67  
ASP OD2 HD2  sing N N 68  
ASP OXT HXT  sing N N 69  
CYS N   CA   sing N N 70  
CYS N   H    sing N N 71  
CYS N   H2   sing N N 72  
CYS CA  C    sing N N 73  
CYS CA  CB   sing N N 74  
CYS CA  HA   sing N N 75  
CYS C   O    doub N N 76  
CYS C   OXT  sing N N 77  
CYS CB  SG   sing N N 78  
CYS CB  HB2  sing N N 79  
CYS CB  HB3  sing N N 80  
CYS SG  HG   sing N N 81  
CYS OXT HXT  sing N N 82  
GLN N   CA   sing N N 83  
GLN N   H    sing N N 84  
GLN N   H2   sing N N 85  
GLN CA  C    sing N N 86  
GLN CA  CB   sing N N 87  
GLN CA  HA   sing N N 88  
GLN C   O    doub N N 89  
GLN C   OXT  sing N N 90  
GLN CB  CG   sing N N 91  
GLN CB  HB2  sing N N 92  
GLN CB  HB3  sing N N 93  
GLN CG  CD   sing N N 94  
GLN CG  HG2  sing N N 95  
GLN CG  HG3  sing N N 96  
GLN CD  OE1  doub N N 97  
GLN CD  NE2  sing N N 98  
GLN NE2 HE21 sing N N 99  
GLN NE2 HE22 sing N N 100 
GLN OXT HXT  sing N N 101 
GLU N   CA   sing N N 102 
GLU N   H    sing N N 103 
GLU N   H2   sing N N 104 
GLU CA  C    sing N N 105 
GLU CA  CB   sing N N 106 
GLU CA  HA   sing N N 107 
GLU C   O    doub N N 108 
GLU C   OXT  sing N N 109 
GLU CB  CG   sing N N 110 
GLU CB  HB2  sing N N 111 
GLU CB  HB3  sing N N 112 
GLU CG  CD   sing N N 113 
GLU CG  HG2  sing N N 114 
GLU CG  HG3  sing N N 115 
GLU CD  OE1  doub N N 116 
GLU CD  OE2  sing N N 117 
GLU OE2 HE2  sing N N 118 
GLU OXT HXT  sing N N 119 
GLY N   CA   sing N N 120 
GLY N   H    sing N N 121 
GLY N   H2   sing N N 122 
GLY CA  C    sing N N 123 
GLY CA  HA2  sing N N 124 
GLY CA  HA3  sing N N 125 
GLY C   O    doub N N 126 
GLY C   OXT  sing N N 127 
GLY OXT HXT  sing N N 128 
HIS N   CA   sing N N 129 
HIS N   H    sing N N 130 
HIS N   H2   sing N N 131 
HIS CA  C    sing N N 132 
HIS CA  CB   sing N N 133 
HIS CA  HA   sing N N 134 
HIS C   O    doub N N 135 
HIS C   OXT  sing N N 136 
HIS CB  CG   sing N N 137 
HIS CB  HB2  sing N N 138 
HIS CB  HB3  sing N N 139 
HIS CG  ND1  sing Y N 140 
HIS CG  CD2  doub Y N 141 
HIS ND1 CE1  doub Y N 142 
HIS ND1 HD1  sing N N 143 
HIS CD2 NE2  sing Y N 144 
HIS CD2 HD2  sing N N 145 
HIS CE1 NE2  sing Y N 146 
HIS CE1 HE1  sing N N 147 
HIS NE2 HE2  sing N N 148 
HIS OXT HXT  sing N N 149 
HOH O   H1   sing N N 150 
HOH O   H2   sing N N 151 
ILE N   CA   sing N N 152 
ILE N   H    sing N N 153 
ILE N   H2   sing N N 154 
ILE CA  C    sing N N 155 
ILE CA  CB   sing N N 156 
ILE CA  HA   sing N N 157 
ILE C   O    doub N N 158 
ILE C   OXT  sing N N 159 
ILE CB  CG1  sing N N 160 
ILE CB  CG2  sing N N 161 
ILE CB  HB   sing N N 162 
ILE CG1 CD1  sing N N 163 
ILE CG1 HG12 sing N N 164 
ILE CG1 HG13 sing N N 165 
ILE CG2 HG21 sing N N 166 
ILE CG2 HG22 sing N N 167 
ILE CG2 HG23 sing N N 168 
ILE CD1 HD11 sing N N 169 
ILE CD1 HD12 sing N N 170 
ILE CD1 HD13 sing N N 171 
ILE OXT HXT  sing N N 172 
LEU N   CA   sing N N 173 
LEU N   H    sing N N 174 
LEU N   H2   sing N N 175 
LEU CA  C    sing N N 176 
LEU CA  CB   sing N N 177 
LEU CA  HA   sing N N 178 
LEU C   O    doub N N 179 
LEU C   OXT  sing N N 180 
LEU CB  CG   sing N N 181 
LEU CB  HB2  sing N N 182 
LEU CB  HB3  sing N N 183 
LEU CG  CD1  sing N N 184 
LEU CG  CD2  sing N N 185 
LEU CG  HG   sing N N 186 
LEU CD1 HD11 sing N N 187 
LEU CD1 HD12 sing N N 188 
LEU CD1 HD13 sing N N 189 
LEU CD2 HD21 sing N N 190 
LEU CD2 HD22 sing N N 191 
LEU CD2 HD23 sing N N 192 
LEU OXT HXT  sing N N 193 
LYS N   CA   sing N N 194 
LYS N   H    sing N N 195 
LYS N   H2   sing N N 196 
LYS CA  C    sing N N 197 
LYS CA  CB   sing N N 198 
LYS CA  HA   sing N N 199 
LYS C   O    doub N N 200 
LYS C   OXT  sing N N 201 
LYS CB  CG   sing N N 202 
LYS CB  HB2  sing N N 203 
LYS CB  HB3  sing N N 204 
LYS CG  CD   sing N N 205 
LYS CG  HG2  sing N N 206 
LYS CG  HG3  sing N N 207 
LYS CD  CE   sing N N 208 
LYS CD  HD2  sing N N 209 
LYS CD  HD3  sing N N 210 
LYS CE  NZ   sing N N 211 
LYS CE  HE2  sing N N 212 
LYS CE  HE3  sing N N 213 
LYS NZ  HZ1  sing N N 214 
LYS NZ  HZ2  sing N N 215 
LYS NZ  HZ3  sing N N 216 
LYS OXT HXT  sing N N 217 
MET N   CA   sing N N 218 
MET N   H    sing N N 219 
MET N   H2   sing N N 220 
MET CA  C    sing N N 221 
MET CA  CB   sing N N 222 
MET CA  HA   sing N N 223 
MET C   O    doub N N 224 
MET C   OXT  sing N N 225 
MET CB  CG   sing N N 226 
MET CB  HB2  sing N N 227 
MET CB  HB3  sing N N 228 
MET CG  SD   sing N N 229 
MET CG  HG2  sing N N 230 
MET CG  HG3  sing N N 231 
MET SD  CE   sing N N 232 
MET CE  HE1  sing N N 233 
MET CE  HE2  sing N N 234 
MET CE  HE3  sing N N 235 
MET OXT HXT  sing N N 236 
PHE N   CA   sing N N 237 
PHE N   H    sing N N 238 
PHE N   H2   sing N N 239 
PHE CA  C    sing N N 240 
PHE CA  CB   sing N N 241 
PHE CA  HA   sing N N 242 
PHE C   O    doub N N 243 
PHE C   OXT  sing N N 244 
PHE CB  CG   sing N N 245 
PHE CB  HB2  sing N N 246 
PHE CB  HB3  sing N N 247 
PHE CG  CD1  doub Y N 248 
PHE CG  CD2  sing Y N 249 
PHE CD1 CE1  sing Y N 250 
PHE CD1 HD1  sing N N 251 
PHE CD2 CE2  doub Y N 252 
PHE CD2 HD2  sing N N 253 
PHE CE1 CZ   doub Y N 254 
PHE CE1 HE1  sing N N 255 
PHE CE2 CZ   sing Y N 256 
PHE CE2 HE2  sing N N 257 
PHE CZ  HZ   sing N N 258 
PHE OXT HXT  sing N N 259 
PRO N   CA   sing N N 260 
PRO N   CD   sing N N 261 
PRO N   H    sing N N 262 
PRO CA  C    sing N N 263 
PRO CA  CB   sing N N 264 
PRO CA  HA   sing N N 265 
PRO C   O    doub N N 266 
PRO C   OXT  sing N N 267 
PRO CB  CG   sing N N 268 
PRO CB  HB2  sing N N 269 
PRO CB  HB3  sing N N 270 
PRO CG  CD   sing N N 271 
PRO CG  HG2  sing N N 272 
PRO CG  HG3  sing N N 273 
PRO CD  HD2  sing N N 274 
PRO CD  HD3  sing N N 275 
PRO OXT HXT  sing N N 276 
SER N   CA   sing N N 277 
SER N   H    sing N N 278 
SER N   H2   sing N N 279 
SER CA  C    sing N N 280 
SER CA  CB   sing N N 281 
SER CA  HA   sing N N 282 
SER C   O    doub N N 283 
SER C   OXT  sing N N 284 
SER CB  OG   sing N N 285 
SER CB  HB2  sing N N 286 
SER CB  HB3  sing N N 287 
SER OG  HG   sing N N 288 
SER OXT HXT  sing N N 289 
THR N   CA   sing N N 290 
THR N   H    sing N N 291 
THR N   H2   sing N N 292 
THR CA  C    sing N N 293 
THR CA  CB   sing N N 294 
THR CA  HA   sing N N 295 
THR C   O    doub N N 296 
THR C   OXT  sing N N 297 
THR CB  OG1  sing N N 298 
THR CB  CG2  sing N N 299 
THR CB  HB   sing N N 300 
THR OG1 HG1  sing N N 301 
THR CG2 HG21 sing N N 302 
THR CG2 HG22 sing N N 303 
THR CG2 HG23 sing N N 304 
THR OXT HXT  sing N N 305 
TRP N   CA   sing N N 306 
TRP N   H    sing N N 307 
TRP N   H2   sing N N 308 
TRP CA  C    sing N N 309 
TRP CA  CB   sing N N 310 
TRP CA  HA   sing N N 311 
TRP C   O    doub N N 312 
TRP C   OXT  sing N N 313 
TRP CB  CG   sing N N 314 
TRP CB  HB2  sing N N 315 
TRP CB  HB3  sing N N 316 
TRP CG  CD1  doub Y N 317 
TRP CG  CD2  sing Y N 318 
TRP CD1 NE1  sing Y N 319 
TRP CD1 HD1  sing N N 320 
TRP CD2 CE2  doub Y N 321 
TRP CD2 CE3  sing Y N 322 
TRP NE1 CE2  sing Y N 323 
TRP NE1 HE1  sing N N 324 
TRP CE2 CZ2  sing Y N 325 
TRP CE3 CZ3  doub Y N 326 
TRP CE3 HE3  sing N N 327 
TRP CZ2 CH2  doub Y N 328 
TRP CZ2 HZ2  sing N N 329 
TRP CZ3 CH2  sing Y N 330 
TRP CZ3 HZ3  sing N N 331 
TRP CH2 HH2  sing N N 332 
TRP OXT HXT  sing N N 333 
TYR N   CA   sing N N 334 
TYR N   H    sing N N 335 
TYR N   H2   sing N N 336 
TYR CA  C    sing N N 337 
TYR CA  CB   sing N N 338 
TYR CA  HA   sing N N 339 
TYR C   O    doub N N 340 
TYR C   OXT  sing N N 341 
TYR CB  CG   sing N N 342 
TYR CB  HB2  sing N N 343 
TYR CB  HB3  sing N N 344 
TYR CG  CD1  doub Y N 345 
TYR CG  CD2  sing Y N 346 
TYR CD1 CE1  sing Y N 347 
TYR CD1 HD1  sing N N 348 
TYR CD2 CE2  doub Y N 349 
TYR CD2 HD2  sing N N 350 
TYR CE1 CZ   doub Y N 351 
TYR CE1 HE1  sing N N 352 
TYR CE2 CZ   sing Y N 353 
TYR CE2 HE2  sing N N 354 
TYR CZ  OH   sing N N 355 
TYR OH  HH   sing N N 356 
TYR OXT HXT  sing N N 357 
VAL N   CA   sing N N 358 
VAL N   H    sing N N 359 
VAL N   H2   sing N N 360 
VAL CA  C    sing N N 361 
VAL CA  CB   sing N N 362 
VAL CA  HA   sing N N 363 
VAL C   O    doub N N 364 
VAL C   OXT  sing N N 365 
VAL CB  CG1  sing N N 366 
VAL CB  CG2  sing N N 367 
VAL CB  HB   sing N N 368 
VAL CG1 HG11 sing N N 369 
VAL CG1 HG12 sing N N 370 
VAL CG1 HG13 sing N N 371 
VAL CG2 HG21 sing N N 372 
VAL CG2 HG22 sing N N 373 
VAL CG2 HG23 sing N N 374 
VAL OXT HXT  sing N N 375 
# 
_atom_sites.entry_id                    1NX2 
_atom_sites.fract_transf_matrix[1][1]   -0.01257216 
_atom_sites.fract_transf_matrix[1][2]   -0.00723839 
_atom_sites.fract_transf_matrix[1][3]   0.00223090 
_atom_sites.fract_transf_matrix[2][1]   -0.01184294 
_atom_sites.fract_transf_matrix[2][2]   0.00320615 
_atom_sites.fract_transf_matrix[2][3]   -0.00805479 
_atom_sites.fract_transf_matrix[3][1]   0.00352515 
_atom_sites.fract_transf_matrix[3][2]   -0.00879970 
_atom_sites.fract_transf_matrix[3][3]   -0.00868568 
_atom_sites.fract_transf_vector[1]      0.018512 
_atom_sites.fract_transf_vector[2]      0.409558 
_atom_sites.fract_transf_vector[3]      0.021110 
# 
loop_
_atom_type.symbol 
C  
CA 
N  
O  
S  
# 
loop_
_atom_site.group_PDB 
_atom_site.id 
_atom_site.type_symbol 
_atom_site.label_atom_id 
_atom_site.label_alt_id 
_atom_site.label_comp_id 
_atom_site.label_asym_id 
_atom_site.label_entity_id 
_atom_site.label_seq_id 
_atom_site.pdbx_PDB_ins_code 
_atom_site.Cartn_x 
_atom_site.Cartn_y 
_atom_site.Cartn_z 
_atom_site.occupancy 
_atom_site.B_iso_or_equiv 
_atom_site.pdbx_formal_charge 
_atom_site.auth_seq_id 
_atom_site.auth_comp_id 
_atom_site.auth_asym_id 
_atom_site.auth_atom_id 
_atom_site.pdbx_PDB_model_num 
ATOM   1    N  N   . GLU A 1 1   ? 6.675   18.208  19.470  1.00 57.95 ? 94  GLU A N   1 
ATOM   2    C  CA  . GLU A 1 1   ? 5.539   18.079  18.515  1.00 57.88 ? 94  GLU A CA  1 
ATOM   3    C  C   . GLU A 1 1   ? 5.705   16.797  17.707  1.00 57.72 ? 94  GLU A C   1 
ATOM   4    O  O   . GLU A 1 1   ? 6.827   16.380  17.418  1.00 57.79 ? 94  GLU A O   1 
ATOM   5    C  CB  . GLU A 1 1   ? 5.513   19.284  17.574  1.00 58.16 ? 94  GLU A CB  1 
ATOM   6    C  CG  . GLU A 1 1   ? 4.220   19.466  16.793  1.00 58.48 ? 94  GLU A CG  1 
ATOM   7    C  CD  . GLU A 1 1   ? 4.327   20.581  15.769  1.00 58.76 ? 94  GLU A CD  1 
ATOM   8    O  OE1 . GLU A 1 1   ? 4.874   21.651  16.108  1.00 58.90 ? 94  GLU A OE1 1 
ATOM   9    O  OE2 . GLU A 1 1   ? 3.863   20.393  14.627  1.00 58.95 ? 94  GLU A OE2 1 
ATOM   10   N  N   . GLU A 1 2   ? 4.585   16.176  17.346  1.00 57.39 ? 95  GLU A N   1 
ATOM   11   C  CA  . GLU A 1 2   ? 4.601   14.939  16.572  1.00 56.90 ? 95  GLU A CA  1 
ATOM   12   C  C   . GLU A 1 2   ? 5.267   15.120  15.210  1.00 56.18 ? 95  GLU A C   1 
ATOM   13   O  O   . GLU A 1 2   ? 6.028   14.260  14.765  1.00 56.20 ? 95  GLU A O   1 
ATOM   14   C  CB  . GLU A 1 2   ? 3.174   14.427  16.371  1.00 57.40 ? 95  GLU A CB  1 
ATOM   15   C  CG  . GLU A 1 2   ? 2.445   14.075  17.658  1.00 58.05 ? 95  GLU A CG  1 
ATOM   16   C  CD  . GLU A 1 2   ? 0.989   13.707  17.420  1.00 58.41 ? 95  GLU A CD  1 
ATOM   17   O  OE1 . GLU A 1 2   ? 0.282   13.394  18.403  1.00 58.54 ? 95  GLU A OE1 1 
ATOM   18   O  OE2 . GLU A 1 2   ? 0.551   13.735  16.248  1.00 58.61 ? 95  GLU A OE2 1 
ATOM   19   N  N   . VAL A 1 3   ? 4.975   16.233  14.547  1.00 55.25 ? 96  VAL A N   1 
ATOM   20   C  CA  . VAL A 1 3   ? 5.551   16.511  13.236  1.00 54.31 ? 96  VAL A CA  1 
ATOM   21   C  C   . VAL A 1 3   ? 7.077   16.456  13.275  1.00 53.67 ? 96  VAL A C   1 
ATOM   22   O  O   . VAL A 1 3   ? 7.711   15.838  12.418  1.00 53.60 ? 96  VAL A O   1 
ATOM   23   C  CB  . VAL A 1 3   ? 5.133   17.902  12.721  1.00 54.34 ? 96  VAL A CB  1 
ATOM   24   C  CG1 . VAL A 1 3   ? 5.840   18.212  11.406  1.00 54.25 ? 96  VAL A CG1 1 
ATOM   25   C  CG2 . VAL A 1 3   ? 3.630   17.951  12.532  1.00 54.41 ? 96  VAL A CG2 1 
ATOM   26   N  N   . ARG A 1 4   ? 7.657   17.102  14.279  1.00 52.67 ? 97  ARG A N   1 
ATOM   27   C  CA  . ARG A 1 4   ? 9.103   17.144  14.416  1.00 51.70 ? 97  ARG A CA  1 
ATOM   28   C  C   . ARG A 1 4   ? 9.730   15.766  14.642  1.00 50.31 ? 97  ARG A C   1 
ATOM   29   O  O   . ARG A 1 4   ? 10.754  15.441  14.043  1.00 50.11 ? 97  ARG A O   1 
ATOM   30   C  CB  . ARG A 1 4   ? 9.490   18.097  15.552  1.00 52.73 ? 97  ARG A CB  1 
ATOM   31   C  CG  . ARG A 1 4   ? 9.113   19.571  15.304  1.00 54.13 ? 97  ARG A CG  1 
ATOM   32   C  CD  . ARG A 1 4   ? 7.592   19.787  15.216  1.00 55.19 ? 97  ARG A CD  1 
ATOM   33   N  NE  . ARG A 1 4   ? 7.216   21.201  15.109  1.00 56.12 ? 97  ARG A NE  1 
ATOM   34   C  CZ  . ARG A 1 4   ? 7.477   21.978  14.059  1.00 56.59 ? 97  ARG A CZ  1 
ATOM   35   N  NH1 . ARG A 1 4   ? 8.122   21.487  13.003  1.00 56.78 ? 97  ARG A NH1 1 
ATOM   36   N  NH2 . ARG A 1 4   ? 7.096   23.251  14.066  1.00 56.75 ? 97  ARG A NH2 1 
ATOM   37   N  N   . GLN A 1 5   ? 9.117   14.953  15.497  1.00 48.63 ? 98  GLN A N   1 
ATOM   38   C  CA  . GLN A 1 5   ? 9.654   13.626  15.771  1.00 47.04 ? 98  GLN A CA  1 
ATOM   39   C  C   . GLN A 1 5   ? 9.500   12.671  14.596  1.00 45.71 ? 98  GLN A C   1 
ATOM   40   O  O   . GLN A 1 5   ? 10.315  11.764  14.430  1.00 45.45 ? 98  GLN A O   1 
ATOM   41   C  CB  . GLN A 1 5   ? 9.002   13.016  17.013  1.00 47.33 ? 98  GLN A CB  1 
ATOM   42   C  CG  . GLN A 1 5   ? 9.430   13.658  18.326  1.00 47.89 ? 98  GLN A CG  1 
ATOM   43   C  CD  . GLN A 1 5   ? 10.940  13.715  18.499  1.00 48.07 ? 98  GLN A CD  1 
ATOM   44   O  OE1 . GLN A 1 5   ? 11.637  12.699  18.403  1.00 48.18 ? 98  GLN A OE1 1 
ATOM   45   N  NE2 . GLN A 1 5   ? 11.452  14.909  18.765  1.00 48.22 ? 98  GLN A NE2 1 
ATOM   46   N  N   . PHE A 1 6   ? 8.460   12.859  13.786  1.00 44.03 ? 99  PHE A N   1 
ATOM   47   C  CA  . PHE A 1 6   ? 8.273   11.984  12.634  1.00 42.58 ? 99  PHE A CA  1 
ATOM   48   C  C   . PHE A 1 6   ? 9.386   12.285  11.636  1.00 41.56 ? 99  PHE A C   1 
ATOM   49   O  O   . PHE A 1 6   ? 9.945   11.386  11.011  1.00 41.25 ? 99  PHE A O   1 
ATOM   50   C  CB  . PHE A 1 6   ? 6.911   12.208  11.963  1.00 42.16 ? 99  PHE A CB  1 
ATOM   51   C  CG  . PHE A 1 6   ? 6.692   11.333  10.757  1.00 41.63 ? 99  PHE A CG  1 
ATOM   52   C  CD1 . PHE A 1 6   ? 6.643   9.950   10.891  1.00 41.42 ? 99  PHE A CD1 1 
ATOM   53   C  CD2 . PHE A 1 6   ? 6.607   11.886  9.485   1.00 41.38 ? 99  PHE A CD2 1 
ATOM   54   C  CE1 . PHE A 1 6   ? 6.517   9.130   9.773   1.00 41.48 ? 99  PHE A CE1 1 
ATOM   55   C  CE2 . PHE A 1 6   ? 6.481   11.075  8.361   1.00 41.27 ? 99  PHE A CE2 1 
ATOM   56   C  CZ  . PHE A 1 6   ? 6.438   9.695   8.504   1.00 41.31 ? 99  PHE A CZ  1 
ATOM   57   N  N   . ARG A 1 7   ? 9.693   13.571  11.511  1.00 40.54 ? 100 ARG A N   1 
ATOM   58   C  CA  . ARG A 1 7   ? 10.742  14.056  10.626  1.00 39.60 ? 100 ARG A CA  1 
ATOM   59   C  C   . ARG A 1 7   ? 12.067  13.405  11.023  1.00 38.27 ? 100 ARG A C   1 
ATOM   60   O  O   . ARG A 1 7   ? 12.836  12.964  10.167  1.00 37.86 ? 100 ARG A O   1 
ATOM   61   C  CB  . ARG A 1 7   ? 10.845  15.571  10.764  1.00 40.31 ? 100 ARG A CB  1 
ATOM   62   C  CG  . ARG A 1 7   ? 11.811  16.225  9.817   1.00 41.69 ? 100 ARG A CG  1 
ATOM   63   C  CD  . ARG A 1 7   ? 11.063  17.120  8.843   1.00 42.97 ? 100 ARG A CD  1 
ATOM   64   N  NE  . ARG A 1 7   ? 10.249  18.123  9.530   1.00 43.67 ? 100 ARG A NE  1 
ATOM   65   C  CZ  . ARG A 1 7   ? 9.354   18.894  8.916   1.00 44.28 ? 100 ARG A CZ  1 
ATOM   66   N  NH1 . ARG A 1 7   ? 9.167   18.770  7.604   1.00 44.23 ? 100 ARG A NH1 1 
ATOM   67   N  NH2 . ARG A 1 7   ? 8.652   19.791  9.606   1.00 44.65 ? 100 ARG A NH2 1 
ATOM   68   N  N   . ARG A 1 8   ? 12.323  13.355  12.330  1.00 36.97 ? 101 ARG A N   1 
ATOM   69   C  CA  . ARG A 1 8   ? 13.542  12.750  12.858  1.00 35.66 ? 101 ARG A CA  1 
ATOM   70   C  C   . ARG A 1 8   ? 13.535  11.241  12.613  1.00 34.42 ? 101 ARG A C   1 
ATOM   71   O  O   . ARG A 1 8   ? 14.563  10.663  12.265  1.00 34.05 ? 101 ARG A O   1 
ATOM   72   C  CB  . ARG A 1 8   ? 13.687  13.029  14.361  1.00 35.76 ? 101 ARG A CB  1 
ATOM   73   C  CG  . ARG A 1 8   ? 13.831  14.506  14.734  1.00 36.32 ? 101 ARG A CG  1 
ATOM   74   C  CD  . ARG A 1 8   ? 14.890  14.692  15.830  1.00 36.74 ? 101 ARG A CD  1 
ATOM   75   N  NE  . ARG A 1 8   ? 14.733  13.689  16.872  1.00 37.55 ? 101 ARG A NE  1 
ATOM   76   C  CZ  . ARG A 1 8   ? 15.730  13.007  17.427  1.00 37.76 ? 101 ARG A CZ  1 
ATOM   77   N  NH1 . ARG A 1 8   ? 16.988  13.216  17.057  1.00 37.93 ? 101 ARG A NH1 1 
ATOM   78   N  NH2 . ARG A 1 8   ? 15.458  12.078  18.331  1.00 38.24 ? 101 ARG A NH2 1 
ATOM   79   N  N   . LEU A 1 9   ? 12.374  10.611  12.797  1.00 33.19 ? 102 LEU A N   1 
ATOM   80   C  CA  . LEU A 1 9   ? 12.245  9.171   12.563  1.00 32.34 ? 102 LEU A CA  1 
ATOM   81   C  C   . LEU A 1 9   ? 12.622  8.841   11.110  1.00 31.53 ? 102 LEU A C   1 
ATOM   82   O  O   . LEU A 1 9   ? 13.342  7.880   10.844  1.00 31.37 ? 102 LEU A O   1 
ATOM   83   C  CB  . LEU A 1 9   ? 10.809  8.702   12.838  1.00 32.20 ? 102 LEU A CB  1 
ATOM   84   C  CG  . LEU A 1 9   ? 10.532  7.223   12.530  1.00 32.16 ? 102 LEU A CG  1 
ATOM   85   C  CD1 . LEU A 1 9   ? 11.369  6.341   13.451  1.00 31.86 ? 102 LEU A CD1 1 
ATOM   86   C  CD2 . LEU A 1 9   ? 9.051   6.926   12.707  1.00 32.04 ? 102 LEU A CD2 1 
ATOM   87   N  N   . PHE A 1 10  ? 12.136  9.644   10.172  1.00 30.64 ? 103 PHE A N   1 
ATOM   88   C  CA  . PHE A 1 10  ? 12.460  9.416   8.775   1.00 30.06 ? 103 PHE A CA  1 
ATOM   89   C  C   . PHE A 1 10  ? 13.961  9.525   8.545   1.00 29.71 ? 103 PHE A C   1 
ATOM   90   O  O   . PHE A 1 10  ? 14.570  8.665   7.912   1.00 29.50 ? 103 PHE A O   1 
ATOM   91   C  CB  . PHE A 1 10  ? 11.765  10.433  7.869   1.00 29.82 ? 103 PHE A CB  1 
ATOM   92   C  CG  . PHE A 1 10  ? 12.242  10.377  6.444   1.00 29.74 ? 103 PHE A CG  1 
ATOM   93   C  CD1 . PHE A 1 10  ? 11.864  9.325   5.613   1.00 29.43 ? 103 PHE A CD1 1 
ATOM   94   C  CD2 . PHE A 1 10  ? 13.124  11.337  5.954   1.00 29.40 ? 103 PHE A CD2 1 
ATOM   95   C  CE1 . PHE A 1 10  ? 12.361  9.227   4.315   1.00 29.62 ? 103 PHE A CE1 1 
ATOM   96   C  CE2 . PHE A 1 10  ? 13.626  11.251  4.657   1.00 29.65 ? 103 PHE A CE2 1 
ATOM   97   C  CZ  . PHE A 1 10  ? 13.247  10.194  3.835   1.00 29.59 ? 103 PHE A CZ  1 
ATOM   98   N  N   . ALA A 1 11  ? 14.548  10.604  9.049   1.00 29.43 ? 104 ALA A N   1 
ATOM   99   C  CA  . ALA A 1 11  ? 15.977  10.837  8.886   1.00 29.24 ? 104 ALA A CA  1 
ATOM   100  C  C   . ALA A 1 11  ? 16.780  9.678   9.466   1.00 29.20 ? 104 ALA A C   1 
ATOM   101  O  O   . ALA A 1 11  ? 17.779  9.253   8.888   1.00 29.24 ? 104 ALA A O   1 
ATOM   102  C  CB  . ALA A 1 11  ? 16.369  12.147  9.559   1.00 28.76 ? 104 ALA A CB  1 
ATOM   103  N  N   . GLN A 1 12  ? 16.332  9.169   10.605  1.00 29.19 ? 105 GLN A N   1 
ATOM   104  C  CA  . GLN A 1 12  ? 17.003  8.057   11.261  1.00 29.44 ? 105 GLN A CA  1 
ATOM   105  C  C   . GLN A 1 12  ? 16.911  6.789   10.407  1.00 29.30 ? 105 GLN A C   1 
ATOM   106  O  O   . GLN A 1 12  ? 17.904  6.091   10.210  1.00 29.43 ? 105 GLN A O   1 
ATOM   107  C  CB  . GLN A 1 12  ? 16.377  7.827   12.646  1.00 29.95 ? 105 GLN A CB  1 
ATOM   108  C  CG  . GLN A 1 12  ? 16.862  6.584   13.394  1.00 31.15 ? 105 GLN A CG  1 
ATOM   109  C  CD  . GLN A 1 12  ? 15.972  5.364   13.166  1.00 31.92 ? 105 GLN A CD  1 
ATOM   110  O  OE1 . GLN A 1 12  ? 14.760  5.398   13.431  1.00 32.51 ? 105 GLN A OE1 1 
ATOM   111  N  NE2 . GLN A 1 12  ? 16.568  4.279   12.680  1.00 31.97 ? 105 GLN A NE2 1 
ATOM   112  N  N   . LEU A 1 13  ? 15.719  6.504   9.890   1.00 28.90 ? 106 LEU A N   1 
ATOM   113  C  CA  . LEU A 1 13  ? 15.511  5.314   9.074   1.00 28.47 ? 106 LEU A CA  1 
ATOM   114  C  C   . LEU A 1 13  ? 16.175  5.376   7.710   1.00 28.12 ? 106 LEU A C   1 
ATOM   115  O  O   . LEU A 1 13  ? 16.753  4.386   7.257   1.00 27.89 ? 106 LEU A O   1 
ATOM   116  C  CB  . LEU A 1 13  ? 14.013  5.048   8.890   1.00 28.70 ? 106 LEU A CB  1 
ATOM   117  C  CG  . LEU A 1 13  ? 13.224  4.626   10.136  1.00 28.83 ? 106 LEU A CG  1 
ATOM   118  C  CD1 . LEU A 1 13  ? 11.775  4.347   9.746   1.00 28.95 ? 106 LEU A CD1 1 
ATOM   119  C  CD2 . LEU A 1 13  ? 13.857  3.384   10.754  1.00 29.05 ? 106 LEU A CD2 1 
ATOM   120  N  N   . ALA A 1 14  ? 16.091  6.533   7.060   1.00 27.78 ? 107 ALA A N   1 
ATOM   121  C  CA  . ALA A 1 14  ? 16.670  6.715   5.730   1.00 27.66 ? 107 ALA A CA  1 
ATOM   122  C  C   . ALA A 1 14  ? 18.185  6.541   5.738   1.00 27.64 ? 107 ALA A C   1 
ATOM   123  O  O   . ALA A 1 14  ? 18.780  6.113   4.749   1.00 27.47 ? 107 ALA A O   1 
ATOM   124  C  CB  . ALA A 1 14  ? 16.301  8.092   5.175   1.00 27.10 ? 107 ALA A CB  1 
ATOM   125  N  N   . GLY A 1 15  ? 18.807  6.891   6.854   1.00 27.98 ? 108 GLY A N   1 
ATOM   126  C  CA  . GLY A 1 15  ? 20.246  6.753   6.963   1.00 28.29 ? 108 GLY A CA  1 
ATOM   127  C  C   . GLY A 1 15  ? 21.101  7.604   6.038   1.00 28.68 ? 108 GLY A C   1 
ATOM   128  O  O   . GLY A 1 15  ? 20.746  8.722   5.658   1.00 28.53 ? 108 GLY A O   1 
ATOM   129  N  N   . ASP A 1 16  ? 22.239  7.033   5.669   1.00 29.24 ? 109 ASP A N   1 
ATOM   130  C  CA  . ASP A 1 16  ? 23.249  7.665   4.828   1.00 29.76 ? 109 ASP A CA  1 
ATOM   131  C  C   . ASP A 1 16  ? 22.838  8.384   3.547   1.00 29.73 ? 109 ASP A C   1 
ATOM   132  O  O   . ASP A 1 16  ? 23.262  9.511   3.320   1.00 29.82 ? 109 ASP A O   1 
ATOM   133  C  CB  . ASP A 1 16  ? 24.326  6.631   4.493   1.00 30.63 ? 109 ASP A CB  1 
ATOM   134  C  CG  . ASP A 1 16  ? 25.021  6.088   5.732   1.00 31.32 ? 109 ASP A CG  1 
ATOM   135  O  OD1 . ASP A 1 16  ? 25.646  5.013   5.627   1.00 31.91 ? 109 ASP A OD1 1 
ATOM   136  O  OD2 . ASP A 1 16  ? 24.950  6.733   6.808   1.00 31.99 ? 109 ASP A OD2 1 
ATOM   137  N  N   . ASP A 1 17  ? 22.044  7.745   2.696   1.00 29.58 ? 110 ASP A N   1 
ATOM   138  C  CA  . ASP A 1 17  ? 21.647  8.384   1.441   1.00 29.44 ? 110 ASP A CA  1 
ATOM   139  C  C   . ASP A 1 17  ? 20.349  9.175   1.571   1.00 29.51 ? 110 ASP A C   1 
ATOM   140  O  O   . ASP A 1 17  ? 19.758  9.614   0.582   1.00 29.48 ? 110 ASP A O   1 
ATOM   141  C  CB  . ASP A 1 17  ? 21.539  7.336   0.331   1.00 29.62 ? 110 ASP A CB  1 
ATOM   142  C  CG  . ASP A 1 17  ? 20.440  6.321   0.580   1.00 29.66 ? 110 ASP A CG  1 
ATOM   143  O  OD1 . ASP A 1 17  ? 20.413  5.307   -0.144  1.00 29.99 ? 110 ASP A OD1 1 
ATOM   144  O  OD2 . ASP A 1 17  ? 19.604  6.533   1.481   1.00 29.29 ? 110 ASP A OD2 1 
ATOM   145  N  N   . MET A 1 18  ? 19.914  9.335   2.815   1.00 29.29 ? 111 MET A N   1 
ATOM   146  C  CA  . MET A 1 18  ? 18.724  10.096  3.168   1.00 29.20 ? 111 MET A CA  1 
ATOM   147  C  C   . MET A 1 18  ? 17.375  9.790   2.509   1.00 28.69 ? 111 MET A C   1 
ATOM   148  O  O   . MET A 1 18  ? 16.490  10.642  2.453   1.00 28.26 ? 111 MET A O   1 
ATOM   149  C  CB  . MET A 1 18  ? 19.066  11.577  3.061   1.00 30.18 ? 111 MET A CB  1 
ATOM   150  C  CG  . MET A 1 18  ? 20.114  11.960  4.099   1.00 31.22 ? 111 MET A CG  1 
ATOM   151  S  SD  . MET A 1 18  ? 20.757  13.588  3.887   1.00 33.39 ? 111 MET A SD  1 
ATOM   152  C  CE  . MET A 1 18  ? 22.549  13.243  4.040   1.00 32.62 ? 111 MET A CE  1 
ATOM   153  N  N   . GLU A 1 19  ? 17.218  8.569   2.018   1.00 28.19 ? 112 GLU A N   1 
ATOM   154  C  CA  . GLU A 1 19  ? 15.953  8.146   1.437   1.00 27.87 ? 112 GLU A CA  1 
ATOM   155  C  C   . GLU A 1 19  ? 15.726  6.741   1.966   1.00 27.23 ? 112 GLU A C   1 
ATOM   156  O  O   . GLU A 1 19  ? 16.680  6.056   2.316   1.00 26.89 ? 112 GLU A O   1 
ATOM   157  C  CB  . GLU A 1 19  ? 15.998  8.144   -0.104  1.00 27.93 ? 112 GLU A CB  1 
ATOM   158  C  CG  . GLU A 1 19  ? 16.078  9.533   -0.726  1.00 28.23 ? 112 GLU A CG  1 
ATOM   159  C  CD  . GLU A 1 19  ? 15.355  9.631   -2.063  1.00 28.69 ? 112 GLU A CD  1 
ATOM   160  O  OE1 . GLU A 1 19  ? 15.283  8.627   -2.797  1.00 28.61 ? 112 GLU A OE1 1 
ATOM   161  O  OE2 . GLU A 1 19  ? 14.869  10.730  -2.391  1.00 29.08 ? 112 GLU A OE2 1 
ATOM   162  N  N   . VAL A 1 20  ? 14.469  6.323   2.054   1.00 26.70 ? 113 VAL A N   1 
ATOM   163  C  CA  . VAL A 1 20  ? 14.169  4.985   2.543   1.00 26.12 ? 113 VAL A CA  1 
ATOM   164  C  C   . VAL A 1 20  ? 14.089  3.989   1.391   1.00 25.63 ? 113 VAL A C   1 
ATOM   165  O  O   . VAL A 1 20  ? 13.280  4.142   0.481   1.00 25.52 ? 113 VAL A O   1 
ATOM   166  C  CB  . VAL A 1 20  ? 12.848  4.974   3.351   1.00 26.24 ? 113 VAL A CB  1 
ATOM   167  C  CG1 . VAL A 1 20  ? 12.367  3.537   3.584   1.00 26.11 ? 113 VAL A CG1 1 
ATOM   168  C  CG2 . VAL A 1 20  ? 13.074  5.660   4.691   1.00 26.36 ? 113 VAL A CG2 1 
ATOM   169  N  N   . SER A 1 21  ? 14.950  2.976   1.433   1.00 25.26 ? 114 SER A N   1 
ATOM   170  C  CA  . SER A 1 21  ? 14.980  1.946   0.397   1.00 25.03 ? 114 SER A CA  1 
ATOM   171  C  C   . SER A 1 21  ? 13.937  0.881   0.709   1.00 24.96 ? 114 SER A C   1 
ATOM   172  O  O   . SER A 1 21  ? 13.305  0.916   1.758   1.00 24.90 ? 114 SER A O   1 
ATOM   173  C  CB  . SER A 1 21  ? 16.355  1.290   0.340   1.00 24.83 ? 114 SER A CB  1 
ATOM   174  O  OG  . SER A 1 21  ? 16.598  0.562   1.525   1.00 24.40 ? 114 SER A OG  1 
ATOM   175  N  N   . ALA A 1 22  ? 13.765  -0.070  -0.199  1.00 25.05 ? 115 ALA A N   1 
ATOM   176  C  CA  . ALA A 1 22  ? 12.795  -1.140  0.015   1.00 25.30 ? 115 ALA A CA  1 
ATOM   177  C  C   . ALA A 1 22  ? 13.207  -1.995  1.219   1.00 25.44 ? 115 ALA A C   1 
ATOM   178  O  O   . ALA A 1 22  ? 12.366  -2.471  1.978   1.00 25.23 ? 115 ALA A O   1 
ATOM   179  C  CB  . ALA A 1 22  ? 12.688  -1.998  -1.228  1.00 24.81 ? 115 ALA A CB  1 
ATOM   180  N  N   . THR A 1 23  ? 14.509  -2.195  1.383   1.00 25.88 ? 116 THR A N   1 
ATOM   181  C  CA  . THR A 1 23  ? 15.015  -2.980  2.504   1.00 26.48 ? 116 THR A CA  1 
ATOM   182  C  C   . THR A 1 23  ? 14.793  -2.232  3.811   1.00 26.60 ? 116 THR A C   1 
ATOM   183  O  O   . THR A 1 23  ? 14.404  -2.827  4.819   1.00 26.81 ? 116 THR A O   1 
ATOM   184  C  CB  . THR A 1 23  ? 16.511  -3.262  2.353   1.00 26.92 ? 116 THR A CB  1 
ATOM   185  O  OG1 . THR A 1 23  ? 16.718  -4.103  1.212   1.00 27.58 ? 116 THR A OG1 1 
ATOM   186  C  CG2 . THR A 1 23  ? 17.051  -3.949  3.598   1.00 27.14 ? 116 THR A CG2 1 
ATOM   187  N  N   . GLU A 1 24  ? 15.050  -0.927  3.798   1.00 26.36 ? 117 GLU A N   1 
ATOM   188  C  CA  . GLU A 1 24  ? 14.852  -0.124  4.997   1.00 26.47 ? 117 GLU A CA  1 
ATOM   189  C  C   . GLU A 1 24  ? 13.367  -0.095  5.351   1.00 26.34 ? 117 GLU A C   1 
ATOM   190  O  O   . GLU A 1 24  ? 13.003  -0.124  6.520   1.00 26.21 ? 117 GLU A O   1 
ATOM   191  C  CB  . GLU A 1 24  ? 15.395  1.295   4.786   1.00 26.60 ? 117 GLU A CB  1 
ATOM   192  C  CG  . GLU A 1 24  ? 16.926  1.366   4.818   1.00 26.63 ? 117 GLU A CG  1 
ATOM   193  C  CD  . GLU A 1 24  ? 17.471  2.684   4.291   1.00 26.88 ? 117 GLU A CD  1 
ATOM   194  O  OE1 . GLU A 1 24  ? 18.682  2.944   4.480   1.00 27.32 ? 117 GLU A OE1 1 
ATOM   195  O  OE2 . GLU A 1 24  ? 16.696  3.455   3.680   1.00 26.55 ? 117 GLU A OE2 1 
ATOM   196  N  N   . LEU A 1 25  ? 12.510  -0.049  4.338   1.00 26.29 ? 118 LEU A N   1 
ATOM   197  C  CA  . LEU A 1 25  ? 11.072  -0.050  4.584   1.00 26.59 ? 118 LEU A CA  1 
ATOM   198  C  C   . LEU A 1 25  ? 10.642  -1.389  5.197   1.00 26.90 ? 118 LEU A C   1 
ATOM   199  O  O   . LEU A 1 25  ? 9.932   -1.427  6.204   1.00 26.42 ? 118 LEU A O   1 
ATOM   200  C  CB  . LEU A 1 25  ? 10.301  0.184   3.282   1.00 26.02 ? 118 LEU A CB  1 
ATOM   201  C  CG  . LEU A 1 25  ? 8.783   0.033   3.416   1.00 25.70 ? 118 LEU A CG  1 
ATOM   202  C  CD1 . LEU A 1 25  ? 8.251   1.139   4.311   1.00 25.63 ? 118 LEU A CD1 1 
ATOM   203  C  CD2 . LEU A 1 25  ? 8.121   0.085   2.035   1.00 25.37 ? 118 LEU A CD2 1 
ATOM   204  N  N   . MET A 1 26  ? 11.083  -2.480  4.581   1.00 27.52 ? 119 MET A N   1 
ATOM   205  C  CA  . MET A 1 26  ? 10.747  -3.813  5.057   1.00 28.57 ? 119 MET A CA  1 
ATOM   206  C  C   . MET A 1 26  ? 11.102  -3.982  6.531   1.00 29.22 ? 119 MET A C   1 
ATOM   207  O  O   . MET A 1 26  ? 10.298  -4.482  7.324   1.00 29.13 ? 119 MET A O   1 
ATOM   208  C  CB  . MET A 1 26  ? 11.483  -4.870  4.222   1.00 28.84 ? 119 MET A CB  1 
ATOM   209  C  CG  . MET A 1 26  ? 11.382  -6.289  4.770   1.00 29.36 ? 119 MET A CG  1 
ATOM   210  S  SD  . MET A 1 26  ? 12.274  -7.483  3.754   1.00 30.54 ? 119 MET A SD  1 
ATOM   211  C  CE  . MET A 1 26  ? 13.946  -7.223  4.309   1.00 29.68 ? 119 MET A CE  1 
ATOM   212  N  N   . ASN A 1 27  ? 12.303  -3.545  6.901   1.00 29.78 ? 120 ASN A N   1 
ATOM   213  C  CA  . ASN A 1 27  ? 12.752  -3.681  8.275   1.00 30.44 ? 120 ASN A CA  1 
ATOM   214  C  C   . ASN A 1 27  ? 11.911  -2.927  9.285   1.00 30.73 ? 120 ASN A C   1 
ATOM   215  O  O   . ASN A 1 27  ? 11.561  -3.486  10.330  1.00 31.04 ? 120 ASN A O   1 
ATOM   216  C  CB  . ASN A 1 27  ? 14.234  -3.305  8.392   1.00 30.57 ? 120 ASN A CB  1 
ATOM   217  C  CG  . ASN A 1 27  ? 15.126  -4.301  7.676   1.00 30.82 ? 120 ASN A CG  1 
ATOM   218  O  OD1 . ASN A 1 27  ? 14.764  -5.469  7.542   1.00 31.29 ? 120 ASN A OD1 1 
ATOM   219  N  ND2 . ASN A 1 27  ? 16.294  -3.855  7.223   1.00 30.99 ? 120 ASN A ND2 1 
ATOM   220  N  N   . ILE A 1 28  ? 11.557  -1.683  8.985   1.00 31.12 ? 121 ILE A N   1 
ATOM   221  C  CA  . ILE A 1 28  ? 10.739  -0.932  9.928   1.00 31.55 ? 121 ILE A CA  1 
ATOM   222  C  C   . ILE A 1 28  ? 9.308   -1.489  9.981   1.00 32.03 ? 121 ILE A C   1 
ATOM   223  O  O   . ILE A 1 28  ? 8.717   -1.566  11.055  1.00 31.84 ? 121 ILE A O   1 
ATOM   224  C  CB  . ILE A 1 28  ? 10.724  0.599   9.610   1.00 31.39 ? 121 ILE A CB  1 
ATOM   225  C  CG1 . ILE A 1 28  ? 9.969   1.348   10.709  1.00 31.35 ? 121 ILE A CG1 1 
ATOM   226  C  CG2 . ILE A 1 28  ? 10.061  0.871   8.272   1.00 31.50 ? 121 ILE A CG2 1 
ATOM   227  C  CD1 . ILE A 1 28  ? 10.500  1.095   12.114  1.00 31.49 ? 121 ILE A CD1 1 
ATOM   228  N  N   . LEU A 1 29  ? 8.764   -1.904  8.839   1.00 32.44 ? 122 LEU A N   1 
ATOM   229  C  CA  . LEU A 1 29  ? 7.411   -2.453  8.821   1.00 33.26 ? 122 LEU A CA  1 
ATOM   230  C  C   . LEU A 1 29  ? 7.300   -3.766  9.596   1.00 34.00 ? 122 LEU A C   1 
ATOM   231  O  O   . LEU A 1 29  ? 6.343   -3.968  10.341  1.00 33.82 ? 122 LEU A O   1 
ATOM   232  C  CB  . LEU A 1 29  ? 6.915   -2.667  7.380   1.00 32.79 ? 122 LEU A CB  1 
ATOM   233  C  CG  . LEU A 1 29  ? 6.610   -1.414  6.553   1.00 32.69 ? 122 LEU A CG  1 
ATOM   234  C  CD1 . LEU A 1 29  ? 6.065   -1.818  5.197   1.00 32.55 ? 122 LEU A CD1 1 
ATOM   235  C  CD2 . LEU A 1 29  ? 5.605   -0.540  7.281   1.00 32.50 ? 122 LEU A CD2 1 
ATOM   236  N  N   . ASN A 1 30  ? 8.267   -4.663  9.425   1.00 35.12 ? 123 ASN A N   1 
ATOM   237  C  CA  . ASN A 1 30  ? 8.213   -5.932  10.144  1.00 36.46 ? 123 ASN A CA  1 
ATOM   238  C  C   . ASN A 1 30  ? 8.438   -5.721  11.633  1.00 37.61 ? 123 ASN A C   1 
ATOM   239  O  O   . ASN A 1 30  ? 7.795   -6.357  12.464  1.00 37.78 ? 123 ASN A O   1 
ATOM   240  C  CB  . ASN A 1 30  ? 9.246   -6.927  9.604   1.00 35.75 ? 123 ASN A CB  1 
ATOM   241  C  CG  . ASN A 1 30  ? 8.885   -7.439  8.234   1.00 35.43 ? 123 ASN A CG  1 
ATOM   242  O  OD1 . ASN A 1 30  ? 7.713   -7.644  7.938   1.00 35.10 ? 123 ASN A OD1 1 
ATOM   243  N  ND2 . ASN A 1 30  ? 9.889   -7.657  7.391   1.00 35.18 ? 123 ASN A ND2 1 
ATOM   244  N  N   . LYS A 1 31  ? 9.350   -4.821  11.966  1.00 39.12 ? 124 LYS A N   1 
ATOM   245  C  CA  . LYS A 1 31  ? 9.639   -4.540  13.362  1.00 40.69 ? 124 LYS A CA  1 
ATOM   246  C  C   . LYS A 1 31  ? 8.421   -3.910  14.025  1.00 41.64 ? 124 LYS A C   1 
ATOM   247  O  O   . LYS A 1 31  ? 8.239   -4.018  15.232  1.00 41.82 ? 124 LYS A O   1 
ATOM   248  C  CB  . LYS A 1 31  ? 10.861  -3.617  13.464  1.00 40.97 ? 124 LYS A CB  1 
ATOM   249  C  CG  . LYS A 1 31  ? 11.051  -2.953  14.817  1.00 41.71 ? 124 LYS A CG  1 
ATOM   250  C  CD  . LYS A 1 31  ? 12.525  -2.752  15.155  1.00 42.23 ? 124 LYS A CD  1 
ATOM   251  C  CE  . LYS A 1 31  ? 13.276  -1.961  14.095  1.00 42.62 ? 124 LYS A CE  1 
ATOM   252  N  NZ  . LYS A 1 31  ? 14.716  -1.795  14.468  1.00 42.73 ? 124 LYS A NZ  1 
ATOM   253  N  N   . VAL A 1 32  ? 7.572   -3.270  13.230  1.00 42.77 ? 125 VAL A N   1 
ATOM   254  C  CA  . VAL A 1 32  ? 6.387   -2.634  13.777  1.00 43.79 ? 125 VAL A CA  1 
ATOM   255  C  C   . VAL A 1 32  ? 5.170   -3.555  13.838  1.00 44.64 ? 125 VAL A C   1 
ATOM   256  O  O   . VAL A 1 32  ? 4.383   -3.465  14.782  1.00 44.84 ? 125 VAL A O   1 
ATOM   257  C  CB  . VAL A 1 32  ? 6.022   -1.351  12.992  1.00 44.05 ? 125 VAL A CB  1 
ATOM   258  C  CG1 . VAL A 1 32  ? 4.729   -0.752  13.535  1.00 44.26 ? 125 VAL A CG1 1 
ATOM   259  C  CG2 . VAL A 1 32  ? 7.145   -0.333  13.119  1.00 44.16 ? 125 VAL A CG2 1 
ATOM   260  N  N   . VAL A 1 33  ? 5.006   -4.439  12.853  1.00 45.35 ? 126 VAL A N   1 
ATOM   261  C  CA  . VAL A 1 33  ? 3.859   -5.350  12.874  1.00 46.12 ? 126 VAL A CA  1 
ATOM   262  C  C   . VAL A 1 33  ? 3.974   -6.357  14.007  1.00 46.69 ? 126 VAL A C   1 
ATOM   263  O  O   . VAL A 1 33  ? 2.966   -6.797  14.551  1.00 46.74 ? 126 VAL A O   1 
ATOM   264  C  CB  . VAL A 1 33  ? 3.696   -6.152  11.559  1.00 46.15 ? 126 VAL A CB  1 
ATOM   265  C  CG1 . VAL A 1 33  ? 3.337   -5.224  10.420  1.00 46.26 ? 126 VAL A CG1 1 
ATOM   266  C  CG2 . VAL A 1 33  ? 4.963   -6.924  11.258  1.00 46.26 ? 126 VAL A CG2 1 
ATOM   267  N  N   . THR A 1 34  ? 5.202   -6.729  14.355  1.00 47.41 ? 127 THR A N   1 
ATOM   268  C  CA  . THR A 1 34  ? 5.424   -7.690  15.434  1.00 48.12 ? 127 THR A CA  1 
ATOM   269  C  C   . THR A 1 34  ? 4.784   -7.209  16.736  1.00 48.50 ? 127 THR A C   1 
ATOM   270  O  O   . THR A 1 34  ? 4.302   -8.011  17.533  1.00 48.57 ? 127 THR A O   1 
ATOM   271  C  CB  . THR A 1 34  ? 6.935   -7.933  15.666  1.00 48.33 ? 127 THR A CB  1 
ATOM   272  O  OG1 . THR A 1 34  ? 7.496   -8.586  14.519  1.00 48.48 ? 127 THR A OG1 1 
ATOM   273  C  CG2 . THR A 1 34  ? 7.155   -8.808  16.896  1.00 48.50 ? 127 THR A CG2 1 
ATOM   274  N  N   . ARG A 1 35  ? 4.773   -5.896  16.943  1.00 48.89 ? 128 ARG A N   1 
ATOM   275  C  CA  . ARG A 1 35  ? 4.179   -5.314  18.143  1.00 49.25 ? 128 ARG A CA  1 
ATOM   276  C  C   . ARG A 1 35  ? 2.649   -5.386  18.082  1.00 49.35 ? 128 ARG A C   1 
ATOM   277  O  O   . ARG A 1 35  ? 1.956   -4.893  18.975  1.00 49.44 ? 128 ARG A O   1 
ATOM   278  C  CB  . ARG A 1 35  ? 4.596   -3.850  18.282  1.00 49.78 ? 128 ARG A CB  1 
ATOM   279  C  CG  . ARG A 1 35  ? 6.076   -3.606  18.512  1.00 50.53 ? 128 ARG A CG  1 
ATOM   280  C  CD  . ARG A 1 35  ? 6.375   -2.117  18.374  1.00 51.29 ? 128 ARG A CD  1 
ATOM   281  N  NE  . ARG A 1 35  ? 7.682   -1.737  18.907  1.00 52.28 ? 128 ARG A NE  1 
ATOM   282  C  CZ  . ARG A 1 35  ? 8.847   -2.232  18.494  1.00 52.57 ? 128 ARG A CZ  1 
ATOM   283  N  NH1 . ARG A 1 35  ? 8.884   -3.141  17.530  1.00 52.95 ? 128 ARG A NH1 1 
ATOM   284  N  NH2 . ARG A 1 35  ? 9.980   -1.816  19.049  1.00 52.92 ? 128 ARG A NH2 1 
ATOM   285  N  N   . HIS A 1 36  ? 2.126   -5.994  17.024  1.00 49.12 ? 129 HIS A N   1 
ATOM   286  C  CA  . HIS A 1 36  ? 0.685   -6.101  16.857  1.00 48.80 ? 129 HIS A CA  1 
ATOM   287  C  C   . HIS A 1 36  ? 0.266   -7.489  16.381  1.00 48.56 ? 129 HIS A C   1 
ATOM   288  O  O   . HIS A 1 36  ? -0.092  -7.675  15.218  1.00 48.55 ? 129 HIS A O   1 
ATOM   289  C  CB  . HIS A 1 36  ? 0.209   -5.045  15.861  1.00 49.04 ? 129 HIS A CB  1 
ATOM   290  C  CG  . HIS A 1 36  ? 0.493   -3.639  16.292  1.00 49.30 ? 129 HIS A CG  1 
ATOM   291  N  ND1 . HIS A 1 36  ? -0.160  -3.038  17.346  1.00 49.40 ? 129 HIS A ND1 1 
ATOM   292  C  CD2 . HIS A 1 36  ? 1.362   -2.718  15.811  1.00 49.31 ? 129 HIS A CD2 1 
ATOM   293  C  CE1 . HIS A 1 36  ? 0.292   -1.804  17.495  1.00 49.37 ? 129 HIS A CE1 1 
ATOM   294  N  NE2 . HIS A 1 36  ? 1.216   -1.586  16.577  1.00 49.40 ? 129 HIS A NE2 1 
ATOM   295  N  N   . PRO A 1 37  ? 0.306   -8.483  17.281  1.00 48.20 ? 130 PRO A N   1 
ATOM   296  C  CA  . PRO A 1 37  ? -0.070  -9.865  16.966  1.00 47.74 ? 130 PRO A CA  1 
ATOM   297  C  C   . PRO A 1 37  ? -1.510  -9.976  16.471  1.00 47.28 ? 130 PRO A C   1 
ATOM   298  O  O   . PRO A 1 37  ? -1.886  -10.965 15.840  1.00 47.37 ? 130 PRO A O   1 
ATOM   299  C  CB  . PRO A 1 37  ? 0.154   -10.589 18.292  1.00 47.90 ? 130 PRO A CB  1 
ATOM   300  C  CG  . PRO A 1 37  ? -0.122  -9.518  19.300  1.00 48.08 ? 130 PRO A CG  1 
ATOM   301  C  CD  . PRO A 1 37  ? 0.621   -8.347  18.712  1.00 48.13 ? 130 PRO A CD  1 
ATOM   302  N  N   . ASP A 1 38  ? -2.310  -8.955  16.761  1.00 46.63 ? 131 ASP A N   1 
ATOM   303  C  CA  . ASP A 1 38  ? -3.702  -8.916  16.325  1.00 45.80 ? 131 ASP A CA  1 
ATOM   304  C  C   . ASP A 1 38  ? -3.771  -8.673  14.812  1.00 45.18 ? 131 ASP A C   1 
ATOM   305  O  O   . ASP A 1 38  ? -4.854  -8.579  14.226  1.00 45.25 ? 131 ASP A O   1 
ATOM   306  C  CB  . ASP A 1 38  ? -4.456  -7.814  17.072  1.00 46.11 ? 131 ASP A CB  1 
ATOM   307  C  CG  . ASP A 1 38  ? -3.745  -6.473  17.016  1.00 46.17 ? 131 ASP A CG  1 
ATOM   308  O  OD1 . ASP A 1 38  ? -2.561  -6.405  17.414  1.00 46.27 ? 131 ASP A OD1 1 
ATOM   309  O  OD2 . ASP A 1 38  ? -4.375  -5.484  16.583  1.00 46.34 ? 131 ASP A OD2 1 
ATOM   310  N  N   . LEU A 1 39  ? -2.601  -8.561  14.188  1.00 44.09 ? 132 LEU A N   1 
ATOM   311  C  CA  . LEU A 1 39  ? -2.511  -8.363  12.747  1.00 42.85 ? 132 LEU A CA  1 
ATOM   312  C  C   . LEU A 1 39  ? -1.786  -9.580  12.184  1.00 41.97 ? 132 LEU A C   1 
ATOM   313  O  O   . LEU A 1 39  ? -0.560  -9.619  12.158  1.00 41.98 ? 132 LEU A O   1 
ATOM   314  C  CB  . LEU A 1 39  ? -1.720  -7.095  12.424  1.00 42.74 ? 132 LEU A CB  1 
ATOM   315  C  CG  . LEU A 1 39  ? -2.268  -5.753  12.919  1.00 42.82 ? 132 LEU A CG  1 
ATOM   316  C  CD1 . LEU A 1 39  ? -1.283  -4.642  12.572  1.00 42.56 ? 132 LEU A CD1 1 
ATOM   317  C  CD2 . LEU A 1 39  ? -3.623  -5.478  12.293  1.00 42.81 ? 132 LEU A CD2 1 
ATOM   318  N  N   . LYS A 1 40  ? -2.544  -10.581 11.756  1.00 40.87 ? 133 LYS A N   1 
ATOM   319  C  CA  . LYS A 1 40  ? -1.953  -11.796 11.208  1.00 39.95 ? 133 LYS A CA  1 
ATOM   320  C  C   . LYS A 1 40  ? -1.178  -11.457 9.943   1.00 38.98 ? 133 LYS A C   1 
ATOM   321  O  O   . LYS A 1 40  ? -1.686  -10.763 9.063   1.00 38.87 ? 133 LYS A O   1 
ATOM   322  C  CB  . LYS A 1 40  ? -3.045  -12.817 10.879  1.00 40.54 ? 133 LYS A CB  1 
ATOM   323  C  CG  . LYS A 1 40  ? -2.604  -14.280 10.930  1.00 41.14 ? 133 LYS A CG  1 
ATOM   324  C  CD  . LYS A 1 40  ? -1.548  -14.625 9.881   1.00 42.03 ? 133 LYS A CD  1 
ATOM   325  C  CE  . LYS A 1 40  ? -2.116  -14.663 8.455   1.00 42.61 ? 133 LYS A CE  1 
ATOM   326  N  NZ  . LYS A 1 40  ? -1.059  -14.940 7.413   1.00 42.97 ? 133 LYS A NZ  1 
ATOM   327  N  N   . THR A 1 41  ? 0.053   -11.949 9.861   1.00 37.83 ? 134 THR A N   1 
ATOM   328  C  CA  . THR A 1 41  ? 0.908   -11.715 8.706   1.00 36.56 ? 134 THR A CA  1 
ATOM   329  C  C   . THR A 1 41  ? 2.116   -12.632 8.695   1.00 35.94 ? 134 THR A C   1 
ATOM   330  O  O   . THR A 1 41  ? 2.639   -13.000 9.746   1.00 35.60 ? 134 THR A O   1 
ATOM   331  C  CB  . THR A 1 41  ? 1.443   -10.268 8.663   1.00 36.38 ? 134 THR A CB  1 
ATOM   332  O  OG1 . THR A 1 41  ? 2.409   -10.153 7.608   1.00 35.90 ? 134 THR A OG1 1 
ATOM   333  C  CG2 . THR A 1 41  ? 2.103   -9.896  9.978   1.00 36.01 ? 134 THR A CG2 1 
ATOM   334  N  N   . ASP A 1 42  ? 2.551   -12.998 7.493   1.00 35.02 ? 135 ASP A N   1 
ATOM   335  C  CA  . ASP A 1 42  ? 3.729   -13.830 7.334   1.00 34.25 ? 135 ASP A CA  1 
ATOM   336  C  C   . ASP A 1 42  ? 4.916   -12.878 7.176   1.00 33.73 ? 135 ASP A C   1 
ATOM   337  O  O   . ASP A 1 42  ? 6.036   -13.293 6.872   1.00 33.90 ? 135 ASP A O   1 
ATOM   338  C  CB  . ASP A 1 42  ? 3.575   -14.757 6.119   1.00 34.34 ? 135 ASP A CB  1 
ATOM   339  C  CG  . ASP A 1 42  ? 3.302   -14.008 4.811   1.00 34.37 ? 135 ASP A CG  1 
ATOM   340  O  OD1 . ASP A 1 42  ? 2.532   -13.024 4.813   1.00 34.04 ? 135 ASP A OD1 1 
ATOM   341  O  OD2 . ASP A 1 42  ? 3.850   -14.431 3.769   1.00 34.39 ? 135 ASP A OD2 1 
ATOM   342  N  N   . GLY A 1 43  ? 4.639   -11.593 7.402   1.00 32.85 ? 136 GLY A N   1 
ATOM   343  C  CA  . GLY A 1 43  ? 5.648   -10.550 7.310   1.00 31.96 ? 136 GLY A CA  1 
ATOM   344  C  C   . GLY A 1 43  ? 5.697   -9.815  5.979   1.00 31.22 ? 136 GLY A C   1 
ATOM   345  O  O   . GLY A 1 43  ? 5.102   -10.260 4.999   1.00 31.03 ? 136 GLY A O   1 
ATOM   346  N  N   . PHE A 1 44  ? 6.396   -8.681  5.948   1.00 30.39 ? 137 PHE A N   1 
ATOM   347  C  CA  . PHE A 1 44  ? 6.549   -7.920  4.715   1.00 29.88 ? 137 PHE A CA  1 
ATOM   348  C  C   . PHE A 1 44  ? 7.808   -8.385  3.980   1.00 29.56 ? 137 PHE A C   1 
ATOM   349  O  O   . PHE A 1 44  ? 8.922   -8.056  4.378   1.00 29.63 ? 137 PHE A O   1 
ATOM   350  C  CB  . PHE A 1 44  ? 6.654   -6.414  4.992   1.00 29.52 ? 137 PHE A CB  1 
ATOM   351  C  CG  . PHE A 1 44  ? 5.343   -5.762  5.336   1.00 29.46 ? 137 PHE A CG  1 
ATOM   352  C  CD1 . PHE A 1 44  ? 4.916   -5.675  6.659   1.00 29.24 ? 137 PHE A CD1 1 
ATOM   353  C  CD2 . PHE A 1 44  ? 4.527   -5.249  4.334   1.00 29.34 ? 137 PHE A CD2 1 
ATOM   354  C  CE1 . PHE A 1 44  ? 3.700   -5.086  6.976   1.00 29.17 ? 137 PHE A CE1 1 
ATOM   355  C  CE2 . PHE A 1 44  ? 3.301   -4.657  4.643   1.00 29.22 ? 137 PHE A CE2 1 
ATOM   356  C  CZ  . PHE A 1 44  ? 2.889   -4.576  5.969   1.00 29.15 ? 137 PHE A CZ  1 
ATOM   357  N  N   . GLY A 1 45  ? 7.621   -9.152  2.911   1.00 29.20 ? 138 GLY A N   1 
ATOM   358  C  CA  . GLY A 1 45  ? 8.749   -9.639  2.138   1.00 28.78 ? 138 GLY A CA  1 
ATOM   359  C  C   . GLY A 1 45  ? 9.412   -8.527  1.344   1.00 28.63 ? 138 GLY A C   1 
ATOM   360  O  O   . GLY A 1 45  ? 8.804   -7.482  1.098   1.00 28.22 ? 138 GLY A O   1 
ATOM   361  N  N   . ILE A 1 46  ? 10.655  -8.758  0.929   1.00 28.58 ? 139 ILE A N   1 
ATOM   362  C  CA  . ILE A 1 46  ? 11.408  -7.763  0.176   1.00 28.33 ? 139 ILE A CA  1 
ATOM   363  C  C   . ILE A 1 46  ? 10.750  -7.401  -1.150  1.00 28.39 ? 139 ILE A C   1 
ATOM   364  O  O   . ILE A 1 46  ? 10.666  -6.225  -1.501  1.00 28.32 ? 139 ILE A O   1 
ATOM   365  C  CB  . ILE A 1 46  ? 12.854  -8.240  -0.093  1.00 28.36 ? 139 ILE A CB  1 
ATOM   366  C  CG1 . ILE A 1 46  ? 13.662  -7.121  -0.756  1.00 28.33 ? 139 ILE A CG1 1 
ATOM   367  C  CG2 . ILE A 1 46  ? 12.841  -9.468  -0.988  1.00 28.15 ? 139 ILE A CG2 1 
ATOM   368  C  CD1 . ILE A 1 46  ? 13.642  -5.806  0.015   1.00 28.41 ? 139 ILE A CD1 1 
ATOM   369  N  N   . ASP A 1 47  ? 10.272  -8.401  -1.886  1.00 28.18 ? 140 ASP A N   1 
ATOM   370  C  CA  . ASP A 1 47  ? 9.640   -8.134  -3.168  1.00 27.89 ? 140 ASP A CA  1 
ATOM   371  C  C   . ASP A 1 47  ? 8.414   -7.229  -3.010  1.00 27.51 ? 140 ASP A C   1 
ATOM   372  O  O   . ASP A 1 47  ? 8.191   -6.325  -3.819  1.00 27.22 ? 140 ASP A O   1 
ATOM   373  C  CB  . ASP A 1 47  ? 9.262   -9.451  -3.853  1.00 28.62 ? 140 ASP A CB  1 
ATOM   374  C  CG  . ASP A 1 47  ? 10.479  -10.330 -4.139  1.00 29.70 ? 140 ASP A CG  1 
ATOM   375  O  OD1 . ASP A 1 47  ? 11.408  -9.864  -4.842  1.00 30.20 ? 140 ASP A OD1 1 
ATOM   376  O  OD2 . ASP A 1 47  ? 10.511  -11.487 -3.662  1.00 29.99 ? 140 ASP A OD2 1 
ATOM   377  N  N   . THR A 1 48  ? 7.628   -7.460  -1.961  1.00 27.04 ? 141 THR A N   1 
ATOM   378  C  CA  . THR A 1 48  ? 6.445   -6.639  -1.713  1.00 26.77 ? 141 THR A CA  1 
ATOM   379  C  C   . THR A 1 48  ? 6.855   -5.195  -1.422  1.00 26.44 ? 141 THR A C   1 
ATOM   380  O  O   . THR A 1 48  ? 6.220   -4.252  -1.885  1.00 26.12 ? 141 THR A O   1 
ATOM   381  C  CB  . THR A 1 48  ? 5.634   -7.178  -0.518  1.00 26.87 ? 141 THR A CB  1 
ATOM   382  O  OG1 . THR A 1 48  ? 4.965   -8.385  -0.899  1.00 26.92 ? 141 THR A OG1 1 
ATOM   383  C  CG2 . THR A 1 48  ? 4.611   -6.158  -0.065  1.00 27.09 ? 141 THR A CG2 1 
ATOM   384  N  N   . CYS A 1 49  ? 7.926   -5.029  -0.653  1.00 26.13 ? 142 CYS A N   1 
ATOM   385  C  CA  . CYS A 1 49  ? 8.407   -3.698  -0.311  1.00 26.05 ? 142 CYS A CA  1 
ATOM   386  C  C   . CYS A 1 49  ? 9.003   -2.962  -1.515  1.00 26.11 ? 142 CYS A C   1 
ATOM   387  O  O   . CYS A 1 49  ? 8.915   -1.737  -1.611  1.00 26.05 ? 142 CYS A O   1 
ATOM   388  C  CB  . CYS A 1 49  ? 9.425   -3.795  0.821   1.00 25.86 ? 142 CYS A CB  1 
ATOM   389  S  SG  . CYS A 1 49  ? 8.664   -4.339  2.356   1.00 25.52 ? 142 CYS A SG  1 
ATOM   390  N  N   . ARG A 1 50  ? 9.604   -3.702  -2.437  1.00 26.06 ? 143 ARG A N   1 
ATOM   391  C  CA  . ARG A 1 50  ? 10.161  -3.069  -3.623  1.00 26.59 ? 143 ARG A CA  1 
ATOM   392  C  C   . ARG A 1 50  ? 8.998   -2.589  -4.497  1.00 26.34 ? 143 ARG A C   1 
ATOM   393  O  O   . ARG A 1 50  ? 9.091   -1.566  -5.180  1.00 26.08 ? 143 ARG A O   1 
ATOM   394  C  CB  . ARG A 1 50  ? 11.056  -4.058  -4.366  1.00 27.39 ? 143 ARG A CB  1 
ATOM   395  C  CG  . ARG A 1 50  ? 12.299  -4.385  -3.555  1.00 28.98 ? 143 ARG A CG  1 
ATOM   396  C  CD  . ARG A 1 50  ? 12.964  -5.655  -4.015  1.00 30.74 ? 143 ARG A CD  1 
ATOM   397  N  NE  . ARG A 1 50  ? 13.832  -5.427  -5.155  1.00 32.26 ? 143 ARG A NE  1 
ATOM   398  C  CZ  . ARG A 1 50  ? 15.145  -5.247  -5.063  1.00 33.10 ? 143 ARG A CZ  1 
ATOM   399  N  NH1 . ARG A 1 50  ? 15.855  -5.042  -6.165  1.00 33.29 ? 143 ARG A NH1 1 
ATOM   400  N  NH2 . ARG A 1 50  ? 15.745  -5.285  -3.874  1.00 33.51 ? 143 ARG A NH2 1 
ATOM   401  N  N   . SER A 1 51  ? 7.892   -3.321  -4.448  1.00 25.82 ? 144 SER A N   1 
ATOM   402  C  CA  . SER A 1 51  ? 6.714   -2.944  -5.209  1.00 25.71 ? 144 SER A CA  1 
ATOM   403  C  C   . SER A 1 51  ? 6.103   -1.675  -4.622  1.00 25.09 ? 144 SER A C   1 
ATOM   404  O  O   . SER A 1 51  ? 5.742   -0.761  -5.357  1.00 24.76 ? 144 SER A O   1 
ATOM   405  C  CB  . SER A 1 51  ? 5.685   -4.077  -5.199  1.00 26.09 ? 144 SER A CB  1 
ATOM   406  O  OG  . SER A 1 51  ? 4.416   -3.595  -5.606  1.00 27.32 ? 144 SER A OG  1 
ATOM   407  N  N   . MET A 1 52  ? 5.997   -1.619  -3.296  1.00 24.92 ? 145 MET A N   1 
ATOM   408  C  CA  . MET A 1 52  ? 5.441   -0.448  -2.628  1.00 24.91 ? 145 MET A CA  1 
ATOM   409  C  C   . MET A 1 52  ? 6.325   0.786   -2.821  1.00 24.58 ? 145 MET A C   1 
ATOM   410  O  O   . MET A 1 52  ? 5.826   1.896   -2.971  1.00 24.30 ? 145 MET A O   1 
ATOM   411  C  CB  . MET A 1 52  ? 5.255   -0.707  -1.121  1.00 25.33 ? 145 MET A CB  1 
ATOM   412  C  CG  . MET A 1 52  ? 4.107   -1.638  -0.759  1.00 25.81 ? 145 MET A CG  1 
ATOM   413  S  SD  . MET A 1 52  ? 3.819   -1.700  1.024   1.00 27.34 ? 145 MET A SD  1 
ATOM   414  C  CE  . MET A 1 52  ? 5.147   -2.784  1.530   1.00 26.75 ? 145 MET A CE  1 
ATOM   415  N  N   . VAL A 1 53  ? 7.639   0.599   -2.791  1.00 24.57 ? 146 VAL A N   1 
ATOM   416  C  CA  . VAL A 1 53  ? 8.552   1.725   -2.983  1.00 24.19 ? 146 VAL A CA  1 
ATOM   417  C  C   . VAL A 1 53  ? 8.432   2.276   -4.407  1.00 24.46 ? 146 VAL A C   1 
ATOM   418  O  O   . VAL A 1 53  ? 8.288   3.483   -4.601  1.00 24.29 ? 146 VAL A O   1 
ATOM   419  C  CB  . VAL A 1 53  ? 10.027  1.314   -2.719  1.00 24.09 ? 146 VAL A CB  1 
ATOM   420  C  CG1 . VAL A 1 53  ? 10.985  2.359   -3.305  1.00 23.72 ? 146 VAL A CG1 1 
ATOM   421  C  CG2 . VAL A 1 53  ? 10.261  1.169   -1.209  1.00 23.49 ? 146 VAL A CG2 1 
ATOM   422  N  N   . ALA A 1 54  ? 8.476   1.390   -5.397  1.00 24.49 ? 147 ALA A N   1 
ATOM   423  C  CA  . ALA A 1 54  ? 8.390   1.807   -6.793  1.00 24.90 ? 147 ALA A CA  1 
ATOM   424  C  C   . ALA A 1 54  ? 7.112   2.578   -7.076  1.00 25.03 ? 147 ALA A C   1 
ATOM   425  O  O   . ALA A 1 54  ? 7.133   3.648   -7.678  1.00 24.86 ? 147 ALA A O   1 
ATOM   426  C  CB  . ALA A 1 54  ? 8.476   0.589   -7.722  1.00 24.54 ? 147 ALA A CB  1 
ATOM   427  N  N   . VAL A 1 55  ? 5.994   2.032   -6.629  1.00 25.49 ? 148 VAL A N   1 
ATOM   428  C  CA  . VAL A 1 55  ? 4.718   2.665   -6.858  1.00 25.96 ? 148 VAL A CA  1 
ATOM   429  C  C   . VAL A 1 55  ? 4.620   4.031   -6.170  1.00 26.61 ? 148 VAL A C   1 
ATOM   430  O  O   . VAL A 1 55  ? 3.887   4.906   -6.623  1.00 26.77 ? 148 VAL A O   1 
ATOM   431  C  CB  . VAL A 1 55  ? 3.581   1.692   -6.429  1.00 25.84 ? 148 VAL A CB  1 
ATOM   432  C  CG1 . VAL A 1 55  ? 2.745   2.269   -5.312  1.00 25.77 ? 148 VAL A CG1 1 
ATOM   433  C  CG2 . VAL A 1 55  ? 2.746   1.348   -7.632  1.00 25.45 ? 148 VAL A CG2 1 
ATOM   434  N  N   . MET A 1 56  ? 5.380   4.217   -5.092  1.00 27.20 ? 149 MET A N   1 
ATOM   435  C  CA  . MET A 1 56  ? 5.381   5.482   -4.349  1.00 27.86 ? 149 MET A CA  1 
ATOM   436  C  C   . MET A 1 56  ? 6.489   6.447   -4.782  1.00 28.32 ? 149 MET A C   1 
ATOM   437  O  O   . MET A 1 56  ? 6.498   7.607   -4.368  1.00 28.52 ? 149 MET A O   1 
ATOM   438  C  CB  . MET A 1 56  ? 5.549   5.221   -2.852  1.00 28.08 ? 149 MET A CB  1 
ATOM   439  C  CG  . MET A 1 56  ? 4.326   4.668   -2.140  1.00 28.50 ? 149 MET A CG  1 
ATOM   440  S  SD  . MET A 1 56  ? 2.954   5.818   -2.206  1.00 28.89 ? 149 MET A SD  1 
ATOM   441  C  CE  . MET A 1 56  ? 3.784   7.363   -1.792  1.00 29.28 ? 149 MET A CE  1 
ATOM   442  N  N   . ASP A 1 57  ? 7.411   5.968   -5.612  1.00 28.77 ? 150 ASP A N   1 
ATOM   443  C  CA  . ASP A 1 57  ? 8.555   6.756   -6.074  1.00 29.31 ? 150 ASP A CA  1 
ATOM   444  C  C   . ASP A 1 57  ? 8.209   7.682   -7.246  1.00 30.07 ? 150 ASP A C   1 
ATOM   445  O  O   . ASP A 1 57  ? 8.631   7.459   -8.384  1.00 30.08 ? 150 ASP A O   1 
ATOM   446  C  CB  . ASP A 1 57  ? 9.691   5.790   -6.443  1.00 28.58 ? 150 ASP A CB  1 
ATOM   447  C  CG  . ASP A 1 57  ? 10.978  6.497   -6.816  1.00 28.12 ? 150 ASP A CG  1 
ATOM   448  O  OD1 . ASP A 1 57  ? 11.279  7.552   -6.227  1.00 27.30 ? 150 ASP A OD1 1 
ATOM   449  O  OD2 . ASP A 1 57  ? 11.700  5.977   -7.693  1.00 27.52 ? 150 ASP A OD2 1 
ATOM   450  N  N   . SER A 1 58  ? 7.451   8.731   -6.943  1.00 30.82 ? 151 SER A N   1 
ATOM   451  C  CA  . SER A 1 58  ? 7.003   9.696   -7.939  1.00 31.67 ? 151 SER A CA  1 
ATOM   452  C  C   . SER A 1 58  ? 8.112   10.487  -8.613  1.00 31.92 ? 151 SER A C   1 
ATOM   453  O  O   . SER A 1 58  ? 7.965   10.890  -9.768  1.00 32.06 ? 151 SER A O   1 
ATOM   454  C  CB  . SER A 1 58  ? 6.011   10.678  -7.313  1.00 32.09 ? 151 SER A CB  1 
ATOM   455  O  OG  . SER A 1 58  ? 4.913   9.991   -6.745  1.00 33.12 ? 151 SER A OG  1 
ATOM   456  N  N   . ASP A 1 59  ? 9.207   10.736  -7.899  1.00 32.13 ? 152 ASP A N   1 
ATOM   457  C  CA  . ASP A 1 59  ? 10.310  11.489  -8.489  1.00 32.38 ? 152 ASP A CA  1 
ATOM   458  C  C   . ASP A 1 59  ? 11.345  10.555  -9.077  1.00 32.38 ? 152 ASP A C   1 
ATOM   459  O  O   . ASP A 1 59  ? 12.412  10.984  -9.517  1.00 32.56 ? 152 ASP A O   1 
ATOM   460  C  CB  . ASP A 1 59  ? 10.968  12.426  -7.462  1.00 32.46 ? 152 ASP A CB  1 
ATOM   461  C  CG  . ASP A 1 59  ? 11.431  11.709  -6.204  1.00 32.39 ? 152 ASP A CG  1 
ATOM   462  O  OD1 . ASP A 1 59  ? 11.595  10.472  -6.228  1.00 32.18 ? 152 ASP A OD1 1 
ATOM   463  O  OD2 . ASP A 1 59  ? 11.644  12.407  -5.190  1.00 32.30 ? 152 ASP A OD2 1 
ATOM   464  N  N   . THR A 1 60  ? 11.014  9.269   -9.072  1.00 32.25 ? 153 THR A N   1 
ATOM   465  C  CA  . THR A 1 60  ? 11.877  8.238   -9.618  1.00 32.08 ? 153 THR A CA  1 
ATOM   466  C  C   . THR A 1 60  ? 13.328  8.320   -9.148  1.00 31.65 ? 153 THR A C   1 
ATOM   467  O  O   . THR A 1 60  ? 14.250  8.382   -9.960  1.00 31.82 ? 153 THR A O   1 
ATOM   468  C  CB  . THR A 1 60  ? 11.846  8.273   -11.149 1.00 32.30 ? 153 THR A CB  1 
ATOM   469  O  OG1 . THR A 1 60  ? 12.411  9.503   -11.602 1.00 33.20 ? 153 THR A OG1 1 
ATOM   470  C  CG2 . THR A 1 60  ? 10.410  8.195   -11.649 1.00 32.92 ? 153 THR A CG2 1 
ATOM   471  N  N   . THR A 1 61  ? 13.525  8.319   -7.834  1.00 30.88 ? 154 THR A N   1 
ATOM   472  C  CA  . THR A 1 61  ? 14.863  8.352   -7.261  1.00 29.97 ? 154 THR A CA  1 
ATOM   473  C  C   . THR A 1 61  ? 15.232  6.908   -6.939  1.00 29.68 ? 154 THR A C   1 
ATOM   474  O  O   . THR A 1 61  ? 16.386  6.594   -6.640  1.00 29.63 ? 154 THR A O   1 
ATOM   475  C  CB  . THR A 1 61  ? 14.899  9.171   -5.956  1.00 29.91 ? 154 THR A CB  1 
ATOM   476  O  OG1 . THR A 1 61  ? 13.882  8.697   -5.067  1.00 29.54 ? 154 THR A OG1 1 
ATOM   477  C  CG2 . THR A 1 61  ? 14.670  10.649  -6.244  1.00 29.89 ? 154 THR A CG2 1 
ATOM   478  N  N   . GLY A 1 62  ? 14.235  6.031   -7.013  1.00 28.74 ? 155 GLY A N   1 
ATOM   479  C  CA  . GLY A 1 62  ? 14.453  4.628   -6.712  1.00 28.07 ? 155 GLY A CA  1 
ATOM   480  C  C   . GLY A 1 62  ? 14.154  4.350   -5.250  1.00 27.60 ? 155 GLY A C   1 
ATOM   481  O  O   . GLY A 1 62  ? 14.037  3.196   -4.829  1.00 27.55 ? 155 GLY A O   1 
ATOM   482  N  N   . LYS A 1 63  ? 14.038  5.415   -4.465  1.00 27.29 ? 156 LYS A N   1 
ATOM   483  C  CA  . LYS A 1 63  ? 13.751  5.280   -3.040  1.00 26.97 ? 156 LYS A CA  1 
ATOM   484  C  C   . LYS A 1 63  ? 12.770  6.348   -2.576  1.00 26.65 ? 156 LYS A C   1 
ATOM   485  O  O   . LYS A 1 63  ? 12.417  7.251   -3.330  1.00 26.73 ? 156 LYS A O   1 
ATOM   486  C  CB  . LYS A 1 63  ? 15.045  5.356   -2.218  1.00 26.72 ? 156 LYS A CB  1 
ATOM   487  C  CG  . LYS A 1 63  ? 16.075  4.290   -2.591  1.00 26.76 ? 156 LYS A CG  1 
ATOM   488  C  CD  . LYS A 1 63  ? 17.188  4.218   -1.547  1.00 27.44 ? 156 LYS A CD  1 
ATOM   489  C  CE  . LYS A 1 63  ? 18.556  4.483   -2.155  1.00 27.73 ? 156 LYS A CE  1 
ATOM   490  N  NZ  . LYS A 1 63  ? 18.968  3.434   -3.122  1.00 27.81 ? 156 LYS A NZ  1 
ATOM   491  N  N   . LEU A 1 64  ? 12.347  6.233   -1.325  1.00 26.51 ? 157 LEU A N   1 
ATOM   492  C  CA  . LEU A 1 64  ? 11.381  7.149   -0.744  1.00 26.32 ? 157 LEU A CA  1 
ATOM   493  C  C   . LEU A 1 64  ? 11.970  8.358   -0.023  1.00 26.40 ? 157 LEU A C   1 
ATOM   494  O  O   . LEU A 1 64  ? 12.711  8.215   0.948   1.00 26.03 ? 157 LEU A O   1 
ATOM   495  C  CB  . LEU A 1 64  ? 10.477  6.381   0.228   1.00 26.12 ? 157 LEU A CB  1 
ATOM   496  C  CG  . LEU A 1 64  ? 9.754   5.173   -0.372  1.00 26.19 ? 157 LEU A CG  1 
ATOM   497  C  CD1 . LEU A 1 64  ? 8.878   4.524   0.675   1.00 25.96 ? 157 LEU A CD1 1 
ATOM   498  C  CD2 . LEU A 1 64  ? 8.918   5.626   -1.561  1.00 26.15 ? 157 LEU A CD2 1 
ATOM   499  N  N   . GLY A 1 65  ? 11.629  9.546   -0.523  1.00 26.35 ? 158 GLY A N   1 
ATOM   500  C  CA  . GLY A 1 65  ? 12.060  10.782  0.096   1.00 26.39 ? 158 GLY A CA  1 
ATOM   501  C  C   . GLY A 1 65  ? 11.095  11.027  1.245   1.00 26.68 ? 158 GLY A C   1 
ATOM   502  O  O   . GLY A 1 65  ? 10.148  10.250  1.433   1.00 26.37 ? 158 GLY A O   1 
ATOM   503  N  N   . PHE A 1 66  ? 11.298  12.094  2.009   1.00 26.69 ? 159 PHE A N   1 
ATOM   504  C  CA  . PHE A 1 66  ? 10.420  12.352  3.143   1.00 27.01 ? 159 PHE A CA  1 
ATOM   505  C  C   . PHE A 1 66  ? 8.929   12.404  2.817   1.00 27.07 ? 159 PHE A C   1 
ATOM   506  O  O   . PHE A 1 66  ? 8.131   11.742  3.475   1.00 27.15 ? 159 PHE A O   1 
ATOM   507  C  CB  . PHE A 1 66  ? 10.807  13.646  3.862   1.00 26.84 ? 159 PHE A CB  1 
ATOM   508  C  CG  . PHE A 1 66  ? 9.934   13.952  5.048   1.00 27.02 ? 159 PHE A CG  1 
ATOM   509  C  CD1 . PHE A 1 66  ? 9.931   13.118  6.157   1.00 27.03 ? 159 PHE A CD1 1 
ATOM   510  C  CD2 . PHE A 1 66  ? 9.092   15.058  5.045   1.00 27.32 ? 159 PHE A CD2 1 
ATOM   511  C  CE1 . PHE A 1 66  ? 9.100   13.378  7.250   1.00 27.26 ? 159 PHE A CE1 1 
ATOM   512  C  CE2 . PHE A 1 66  ? 8.256   15.329  6.133   1.00 27.38 ? 159 PHE A CE2 1 
ATOM   513  C  CZ  . PHE A 1 66  ? 8.262   14.485  7.237   1.00 27.40 ? 159 PHE A CZ  1 
ATOM   514  N  N   . GLU A 1 67  ? 8.548   13.193  1.819   1.00 27.34 ? 160 GLU A N   1 
ATOM   515  C  CA  . GLU A 1 67  ? 7.129   13.315  1.481   1.00 27.75 ? 160 GLU A CA  1 
ATOM   516  C  C   . GLU A 1 67  ? 6.519   11.991  1.029   1.00 27.63 ? 160 GLU A C   1 
ATOM   517  O  O   . GLU A 1 67  ? 5.448   11.606  1.496   1.00 27.69 ? 160 GLU A O   1 
ATOM   518  C  CB  . GLU A 1 67  ? 6.927   14.401  0.421   1.00 28.02 ? 160 GLU A CB  1 
ATOM   519  C  CG  . GLU A 1 67  ? 7.249   15.800  0.948   1.00 29.15 ? 160 GLU A CG  1 
ATOM   520  C  CD  . GLU A 1 67  ? 6.311   16.240  2.071   1.00 29.37 ? 160 GLU A CD  1 
ATOM   521  O  OE1 . GLU A 1 67  ? 6.717   17.074  2.906   1.00 30.00 ? 160 GLU A OE1 1 
ATOM   522  O  OE2 . GLU A 1 67  ? 5.159   15.767  2.117   1.00 30.22 ? 160 GLU A OE2 1 
ATOM   523  N  N   . GLU A 1 68  ? 7.199   11.290  0.133   1.00 27.50 ? 161 GLU A N   1 
ATOM   524  C  CA  . GLU A 1 68  ? 6.692   10.007  -0.332  1.00 27.51 ? 161 GLU A CA  1 
ATOM   525  C  C   . GLU A 1 68  ? 6.490   9.077   0.861   1.00 27.61 ? 161 GLU A C   1 
ATOM   526  O  O   . GLU A 1 68  ? 5.465   8.409   0.972   1.00 27.75 ? 161 GLU A O   1 
ATOM   527  C  CB  . GLU A 1 68  ? 7.672   9.386   -1.321  1.00 27.47 ? 161 GLU A CB  1 
ATOM   528  C  CG  . GLU A 1 68  ? 7.901   10.246  -2.553  1.00 27.85 ? 161 GLU A CG  1 
ATOM   529  C  CD  . GLU A 1 68  ? 9.017   9.724   -3.435  1.00 27.85 ? 161 GLU A CD  1 
ATOM   530  O  OE1 . GLU A 1 68  ? 9.852   8.946   -2.924  1.00 28.01 ? 161 GLU A OE1 1 
ATOM   531  O  OE2 . GLU A 1 68  ? 9.072   10.101  -4.629  1.00 27.78 ? 161 GLU A OE2 1 
ATOM   532  N  N   . PHE A 1 69  ? 7.465   9.056   1.764   1.00 27.50 ? 162 PHE A N   1 
ATOM   533  C  CA  . PHE A 1 69  ? 7.404   8.201   2.944   1.00 27.48 ? 162 PHE A CA  1 
ATOM   534  C  C   . PHE A 1 69  ? 6.287   8.618   3.890   1.00 27.92 ? 162 PHE A C   1 
ATOM   535  O  O   . PHE A 1 69  ? 5.589   7.769   4.456   1.00 27.42 ? 162 PHE A O   1 
ATOM   536  C  CB  . PHE A 1 69  ? 8.738   8.246   3.694   1.00 27.21 ? 162 PHE A CB  1 
ATOM   537  C  CG  . PHE A 1 69  ? 8.775   7.375   4.915   1.00 27.07 ? 162 PHE A CG  1 
ATOM   538  C  CD1 . PHE A 1 69  ? 8.970   6.002   4.799   1.00 26.88 ? 162 PHE A CD1 1 
ATOM   539  C  CD2 . PHE A 1 69  ? 8.615   7.928   6.183   1.00 26.94 ? 162 PHE A CD2 1 
ATOM   540  C  CE1 . PHE A 1 69  ? 9.010   5.190   5.926   1.00 26.98 ? 162 PHE A CE1 1 
ATOM   541  C  CE2 . PHE A 1 69  ? 8.653   7.121   7.319   1.00 27.13 ? 162 PHE A CE2 1 
ATOM   542  C  CZ  . PHE A 1 69  ? 8.851   5.750   7.191   1.00 27.15 ? 162 PHE A CZ  1 
ATOM   543  N  N   . LYS A 1 70  ? 6.139   9.926   4.075   1.00 28.35 ? 163 LYS A N   1 
ATOM   544  C  CA  . LYS A 1 70  ? 5.109   10.453  4.955   1.00 29.52 ? 163 LYS A CA  1 
ATOM   545  C  C   . LYS A 1 70  ? 3.728   10.038  4.450   1.00 29.65 ? 163 LYS A C   1 
ATOM   546  O  O   . LYS A 1 70  ? 2.881   9.592   5.229   1.00 29.54 ? 163 LYS A O   1 
ATOM   547  C  CB  . LYS A 1 70  ? 5.188   11.981  5.020   1.00 30.44 ? 163 LYS A CB  1 
ATOM   548  C  CG  . LYS A 1 70  ? 3.986   12.623  5.717   1.00 31.86 ? 163 LYS A CG  1 
ATOM   549  C  CD  . LYS A 1 70  ? 3.948   14.138  5.520   1.00 32.71 ? 163 LYS A CD  1 
ATOM   550  C  CE  . LYS A 1 70  ? 5.102   14.812  6.238   1.00 33.56 ? 163 LYS A CE  1 
ATOM   551  N  NZ  . LYS A 1 70  ? 5.176   16.285  5.974   1.00 34.58 ? 163 LYS A NZ  1 
ATOM   552  N  N   . TYR A 1 71  ? 3.512   10.193  3.148   1.00 29.73 ? 164 TYR A N   1 
ATOM   553  C  CA  . TYR A 1 71  ? 2.239   9.834   2.535   1.00 30.04 ? 164 TYR A CA  1 
ATOM   554  C  C   . TYR A 1 71  ? 1.957   8.348   2.750   1.00 30.06 ? 164 TYR A C   1 
ATOM   555  O  O   . TYR A 1 71  ? 0.861   7.965   3.179   1.00 29.98 ? 164 TYR A O   1 
ATOM   556  C  CB  . TYR A 1 71  ? 2.270   10.143  1.035   1.00 30.74 ? 164 TYR A CB  1 
ATOM   557  C  CG  . TYR A 1 71  ? 0.970   9.830   0.315   1.00 31.48 ? 164 TYR A CG  1 
ATOM   558  C  CD1 . TYR A 1 71  ? -0.170  10.610  0.517   1.00 31.94 ? 164 TYR A CD1 1 
ATOM   559  C  CD2 . TYR A 1 71  ? 0.877   8.739   -0.546  1.00 31.55 ? 164 TYR A CD2 1 
ATOM   560  C  CE1 . TYR A 1 71  ? -1.381  10.304  -0.132  1.00 32.45 ? 164 TYR A CE1 1 
ATOM   561  C  CE2 . TYR A 1 71  ? -0.319  8.424   -1.195  1.00 32.03 ? 164 TYR A CE2 1 
ATOM   562  C  CZ  . TYR A 1 71  ? -1.441  9.206   -0.985  1.00 32.43 ? 164 TYR A CZ  1 
ATOM   563  O  OH  . TYR A 1 71  ? -2.620  8.892   -1.626  1.00 33.12 ? 164 TYR A OH  1 
ATOM   564  N  N   . LEU A 1 72  ? 2.954   7.515   2.455   1.00 29.76 ? 165 LEU A N   1 
ATOM   565  C  CA  . LEU A 1 72  ? 2.832   6.070   2.617   1.00 29.67 ? 165 LEU A CA  1 
ATOM   566  C  C   . LEU A 1 72  ? 2.528   5.696   4.057   1.00 29.85 ? 165 LEU A C   1 
ATOM   567  O  O   . LEU A 1 72  ? 1.589   4.947   4.339   1.00 29.65 ? 165 LEU A O   1 
ATOM   568  C  CB  . LEU A 1 72  ? 4.129   5.371   2.196   1.00 29.38 ? 165 LEU A CB  1 
ATOM   569  C  CG  . LEU A 1 72  ? 4.173   3.858   2.437   1.00 29.11 ? 165 LEU A CG  1 
ATOM   570  C  CD1 . LEU A 1 72  ? 3.085   3.185   1.613   1.00 28.58 ? 165 LEU A CD1 1 
ATOM   571  C  CD2 . LEU A 1 72  ? 5.541   3.309   2.061   1.00 28.68 ? 165 LEU A CD2 1 
ATOM   572  N  N   . TRP A 1 73  ? 3.341   6.222   4.962   1.00 30.10 ? 166 TRP A N   1 
ATOM   573  C  CA  . TRP A 1 73  ? 3.204   5.959   6.386   1.00 30.39 ? 166 TRP A CA  1 
ATOM   574  C  C   . TRP A 1 73  ? 1.831   6.331   6.951   1.00 30.40 ? 166 TRP A C   1 
ATOM   575  O  O   . TRP A 1 73  ? 1.241   5.563   7.710   1.00 30.28 ? 166 TRP A O   1 
ATOM   576  C  CB  . TRP A 1 73  ? 4.299   6.715   7.137   1.00 30.68 ? 166 TRP A CB  1 
ATOM   577  C  CG  . TRP A 1 73  ? 4.411   6.335   8.557   1.00 31.21 ? 166 TRP A CG  1 
ATOM   578  C  CD1 . TRP A 1 73  ? 3.802   6.933   9.622   1.00 31.32 ? 166 TRP A CD1 1 
ATOM   579  C  CD2 . TRP A 1 73  ? 5.196   5.266   9.090   1.00 31.42 ? 166 TRP A CD2 1 
ATOM   580  N  NE1 . TRP A 1 73  ? 4.166   6.306   10.787  1.00 31.42 ? 166 TRP A NE1 1 
ATOM   581  C  CE2 . TRP A 1 73  ? 5.021   5.279   10.488  1.00 31.47 ? 166 TRP A CE2 1 
ATOM   582  C  CE3 . TRP A 1 73  ? 6.030   4.298   8.520   1.00 31.75 ? 166 TRP A CE3 1 
ATOM   583  C  CZ2 . TRP A 1 73  ? 5.652   4.362   11.328  1.00 31.79 ? 166 TRP A CZ2 1 
ATOM   584  C  CZ3 . TRP A 1 73  ? 6.660   3.385   9.355   1.00 31.93 ? 166 TRP A CZ3 1 
ATOM   585  C  CH2 . TRP A 1 73  ? 6.467   3.425   10.745  1.00 32.07 ? 166 TRP A CH2 1 
ATOM   586  N  N   . ASN A 1 74  ? 1.334   7.512   6.602   1.00 30.66 ? 167 ASN A N   1 
ATOM   587  C  CA  . ASN A 1 74  ? 0.032   7.949   7.089   1.00 30.89 ? 167 ASN A CA  1 
ATOM   588  C  C   . ASN A 1 74  ? -1.056  7.064   6.509   1.00 31.18 ? 167 ASN A C   1 
ATOM   589  O  O   . ASN A 1 74  ? -2.020  6.727   7.199   1.00 31.19 ? 167 ASN A O   1 
ATOM   590  C  CB  . ASN A 1 74  ? -0.224  9.418   6.726   1.00 31.03 ? 167 ASN A CB  1 
ATOM   591  C  CG  . ASN A 1 74  ? 0.570   10.377  7.599   1.00 31.26 ? 167 ASN A CG  1 
ATOM   592  O  OD1 . ASN A 1 74  ? 0.897   10.062  8.742   1.00 31.67 ? 167 ASN A OD1 1 
ATOM   593  N  ND2 . ASN A 1 74  ? 0.867   11.556  7.072   1.00 31.28 ? 167 ASN A ND2 1 
ATOM   594  N  N   . ASN A 1 75  ? -0.903  6.685   5.241   1.00 31.36 ? 168 ASN A N   1 
ATOM   595  C  CA  . ASN A 1 75  ? -1.871  5.799   4.604   1.00 31.74 ? 168 ASN A CA  1 
ATOM   596  C  C   . ASN A 1 75  ? -1.908  4.475   5.360   1.00 32.08 ? 168 ASN A C   1 
ATOM   597  O  O   . ASN A 1 75  ? -2.978  3.946   5.646   1.00 32.05 ? 168 ASN A O   1 
ATOM   598  C  CB  . ASN A 1 75  ? -1.493  5.530   3.147   1.00 31.56 ? 168 ASN A CB  1 
ATOM   599  C  CG  . ASN A 1 75  ? -2.148  6.493   2.182   1.00 31.58 ? 168 ASN A CG  1 
ATOM   600  O  OD1 . ASN A 1 75  ? -1.757  6.573   1.020   1.00 31.74 ? 168 ASN A OD1 1 
ATOM   601  N  ND2 . ASN A 1 75  ? -3.157  7.215   2.650   1.00 31.22 ? 168 ASN A ND2 1 
ATOM   602  N  N   . ILE A 1 76  ? -0.733  3.944   5.689   1.00 32.68 ? 169 ILE A N   1 
ATOM   603  C  CA  . ILE A 1 76  ? -0.673  2.676   6.404   1.00 33.46 ? 169 ILE A CA  1 
ATOM   604  C  C   . ILE A 1 76  ? -1.335  2.767   7.770   1.00 33.99 ? 169 ILE A C   1 
ATOM   605  O  O   . ILE A 1 76  ? -2.025  1.839   8.192   1.00 34.11 ? 169 ILE A O   1 
ATOM   606  C  CB  . ILE A 1 76  ? 0.784   2.177   6.579   1.00 33.50 ? 169 ILE A CB  1 
ATOM   607  C  CG1 . ILE A 1 76  ? 1.396   1.880   5.212   1.00 33.54 ? 169 ILE A CG1 1 
ATOM   608  C  CG2 . ILE A 1 76  ? 0.807   0.902   7.425   1.00 33.36 ? 169 ILE A CG2 1 
ATOM   609  C  CD1 . ILE A 1 76  ? 2.772   1.257   5.271   1.00 34.00 ? 169 ILE A CD1 1 
ATOM   610  N  N   . LYS A 1 77  ? -1.129  3.887   8.458   1.00 34.77 ? 170 LYS A N   1 
ATOM   611  C  CA  . LYS A 1 77  ? -1.722  4.076   9.778   1.00 35.36 ? 170 LYS A CA  1 
ATOM   612  C  C   . LYS A 1 77  ? -3.240  4.060   9.655   1.00 35.42 ? 170 LYS A C   1 
ATOM   613  O  O   . LYS A 1 77  ? -3.939  3.443   10.462  1.00 35.57 ? 170 LYS A O   1 
ATOM   614  C  CB  . LYS A 1 77  ? -1.262  5.408   10.385  1.00 35.99 ? 170 LYS A CB  1 
ATOM   615  C  CG  . LYS A 1 77  ? -1.962  5.757   11.697  1.00 37.17 ? 170 LYS A CG  1 
ATOM   616  C  CD  . LYS A 1 77  ? -1.447  7.049   12.337  1.00 38.02 ? 170 LYS A CD  1 
ATOM   617  C  CE  . LYS A 1 77  ? -0.004  6.903   12.814  1.00 38.52 ? 170 LYS A CE  1 
ATOM   618  N  NZ  . LYS A 1 77  ? 0.386   7.963   13.806  1.00 39.09 ? 170 LYS A NZ  1 
ATOM   619  N  N   . LYS A 1 78  ? -3.739  4.734   8.628   1.00 35.43 ? 171 LYS A N   1 
ATOM   620  C  CA  . LYS A 1 78  ? -5.169  4.824   8.378   1.00 35.43 ? 171 LYS A CA  1 
ATOM   621  C  C   . LYS A 1 78  ? -5.765  3.483   7.971   1.00 35.25 ? 171 LYS A C   1 
ATOM   622  O  O   . LYS A 1 78  ? -6.865  3.129   8.399   1.00 35.22 ? 171 LYS A O   1 
ATOM   623  C  CB  . LYS A 1 78  ? -5.429  5.864   7.290   1.00 35.89 ? 171 LYS A CB  1 
ATOM   624  C  CG  . LYS A 1 78  ? -6.874  5.963   6.840   1.00 36.63 ? 171 LYS A CG  1 
ATOM   625  C  CD  . LYS A 1 78  ? -7.078  7.157   5.909   1.00 37.54 ? 171 LYS A CD  1 
ATOM   626  C  CE  . LYS A 1 78  ? -6.148  7.100   4.701   1.00 37.79 ? 171 LYS A CE  1 
ATOM   627  N  NZ  . LYS A 1 78  ? -6.223  8.347   3.876   1.00 38.31 ? 171 LYS A NZ  1 
ATOM   628  N  N   . TRP A 1 79  ? -5.040  2.736   7.146   1.00 34.87 ? 172 TRP A N   1 
ATOM   629  C  CA  . TRP A 1 79  ? -5.524  1.443   6.698   1.00 34.65 ? 172 TRP A CA  1 
ATOM   630  C  C   . TRP A 1 79  ? -5.374  0.382   7.780   1.00 34.98 ? 172 TRP A C   1 
ATOM   631  O  O   . TRP A 1 79  ? -6.091  -0.612  7.777   1.00 34.92 ? 172 TRP A O   1 
ATOM   632  C  CB  . TRP A 1 79  ? -4.804  1.019   5.413   1.00 34.00 ? 172 TRP A CB  1 
ATOM   633  C  CG  . TRP A 1 79  ? -5.021  1.989   4.279   1.00 33.47 ? 172 TRP A CG  1 
ATOM   634  C  CD1 . TRP A 1 79  ? -6.112  2.785   4.087   1.00 33.14 ? 172 TRP A CD1 1 
ATOM   635  C  CD2 . TRP A 1 79  ? -4.149  2.231   3.165   1.00 33.03 ? 172 TRP A CD2 1 
ATOM   636  N  NE1 . TRP A 1 79  ? -5.978  3.503   2.929   1.00 33.00 ? 172 TRP A NE1 1 
ATOM   637  C  CE2 . TRP A 1 79  ? -4.784  3.184   2.340   1.00 32.90 ? 172 TRP A CE2 1 
ATOM   638  C  CE3 . TRP A 1 79  ? -2.895  1.733   2.783   1.00 32.72 ? 172 TRP A CE3 1 
ATOM   639  C  CZ2 . TRP A 1 79  ? -4.210  3.652   1.151   1.00 32.60 ? 172 TRP A CZ2 1 
ATOM   640  C  CZ3 . TRP A 1 79  ? -2.324  2.198   1.599   1.00 32.59 ? 172 TRP A CZ3 1 
ATOM   641  C  CH2 . TRP A 1 79  ? -2.984  3.148   0.798   1.00 32.42 ? 172 TRP A CH2 1 
ATOM   642  N  N   . GLN A 1 80  ? -4.446  0.586   8.708   1.00 35.47 ? 173 GLN A N   1 
ATOM   643  C  CA  . GLN A 1 80  ? -4.267  -0.369  9.796   1.00 36.11 ? 173 GLN A CA  1 
ATOM   644  C  C   . GLN A 1 80  ? -5.498  -0.300  10.699  1.00 36.36 ? 173 GLN A C   1 
ATOM   645  O  O   . GLN A 1 80  ? -6.010  -1.323  11.155  1.00 36.25 ? 173 GLN A O   1 
ATOM   646  C  CB  . GLN A 1 80  ? -3.014  -0.031  10.605  1.00 36.64 ? 173 GLN A CB  1 
ATOM   647  C  CG  . GLN A 1 80  ? -2.740  -0.983  11.758  1.00 37.15 ? 173 GLN A CG  1 
ATOM   648  C  CD  . GLN A 1 80  ? -1.427  -0.686  12.462  1.00 37.71 ? 173 GLN A CD  1 
ATOM   649  O  OE1 . GLN A 1 80  ? -0.357  -0.755  11.859  1.00 37.90 ? 173 GLN A OE1 1 
ATOM   650  N  NE2 . GLN A 1 80  ? -1.503  -0.355  13.745  1.00 37.95 ? 173 GLN A NE2 1 
ATOM   651  N  N   . ALA A 1 81  ? -5.972  0.918   10.944  1.00 36.63 ? 174 ALA A N   1 
ATOM   652  C  CA  . ALA A 1 81  ? -7.141  1.141   11.786  1.00 36.96 ? 174 ALA A CA  1 
ATOM   653  C  C   . ALA A 1 81  ? -8.383  0.538   11.141  1.00 37.14 ? 174 ALA A C   1 
ATOM   654  O  O   . ALA A 1 81  ? -9.229  -0.046  11.815  1.00 37.35 ? 174 ALA A O   1 
ATOM   655  C  CB  . ALA A 1 81  ? -7.345  2.633   12.013  1.00 36.89 ? 174 ALA A CB  1 
ATOM   656  N  N   . ILE A 1 82  ? -8.484  0.686   9.828   1.00 37.56 ? 175 ILE A N   1 
ATOM   657  C  CA  . ILE A 1 82  ? -9.616  0.149   9.089   1.00 37.97 ? 175 ILE A CA  1 
ATOM   658  C  C   . ILE A 1 82  ? -9.562  -1.372  9.092   1.00 38.44 ? 175 ILE A C   1 
ATOM   659  O  O   . ILE A 1 82  ? -10.581 -2.037  9.259   1.00 38.79 ? 175 ILE A O   1 
ATOM   660  C  CB  . ILE A 1 82  ? -9.617  0.671   7.632   1.00 37.66 ? 175 ILE A CB  1 
ATOM   661  C  CG1 . ILE A 1 82  ? -9.994  2.154   7.623   1.00 37.52 ? 175 ILE A CG1 1 
ATOM   662  C  CG2 . ILE A 1 82  ? -10.579 -0.139  6.780   1.00 37.62 ? 175 ILE A CG2 1 
ATOM   663  C  CD1 . ILE A 1 82  ? -9.969  2.791   6.251   1.00 37.20 ? 175 ILE A CD1 1 
ATOM   664  N  N   . TYR A 1 83  ? -8.366  -1.918  8.916   1.00 38.84 ? 176 TYR A N   1 
ATOM   665  C  CA  . TYR A 1 83  ? -8.170  -3.362  8.896   1.00 39.53 ? 176 TYR A CA  1 
ATOM   666  C  C   . TYR A 1 83  ? -8.761  -3.999  10.148  1.00 40.37 ? 176 TYR A C   1 
ATOM   667  O  O   . TYR A 1 83  ? -9.480  -4.995  10.067  1.00 40.46 ? 176 TYR A O   1 
ATOM   668  C  CB  . TYR A 1 83  ? -6.668  -3.672  8.796   1.00 39.10 ? 176 TYR A CB  1 
ATOM   669  C  CG  . TYR A 1 83  ? -6.299  -5.138  8.666   1.00 38.34 ? 176 TYR A CG  1 
ATOM   670  C  CD1 . TYR A 1 83  ? -6.141  -5.950  9.791   1.00 38.15 ? 176 TYR A CD1 1 
ATOM   671  C  CD2 . TYR A 1 83  ? -6.059  -5.699  7.418   1.00 38.09 ? 176 TYR A CD2 1 
ATOM   672  C  CE1 . TYR A 1 83  ? -5.744  -7.280  9.667   1.00 37.80 ? 176 TYR A CE1 1 
ATOM   673  C  CE2 . TYR A 1 83  ? -5.664  -7.020  7.284   1.00 37.84 ? 176 TYR A CE2 1 
ATOM   674  C  CZ  . TYR A 1 83  ? -5.507  -7.806  8.407   1.00 37.68 ? 176 TYR A CZ  1 
ATOM   675  O  OH  . TYR A 1 83  ? -5.107  -9.112  8.253   1.00 37.33 ? 176 TYR A OH  1 
ATOM   676  N  N   . LYS A 1 84  ? -8.467  -3.412  11.303  1.00 41.28 ? 177 LYS A N   1 
ATOM   677  C  CA  . LYS A 1 84  ? -8.962  -3.938  12.566  1.00 42.49 ? 177 LYS A CA  1 
ATOM   678  C  C   . LYS A 1 84  ? -10.446 -3.665  12.746  1.00 42.99 ? 177 LYS A C   1 
ATOM   679  O  O   . LYS A 1 84  ? -11.178 -4.501  13.276  1.00 43.20 ? 177 LYS A O   1 
ATOM   680  C  CB  . LYS A 1 84  ? -8.174  -3.328  13.726  1.00 42.92 ? 177 LYS A CB  1 
ATOM   681  C  CG  . LYS A 1 84  ? -6.679  -3.377  13.495  1.00 43.58 ? 177 LYS A CG  1 
ATOM   682  C  CD  . LYS A 1 84  ? -5.894  -3.607  14.771  1.00 44.36 ? 177 LYS A CD  1 
ATOM   683  C  CE  . LYS A 1 84  ? -5.953  -2.429  15.724  1.00 44.74 ? 177 LYS A CE  1 
ATOM   684  N  NZ  . LYS A 1 84  ? -4.971  -2.642  16.832  1.00 45.08 ? 177 LYS A NZ  1 
ATOM   685  N  N   . GLN A 1 85  ? -10.883 -2.496  12.289  1.00 43.56 ? 178 GLN A N   1 
ATOM   686  C  CA  . GLN A 1 85  ? -12.280 -2.098  12.399  1.00 43.98 ? 178 GLN A CA  1 
ATOM   687  C  C   . GLN A 1 85  ? -13.204 -3.054  11.654  1.00 43.95 ? 178 GLN A C   1 
ATOM   688  O  O   . GLN A 1 85  ? -14.310 -3.343  12.115  1.00 44.09 ? 178 GLN A O   1 
ATOM   689  C  CB  . GLN A 1 85  ? -12.475 -0.683  11.845  1.00 44.54 ? 178 GLN A CB  1 
ATOM   690  C  CG  . GLN A 1 85  ? -13.875 -0.124  12.057  1.00 45.54 ? 178 GLN A CG  1 
ATOM   691  C  CD  . GLN A 1 85  ? -14.120 1.175   11.298  1.00 46.30 ? 178 GLN A CD  1 
ATOM   692  O  OE1 . GLN A 1 85  ? -13.295 2.091   11.325  1.00 46.60 ? 178 GLN A OE1 1 
ATOM   693  N  NE2 . GLN A 1 85  ? -15.267 1.260   10.623  1.00 46.70 ? 178 GLN A NE2 1 
ATOM   694  N  N   . PHE A 1 86  ? -12.754 -3.552  10.508  1.00 43.70 ? 179 PHE A N   1 
ATOM   695  C  CA  . PHE A 1 86  ? -13.581 -4.450  9.723   1.00 43.58 ? 179 PHE A CA  1 
ATOM   696  C  C   . PHE A 1 86  ? -13.341 -5.935  9.912   1.00 43.67 ? 179 PHE A C   1 
ATOM   697  O  O   . PHE A 1 86  ? -14.057 -6.753  9.347   1.00 43.74 ? 179 PHE A O   1 
ATOM   698  C  CB  . PHE A 1 86  ? -13.499 -4.069  8.251   1.00 43.12 ? 179 PHE A CB  1 
ATOM   699  C  CG  . PHE A 1 86  ? -14.234 -2.809  7.933   1.00 42.83 ? 179 PHE A CG  1 
ATOM   700  C  CD1 . PHE A 1 86  ? -13.766 -1.585  8.394   1.00 42.80 ? 179 PHE A CD1 1 
ATOM   701  C  CD2 . PHE A 1 86  ? -15.433 -2.850  7.234   1.00 42.73 ? 179 PHE A CD2 1 
ATOM   702  C  CE1 . PHE A 1 86  ? -14.489 -0.414  8.166   1.00 42.88 ? 179 PHE A CE1 1 
ATOM   703  C  CE2 . PHE A 1 86  ? -16.164 -1.687  7.001   1.00 42.75 ? 179 PHE A CE2 1 
ATOM   704  C  CZ  . PHE A 1 86  ? -15.692 -0.466  7.468   1.00 42.69 ? 179 PHE A CZ  1 
ATOM   705  N  N   . ASP A 1 87  ? -12.336 -6.291  10.701  1.00 44.01 ? 180 ASP A N   1 
ATOM   706  C  CA  . ASP A 1 87  ? -12.082 -7.698  10.977  1.00 44.45 ? 180 ASP A CA  1 
ATOM   707  C  C   . ASP A 1 87  ? -12.982 -8.016  12.168  1.00 44.83 ? 180 ASP A C   1 
ATOM   708  O  O   . ASP A 1 87  ? -12.509 -8.273  13.278  1.00 44.93 ? 180 ASP A O   1 
ATOM   709  C  CB  . ASP A 1 87  ? -10.617 -7.927  11.344  1.00 44.22 ? 180 ASP A CB  1 
ATOM   710  C  CG  . ASP A 1 87  ? -10.360 -9.334  11.858  1.00 44.29 ? 180 ASP A CG  1 
ATOM   711  O  OD1 . ASP A 1 87  ? -10.961 -10.286 11.308  1.00 44.12 ? 180 ASP A OD1 1 
ATOM   712  O  OD2 . ASP A 1 87  ? -9.550  -9.483  12.801  1.00 44.09 ? 180 ASP A OD2 1 
ATOM   713  N  N   . VAL A 1 88  ? -14.287 -7.982  11.914  1.00 45.28 ? 181 VAL A N   1 
ATOM   714  C  CA  . VAL A 1 88  ? -15.304 -8.221  12.933  1.00 45.85 ? 181 VAL A CA  1 
ATOM   715  C  C   . VAL A 1 88  ? -15.214 -9.542  13.703  1.00 46.04 ? 181 VAL A C   1 
ATOM   716  O  O   . VAL A 1 88  ? -15.523 -9.580  14.895  1.00 46.31 ? 181 VAL A O   1 
ATOM   717  C  CB  . VAL A 1 88  ? -16.724 -8.084  12.324  1.00 45.85 ? 181 VAL A CB  1 
ATOM   718  C  CG1 . VAL A 1 88  ? -16.993 -6.633  11.972  1.00 45.73 ? 181 VAL A CG1 1 
ATOM   719  C  CG2 . VAL A 1 88  ? -16.852 -8.948  11.074  1.00 46.06 ? 181 VAL A CG2 1 
ATOM   720  N  N   . ASP A 1 89  ? -14.792 -10.615 13.042  1.00 46.29 ? 182 ASP A N   1 
ATOM   721  C  CA  . ASP A 1 89  ? -14.684 -11.910 13.707  1.00 46.55 ? 182 ASP A CA  1 
ATOM   722  C  C   . ASP A 1 89  ? -13.318 -12.111 14.367  1.00 46.73 ? 182 ASP A C   1 
ATOM   723  O  O   . ASP A 1 89  ? -13.012 -13.193 14.863  1.00 46.85 ? 182 ASP A O   1 
ATOM   724  C  CB  . ASP A 1 89  ? -14.957 -13.041 12.707  1.00 46.59 ? 182 ASP A CB  1 
ATOM   725  C  CG  . ASP A 1 89  ? -13.915 -13.111 11.605  1.00 46.80 ? 182 ASP A CG  1 
ATOM   726  O  OD1 . ASP A 1 89  ? -13.280 -12.074 11.320  1.00 46.83 ? 182 ASP A OD1 1 
ATOM   727  O  OD2 . ASP A 1 89  ? -13.741 -14.201 11.014  1.00 46.65 ? 182 ASP A OD2 1 
ATOM   728  N  N   . ARG A 1 90  ? -12.504 -11.060 14.374  1.00 46.82 ? 183 ARG A N   1 
ATOM   729  C  CA  . ARG A 1 90  ? -11.176 -11.111 14.977  1.00 46.75 ? 183 ARG A CA  1 
ATOM   730  C  C   . ARG A 1 90  ? -10.332 -12.292 14.511  1.00 46.25 ? 183 ARG A C   1 
ATOM   731  O  O   . ARG A 1 90  ? -9.657  -12.942 15.312  1.00 45.97 ? 183 ARG A O   1 
ATOM   732  C  CB  . ARG A 1 90  ? -11.299 -11.133 16.500  1.00 47.61 ? 183 ARG A CB  1 
ATOM   733  C  CG  . ARG A 1 90  ? -12.164 -10.012 17.037  1.00 48.79 ? 183 ARG A CG  1 
ATOM   734  C  CD  . ARG A 1 90  ? -11.649 -8.650  16.576  1.00 49.98 ? 183 ARG A CD  1 
ATOM   735  N  NE  . ARG A 1 90  ? -12.686 -7.622  16.667  1.00 50.97 ? 183 ARG A NE  1 
ATOM   736  C  CZ  . ARG A 1 90  ? -13.337 -7.312  17.786  1.00 51.51 ? 183 ARG A CZ  1 
ATOM   737  N  NH1 . ARG A 1 90  ? -13.054 -7.948  18.919  1.00 51.77 ? 183 ARG A NH1 1 
ATOM   738  N  NH2 . ARG A 1 90  ? -14.282 -6.376  17.772  1.00 51.63 ? 183 ARG A NH2 1 
ATOM   739  N  N   . SER A 1 91  ? -10.374 -12.564 13.211  1.00 45.72 ? 184 SER A N   1 
ATOM   740  C  CA  . SER A 1 91  ? -9.593  -13.650 12.632  1.00 45.25 ? 184 SER A CA  1 
ATOM   741  C  C   . SER A 1 91  ? -8.164  -13.152 12.459  1.00 44.96 ? 184 SER A C   1 
ATOM   742  O  O   . SER A 1 91  ? -7.240  -13.937 12.242  1.00 44.99 ? 184 SER A O   1 
ATOM   743  C  CB  . SER A 1 91  ? -10.153 -14.047 11.265  1.00 45.33 ? 184 SER A CB  1 
ATOM   744  O  OG  . SER A 1 91  ? -10.048 -12.976 10.338  1.00 45.02 ? 184 SER A OG  1 
ATOM   745  N  N   . GLY A 1 92  ? -7.997  -11.835 12.567  1.00 44.53 ? 185 GLY A N   1 
ATOM   746  C  CA  . GLY A 1 92  ? -6.688  -11.234 12.400  1.00 43.98 ? 185 GLY A CA  1 
ATOM   747  C  C   . GLY A 1 92  ? -6.422  -11.037 10.921  1.00 43.57 ? 185 GLY A C   1 
ATOM   748  O  O   . GLY A 1 92  ? -5.350  -10.585 10.518  1.00 43.56 ? 185 GLY A O   1 
ATOM   749  N  N   . THR A 1 93  ? -7.415  -11.393 10.112  1.00 43.06 ? 186 THR A N   1 
ATOM   750  C  CA  . THR A 1 93  ? -7.330  -11.276 8.663   1.00 42.65 ? 186 THR A CA  1 
ATOM   751  C  C   . THR A 1 93  ? -8.641  -10.723 8.112   1.00 42.39 ? 186 THR A C   1 
ATOM   752  O  O   . THR A 1 93  ? -9.695  -10.871 8.728   1.00 42.33 ? 186 THR A O   1 
ATOM   753  C  CB  . THR A 1 93  ? -7.077  -12.652 7.995   1.00 42.59 ? 186 THR A CB  1 
ATOM   754  O  OG1 . THR A 1 93  ? -8.198  -13.515 8.238   1.00 42.52 ? 186 THR A OG1 1 
ATOM   755  C  CG2 . THR A 1 93  ? -5.818  -13.296 8.547   1.00 42.28 ? 186 THR A CG2 1 
ATOM   756  N  N   . ILE A 1 94  ? -8.569  -10.078 6.954   1.00 42.04 ? 187 ILE A N   1 
ATOM   757  C  CA  . ILE A 1 94  ? -9.759  -9.536  6.323   1.00 41.69 ? 187 ILE A CA  1 
ATOM   758  C  C   . ILE A 1 94  ? -10.305 -10.619 5.412   1.00 41.71 ? 187 ILE A C   1 
ATOM   759  O  O   . ILE A 1 94  ? -9.665  -11.008 4.432   1.00 41.59 ? 187 ILE A O   1 
ATOM   760  C  CB  . ILE A 1 94  ? -9.445  -8.261  5.501   1.00 41.67 ? 187 ILE A CB  1 
ATOM   761  C  CG1 . ILE A 1 94  ? -9.230  -7.079  6.450   1.00 41.31 ? 187 ILE A CG1 1 
ATOM   762  C  CG2 . ILE A 1 94  ? -10.581 -7.965  4.521   1.00 41.37 ? 187 ILE A CG2 1 
ATOM   763  C  CD1 . ILE A 1 94  ? -10.444 -6.754  7.299   1.00 41.50 ? 187 ILE A CD1 1 
ATOM   764  N  N   . GLY A 1 95  ? -11.488 -11.113 5.757   1.00 41.73 ? 188 GLY A N   1 
ATOM   765  C  CA  . GLY A 1 95  ? -12.107 -12.163 4.980   1.00 41.67 ? 188 GLY A CA  1 
ATOM   766  C  C   . GLY A 1 95  ? -12.882 -11.658 3.786   1.00 41.79 ? 188 GLY A C   1 
ATOM   767  O  O   . GLY A 1 95  ? -13.153 -10.465 3.646   1.00 41.69 ? 188 GLY A O   1 
ATOM   768  N  N   . SER A 1 96  ? -13.246 -12.602 2.929   1.00 41.90 ? 189 SER A N   1 
ATOM   769  C  CA  . SER A 1 96  ? -13.992 -12.345 1.708   1.00 41.94 ? 189 SER A CA  1 
ATOM   770  C  C   . SER A 1 96  ? -15.212 -11.441 1.893   1.00 42.01 ? 189 SER A C   1 
ATOM   771  O  O   . SER A 1 96  ? -15.480 -10.579 1.057   1.00 42.06 ? 189 SER A O   1 
ATOM   772  C  CB  . SER A 1 96  ? -14.428 -13.687 1.110   1.00 42.14 ? 189 SER A CB  1 
ATOM   773  O  OG  . SER A 1 96  ? -14.750 -13.569 -0.259  1.00 42.36 ? 189 SER A OG  1 
ATOM   774  N  N   . SER A 1 97  ? -15.957 -11.627 2.978   1.00 41.94 ? 190 SER A N   1 
ATOM   775  C  CA  . SER A 1 97  ? -17.151 -10.810 3.195   1.00 41.85 ? 190 SER A CA  1 
ATOM   776  C  C   . SER A 1 97  ? -16.893 -9.533  3.991   1.00 41.56 ? 190 SER A C   1 
ATOM   777  O  O   . SER A 1 97  ? -17.820 -8.780  4.279   1.00 41.71 ? 190 SER A O   1 
ATOM   778  C  CB  . SER A 1 97  ? -18.251 -11.634 3.883   1.00 42.02 ? 190 SER A CB  1 
ATOM   779  O  OG  . SER A 1 97  ? -17.921 -11.934 5.228   1.00 42.34 ? 190 SER A OG  1 
ATOM   780  N  N   . GLU A 1 98  ? -15.639 -9.288  4.349   1.00 41.16 ? 191 GLU A N   1 
ATOM   781  C  CA  . GLU A 1 98  ? -15.303 -8.086  5.100   1.00 40.78 ? 191 GLU A CA  1 
ATOM   782  C  C   . GLU A 1 98  ? -14.569 -7.110  4.188   1.00 40.39 ? 191 GLU A C   1 
ATOM   783  O  O   . GLU A 1 98  ? -14.530 -5.910  4.457   1.00 40.41 ? 191 GLU A O   1 
ATOM   784  C  CB  . GLU A 1 98  ? -14.389 -8.423  6.278   1.00 41.01 ? 191 GLU A CB  1 
ATOM   785  C  CG  . GLU A 1 98  ? -14.800 -9.629  7.101   1.00 41.47 ? 191 GLU A CG  1 
ATOM   786  C  CD  . GLU A 1 98  ? -13.761 -9.971  8.152   1.00 41.57 ? 191 GLU A CD  1 
ATOM   787  O  OE1 . GLU A 1 98  ? -12.562 -10.009 7.806   1.00 41.64 ? 191 GLU A OE1 1 
ATOM   788  O  OE2 . GLU A 1 98  ? -14.136 -10.204 9.317   1.00 41.68 ? 191 GLU A OE2 1 
ATOM   789  N  N   . LEU A 1 99  ? -13.995 -7.640  3.111   1.00 39.85 ? 192 LEU A N   1 
ATOM   790  C  CA  . LEU A 1 99  ? -13.225 -6.851  2.152   1.00 39.35 ? 192 LEU A CA  1 
ATOM   791  C  C   . LEU A 1 99  ? -13.911 -5.619  1.553   1.00 39.17 ? 192 LEU A C   1 
ATOM   792  O  O   . LEU A 1 99  ? -13.371 -4.513  1.620   1.00 39.19 ? 192 LEU A O   1 
ATOM   793  C  CB  . LEU A 1 99  ? -12.742 -7.744  1.007   1.00 39.20 ? 192 LEU A CB  1 
ATOM   794  C  CG  . LEU A 1 99  ? -11.764 -7.054  0.054   1.00 39.06 ? 192 LEU A CG  1 
ATOM   795  C  CD1 . LEU A 1 99  ? -10.454 -6.818  0.789   1.00 39.00 ? 192 LEU A CD1 1 
ATOM   796  C  CD2 . LEU A 1 99  ? -11.528 -7.901  -1.174  1.00 38.97 ? 192 LEU A CD2 1 
ATOM   797  N  N   . PRO A 1 100 ? -15.099 -5.791  0.944   1.00 38.79 ? 193 PRO A N   1 
ATOM   798  C  CA  . PRO A 1 100 ? -15.803 -4.652  0.346   1.00 38.38 ? 193 PRO A CA  1 
ATOM   799  C  C   . PRO A 1 100 ? -15.999 -3.494  1.319   1.00 38.09 ? 193 PRO A C   1 
ATOM   800  O  O   . PRO A 1 100 ? -15.837 -2.327  0.954   1.00 37.87 ? 193 PRO A O   1 
ATOM   801  C  CB  . PRO A 1 100 ? -17.125 -5.264  -0.099  1.00 38.51 ? 193 PRO A CB  1 
ATOM   802  C  CG  . PRO A 1 100 ? -16.743 -6.680  -0.417  1.00 38.69 ? 193 PRO A CG  1 
ATOM   803  C  CD  . PRO A 1 100 ? -15.872 -7.033  0.760   1.00 38.70 ? 193 PRO A CD  1 
ATOM   804  N  N   . GLY A 1 101 ? -16.350 -3.826  2.558   1.00 37.66 ? 194 GLY A N   1 
ATOM   805  C  CA  . GLY A 1 101 ? -16.550 -2.802  3.561   1.00 37.19 ? 194 GLY A CA  1 
ATOM   806  C  C   . GLY A 1 101 ? -15.249 -2.087  3.889   1.00 36.90 ? 194 GLY A C   1 
ATOM   807  O  O   . GLY A 1 101 ? -15.217 -0.861  4.007   1.00 36.89 ? 194 GLY A O   1 
ATOM   808  N  N   . ALA A 1 102 ? -14.173 -2.856  4.033   1.00 36.53 ? 195 ALA A N   1 
ATOM   809  C  CA  . ALA A 1 102 ? -12.864 -2.294  4.355   1.00 36.16 ? 195 ALA A CA  1 
ATOM   810  C  C   . ALA A 1 102 ? -12.395 -1.338  3.264   1.00 35.93 ? 195 ALA A C   1 
ATOM   811  O  O   . ALA A 1 102 ? -12.014 -0.201  3.540   1.00 35.80 ? 195 ALA A O   1 
ATOM   812  C  CB  . ALA A 1 102 ? -11.857 -3.408  4.539   1.00 36.13 ? 195 ALA A CB  1 
ATOM   813  N  N   . PHE A 1 103 ? -12.433 -1.805  2.022   1.00 35.79 ? 196 PHE A N   1 
ATOM   814  C  CA  . PHE A 1 103 ? -12.017 -0.992  0.892   1.00 35.75 ? 196 PHE A CA  1 
ATOM   815  C  C   . PHE A 1 103 ? -12.843 0.285   0.755   1.00 35.99 ? 196 PHE A C   1 
ATOM   816  O  O   . PHE A 1 103 ? -12.288 1.370   0.575   1.00 35.96 ? 196 PHE A O   1 
ATOM   817  C  CB  . PHE A 1 103 ? -12.087 -1.819  -0.391  1.00 35.43 ? 196 PHE A CB  1 
ATOM   818  C  CG  . PHE A 1 103 ? -10.845 -2.628  -0.657  1.00 35.20 ? 196 PHE A CG  1 
ATOM   819  C  CD1 . PHE A 1 103 ? -10.183 -3.277  0.380   1.00 35.26 ? 196 PHE A CD1 1 
ATOM   820  C  CD2 . PHE A 1 103 ? -10.335 -2.738  -1.945  1.00 34.88 ? 196 PHE A CD2 1 
ATOM   821  C  CE1 . PHE A 1 103 ? -9.030  -4.020  0.135   1.00 35.20 ? 196 PHE A CE1 1 
ATOM   822  C  CE2 . PHE A 1 103 ? -9.189  -3.478  -2.197  1.00 34.75 ? 196 PHE A CE2 1 
ATOM   823  C  CZ  . PHE A 1 103 ? -8.535  -4.120  -1.156  1.00 34.89 ? 196 PHE A CZ  1 
ATOM   824  N  N   . GLU A 1 104 ? -14.166 0.159   0.840   1.00 36.23 ? 197 GLU A N   1 
ATOM   825  C  CA  . GLU A 1 104 ? -15.042 1.320   0.735   1.00 36.61 ? 197 GLU A CA  1 
ATOM   826  C  C   . GLU A 1 104 ? -14.772 2.289   1.882   1.00 36.49 ? 197 GLU A C   1 
ATOM   827  O  O   . GLU A 1 104 ? -14.884 3.504   1.718   1.00 36.58 ? 197 GLU A O   1 
ATOM   828  C  CB  . GLU A 1 104 ? -16.513 0.875   0.717   1.00 37.11 ? 197 GLU A CB  1 
ATOM   829  C  CG  . GLU A 1 104 ? -16.905 0.217   -0.616  1.00 38.08 ? 197 GLU A CG  1 
ATOM   830  C  CD  . GLU A 1 104 ? -18.114 -0.704  -0.523  1.00 38.59 ? 197 GLU A CD  1 
ATOM   831  O  OE1 . GLU A 1 104 ? -18.367 -1.440  -1.504  1.00 38.77 ? 197 GLU A OE1 1 
ATOM   832  O  OE2 . GLU A 1 104 ? -18.810 -0.691  0.520   1.00 38.99 ? 197 GLU A OE2 1 
ATOM   833  N  N   . ALA A 1 105 ? -14.406 1.756   3.042   1.00 36.38 ? 198 ALA A N   1 
ATOM   834  C  CA  . ALA A 1 105 ? -14.094 2.608   4.182   1.00 36.51 ? 198 ALA A CA  1 
ATOM   835  C  C   . ALA A 1 105 ? -12.790 3.346   3.893   1.00 36.62 ? 198 ALA A C   1 
ATOM   836  O  O   . ALA A 1 105 ? -12.551 4.430   4.424   1.00 36.58 ? 198 ALA A O   1 
ATOM   837  C  CB  . ALA A 1 105 ? -13.949 1.779   5.441   1.00 36.51 ? 198 ALA A CB  1 
ATOM   838  N  N   . ALA A 1 106 ? -11.947 2.752   3.052   1.00 36.53 ? 199 ALA A N   1 
ATOM   839  C  CA  . ALA A 1 106 ? -10.674 3.371   2.693   1.00 36.72 ? 199 ALA A CA  1 
ATOM   840  C  C   . ALA A 1 106 ? -10.873 4.343   1.536   1.00 36.91 ? 199 ALA A C   1 
ATOM   841  O  O   . ALA A 1 106 ? -9.937  5.030   1.123   1.00 36.81 ? 199 ALA A O   1 
ATOM   842  C  CB  . ALA A 1 106 ? -9.651  2.305   2.312   1.00 36.53 ? 199 ALA A CB  1 
ATOM   843  N  N   . GLY A 1 107 ? -12.095 4.386   1.012   1.00 37.13 ? 200 GLY A N   1 
ATOM   844  C  CA  . GLY A 1 107 ? -12.402 5.290   -0.083  1.00 37.37 ? 200 GLY A CA  1 
ATOM   845  C  C   . GLY A 1 107 ? -12.319 4.676   -1.466  1.00 37.57 ? 200 GLY A C   1 
ATOM   846  O  O   . GLY A 1 107 ? -12.200 5.393   -2.458  1.00 37.57 ? 200 GLY A O   1 
ATOM   847  N  N   . PHE A 1 108 ? -12.383 3.352   -1.546  1.00 37.77 ? 201 PHE A N   1 
ATOM   848  C  CA  . PHE A 1 108 ? -12.311 2.682   -2.836  1.00 38.01 ? 201 PHE A CA  1 
ATOM   849  C  C   . PHE A 1 108 ? -13.583 1.901   -3.155  1.00 38.35 ? 201 PHE A C   1 
ATOM   850  O  O   . PHE A 1 108 ? -13.841 0.848   -2.576  1.00 38.56 ? 201 PHE A O   1 
ATOM   851  C  CB  . PHE A 1 108 ? -11.097 1.747   -2.878  1.00 37.77 ? 201 PHE A CB  1 
ATOM   852  C  CG  . PHE A 1 108 ? -9.785  2.450   -2.638  1.00 37.61 ? 201 PHE A CG  1 
ATOM   853  C  CD1 . PHE A 1 108 ? -9.154  2.371   -1.405  1.00 37.47 ? 201 PHE A CD1 1 
ATOM   854  C  CD2 . PHE A 1 108 ? -9.203  3.222   -3.638  1.00 37.47 ? 201 PHE A CD2 1 
ATOM   855  C  CE1 . PHE A 1 108 ? -7.960  3.054   -1.165  1.00 37.55 ? 201 PHE A CE1 1 
ATOM   856  C  CE2 . PHE A 1 108 ? -8.014  3.909   -3.408  1.00 37.73 ? 201 PHE A CE2 1 
ATOM   857  C  CZ  . PHE A 1 108 ? -7.391  3.824   -2.165  1.00 37.56 ? 201 PHE A CZ  1 
ATOM   858  N  N   . HIS A 1 109 ? -14.381 2.418   -4.082  1.00 38.59 ? 202 HIS A N   1 
ATOM   859  C  CA  . HIS A 1 109 ? -15.611 1.740   -4.460  1.00 38.99 ? 202 HIS A CA  1 
ATOM   860  C  C   . HIS A 1 109 ? -15.426 0.955   -5.745  1.00 38.74 ? 202 HIS A C   1 
ATOM   861  O  O   . HIS A 1 109 ? -15.516 1.512   -6.838  1.00 38.73 ? 202 HIS A O   1 
ATOM   862  C  CB  . HIS A 1 109 ? -16.755 2.743   -4.627  1.00 39.87 ? 202 HIS A CB  1 
ATOM   863  C  CG  . HIS A 1 109 ? -17.084 3.491   -3.373  1.00 41.04 ? 202 HIS A CG  1 
ATOM   864  N  ND1 . HIS A 1 109 ? -16.366 4.592   -2.952  1.00 41.47 ? 202 HIS A ND1 1 
ATOM   865  C  CD2 . HIS A 1 109 ? -18.004 3.249   -2.407  1.00 41.39 ? 202 HIS A CD2 1 
ATOM   866  C  CE1 . HIS A 1 109 ? -16.827 4.993   -1.780  1.00 41.67 ? 202 HIS A CE1 1 
ATOM   867  N  NE2 . HIS A 1 109 ? -17.820 4.195   -1.427  1.00 41.68 ? 202 HIS A NE2 1 
ATOM   868  N  N   . LEU A 1 110 ? -15.165 -0.342  -5.601  1.00 38.21 ? 203 LEU A N   1 
ATOM   869  C  CA  . LEU A 1 110 ? -14.971 -1.221  -6.745  1.00 37.88 ? 203 LEU A CA  1 
ATOM   870  C  C   . LEU A 1 110 ? -16.257 -2.009  -6.980  1.00 37.80 ? 203 LEU A C   1 
ATOM   871  O  O   . LEU A 1 110 ? -17.223 -1.850  -6.241  1.00 38.27 ? 203 LEU A O   1 
ATOM   872  C  CB  . LEU A 1 110 ? -13.822 -2.187  -6.468  1.00 37.69 ? 203 LEU A CB  1 
ATOM   873  C  CG  . LEU A 1 110 ? -12.523 -1.565  -5.947  1.00 37.46 ? 203 LEU A CG  1 
ATOM   874  C  CD1 . LEU A 1 110 ? -11.489 -2.654  -5.721  1.00 37.16 ? 203 LEU A CD1 1 
ATOM   875  C  CD2 . LEU A 1 110 ? -12.009 -0.540  -6.944  1.00 37.26 ? 203 LEU A CD2 1 
ATOM   876  N  N   . ASN A 1 111 ? -16.278 -2.847  -8.009  1.00 37.49 ? 204 ASN A N   1 
ATOM   877  C  CA  . ASN A 1 111 ? -17.460 -3.660  -8.281  1.00 37.27 ? 204 ASN A CA  1 
ATOM   878  C  C   . ASN A 1 111 ? -17.134 -5.136  -8.044  1.00 37.12 ? 204 ASN A C   1 
ATOM   879  O  O   . ASN A 1 111 ? -15.990 -5.487  -7.756  1.00 37.00 ? 204 ASN A O   1 
ATOM   880  C  CB  . ASN A 1 111 ? -17.952 -3.447  -9.716  1.00 36.94 ? 204 ASN A CB  1 
ATOM   881  C  CG  . ASN A 1 111 ? -16.871 -3.689  -10.748 1.00 36.74 ? 204 ASN A CG  1 
ATOM   882  O  OD1 . ASN A 1 111 ? -16.063 -4.604  -10.612 1.00 36.52 ? 204 ASN A OD1 1 
ATOM   883  N  ND2 . ASN A 1 111 ? -16.862 -2.878  -11.798 1.00 36.54 ? 204 ASN A ND2 1 
ATOM   884  N  N   . GLU A 1 112 ? -18.141 -5.994  -8.162  1.00 36.98 ? 205 GLU A N   1 
ATOM   885  C  CA  . GLU A 1 112 ? -17.964 -7.428  -7.941  1.00 36.88 ? 205 GLU A CA  1 
ATOM   886  C  C   . GLU A 1 112 ? -16.791 -8.026  -8.710  1.00 36.32 ? 205 GLU A C   1 
ATOM   887  O  O   . GLU A 1 112 ? -15.975 -8.751  -8.142  1.00 36.17 ? 205 GLU A O   1 
ATOM   888  C  CB  . GLU A 1 112 ? -19.254 -8.176  -8.300  1.00 37.51 ? 205 GLU A CB  1 
ATOM   889  C  CG  . GLU A 1 112 ? -19.137 -9.699  -8.328  1.00 38.70 ? 205 GLU A CG  1 
ATOM   890  C  CD  . GLU A 1 112 ? -18.475 -10.225 -9.599  1.00 39.61 ? 205 GLU A CD  1 
ATOM   891  O  OE1 . GLU A 1 112 ? -18.852 -9.756  -10.701 1.00 40.09 ? 205 GLU A OE1 1 
ATOM   892  O  OE2 . GLU A 1 112 ? -17.591 -11.112 -9.501  1.00 39.75 ? 205 GLU A OE2 1 
ATOM   893  N  N   . HIS A 1 113 ? -16.711 -7.728  -10.003 1.00 35.68 ? 206 HIS A N   1 
ATOM   894  C  CA  . HIS A 1 113 ? -15.638 -8.264  -10.826 1.00 35.02 ? 206 HIS A CA  1 
ATOM   895  C  C   . HIS A 1 113 ? -14.261 -7.821  -10.342 1.00 34.29 ? 206 HIS A C   1 
ATOM   896  O  O   . HIS A 1 113 ? -13.329 -8.624  -10.299 1.00 34.06 ? 206 HIS A O   1 
ATOM   897  C  CB  . HIS A 1 113 ? -15.849 -7.868  -12.283 1.00 35.38 ? 206 HIS A CB  1 
ATOM   898  C  CG  . HIS A 1 113 ? -14.939 -8.577  -13.232 1.00 35.86 ? 206 HIS A CG  1 
ATOM   899  N  ND1 . HIS A 1 113 ? -13.660 -8.140  -13.504 1.00 36.27 ? 206 HIS A ND1 1 
ATOM   900  C  CD2 . HIS A 1 113 ? -15.110 -9.716  -13.944 1.00 36.18 ? 206 HIS A CD2 1 
ATOM   901  C  CE1 . HIS A 1 113 ? -13.082 -8.980  -14.344 1.00 36.46 ? 206 HIS A CE1 1 
ATOM   902  N  NE2 . HIS A 1 113 ? -13.940 -9.946  -14.626 1.00 36.40 ? 206 HIS A NE2 1 
ATOM   903  N  N   . LEU A 1 114 ? -14.127 -6.552  -9.967  1.00 33.43 ? 207 LEU A N   1 
ATOM   904  C  CA  . LEU A 1 114 ? -12.845 -6.068  -9.472  1.00 32.87 ? 207 LEU A CA  1 
ATOM   905  C  C   . LEU A 1 114 ? -12.510 -6.705  -8.128  1.00 32.19 ? 207 LEU A C   1 
ATOM   906  O  O   . LEU A 1 114 ? -11.364 -7.067  -7.893  1.00 32.09 ? 207 LEU A O   1 
ATOM   907  C  CB  . LEU A 1 114 ? -12.832 -4.538  -9.340  1.00 33.09 ? 207 LEU A CB  1 
ATOM   908  C  CG  . LEU A 1 114 ? -12.486 -3.693  -10.580 1.00 33.51 ? 207 LEU A CG  1 
ATOM   909  C  CD1 . LEU A 1 114 ? -11.234 -4.278  -11.245 1.00 33.67 ? 207 LEU A CD1 1 
ATOM   910  C  CD2 . LEU A 1 114 ? -13.634 -3.679  -11.571 1.00 33.54 ? 207 LEU A CD2 1 
ATOM   911  N  N   . TYR A 1 115 ? -13.502 -6.843  -7.248  1.00 31.76 ? 208 TYR A N   1 
ATOM   912  C  CA  . TYR A 1 115 ? -13.269 -7.450  -5.937  1.00 31.45 ? 208 TYR A CA  1 
ATOM   913  C  C   . TYR A 1 115 ? -12.821 -8.904  -6.063  1.00 30.99 ? 208 TYR A C   1 
ATOM   914  O  O   . TYR A 1 115 ? -11.942 -9.356  -5.326  1.00 30.71 ? 208 TYR A O   1 
ATOM   915  C  CB  . TYR A 1 115 ? -14.525 -7.385  -5.056  1.00 31.73 ? 208 TYR A CB  1 
ATOM   916  C  CG  . TYR A 1 115 ? -14.789 -6.029  -4.428  1.00 32.22 ? 208 TYR A CG  1 
ATOM   917  C  CD1 . TYR A 1 115 ? -13.789 -5.357  -3.726  1.00 32.76 ? 208 TYR A CD1 1 
ATOM   918  C  CD2 . TYR A 1 115 ? -16.033 -5.414  -4.546  1.00 32.35 ? 208 TYR A CD2 1 
ATOM   919  C  CE1 . TYR A 1 115 ? -14.020 -4.098  -3.159  1.00 33.10 ? 208 TYR A CE1 1 
ATOM   920  C  CE2 . TYR A 1 115 ? -16.275 -4.156  -3.985  1.00 32.77 ? 208 TYR A CE2 1 
ATOM   921  C  CZ  . TYR A 1 115 ? -15.260 -3.503  -3.298  1.00 32.97 ? 208 TYR A CZ  1 
ATOM   922  O  OH  . TYR A 1 115 ? -15.474 -2.241  -2.783  1.00 33.55 ? 208 TYR A OH  1 
ATOM   923  N  N   . SER A 1 116 ? -13.424 -9.635  -6.996  1.00 30.59 ? 209 SER A N   1 
ATOM   924  C  CA  . SER A 1 116 ? -13.062 -11.034 -7.200  1.00 30.57 ? 209 SER A CA  1 
ATOM   925  C  C   . SER A 1 116 ? -11.629 -11.135 -7.695  1.00 30.19 ? 209 SER A C   1 
ATOM   926  O  O   . SER A 1 116 ? -10.901 -12.056 -7.339  1.00 30.18 ? 209 SER A O   1 
ATOM   927  C  CB  . SER A 1 116 ? -14.014 -11.701 -8.202  1.00 30.74 ? 209 SER A CB  1 
ATOM   928  O  OG  . SER A 1 116 ? -15.321 -11.804 -7.647  1.00 31.36 ? 209 SER A OG  1 
ATOM   929  N  N   . MET A 1 117 ? -11.230 -10.185 -8.531  1.00 29.94 ? 210 MET A N   1 
ATOM   930  C  CA  . MET A 1 117 ? -9.872  -10.156 -9.050  1.00 30.07 ? 210 MET A CA  1 
ATOM   931  C  C   . MET A 1 117 ? -8.931  -9.945  -7.859  1.00 29.93 ? 210 MET A C   1 
ATOM   932  O  O   . MET A 1 117 ? -7.942  -10.662 -7.698  1.00 29.60 ? 210 MET A O   1 
ATOM   933  C  CB  . MET A 1 117 ? -9.736  -9.016  -10.068 1.00 30.10 ? 210 MET A CB  1 
ATOM   934  C  CG  . MET A 1 117 ? -8.324  -8.744  -10.564 1.00 30.73 ? 210 MET A CG  1 
ATOM   935  S  SD  . MET A 1 117 ? -7.400  -7.597  -9.509  1.00 31.43 ? 210 MET A SD  1 
ATOM   936  C  CE  . MET A 1 117 ? -8.258  -6.043  -9.869  1.00 30.86 ? 210 MET A CE  1 
ATOM   937  N  N   . ILE A 1 118 ? -9.267  -8.974  -7.013  1.00 30.05 ? 211 ILE A N   1 
ATOM   938  C  CA  . ILE A 1 118 ? -8.458  -8.669  -5.836  1.00 30.32 ? 211 ILE A CA  1 
ATOM   939  C  C   . ILE A 1 118 ? -8.284  -9.906  -4.954  1.00 30.67 ? 211 ILE A C   1 
ATOM   940  O  O   . ILE A 1 118 ? -7.165  -10.260 -4.583  1.00 30.35 ? 211 ILE A O   1 
ATOM   941  C  CB  . ILE A 1 118 ? -9.096  -7.543  -5.001  1.00 30.18 ? 211 ILE A CB  1 
ATOM   942  C  CG1 . ILE A 1 118 ? -9.128  -6.243  -5.808  1.00 30.16 ? 211 ILE A CG1 1 
ATOM   943  C  CG2 . ILE A 1 118 ? -8.327  -7.357  -3.706  1.00 29.97 ? 211 ILE A CG2 1 
ATOM   944  C  CD1 . ILE A 1 118 ? -7.773  -5.640  -6.078  1.00 30.18 ? 211 ILE A CD1 1 
ATOM   945  N  N   . ILE A 1 119 ? -9.393  -10.560 -4.621  1.00 31.24 ? 212 ILE A N   1 
ATOM   946  C  CA  . ILE A 1 119 ? -9.346  -11.760 -3.787  1.00 31.75 ? 212 ILE A CA  1 
ATOM   947  C  C   . ILE A 1 119 ? -8.443  -12.823 -4.407  1.00 32.06 ? 212 ILE A C   1 
ATOM   948  O  O   . ILE A 1 119 ? -7.615  -13.420 -3.716  1.00 32.11 ? 212 ILE A O   1 
ATOM   949  C  CB  . ILE A 1 119 ? -10.762 -12.370 -3.581  1.00 32.01 ? 212 ILE A CB  1 
ATOM   950  C  CG1 . ILE A 1 119 ? -11.625 -11.416 -2.760  1.00 32.32 ? 212 ILE A CG1 1 
ATOM   951  C  CG2 . ILE A 1 119 ? -10.668 -13.714 -2.865  1.00 32.15 ? 212 ILE A CG2 1 
ATOM   952  C  CD1 . ILE A 1 119 ? -11.051 -11.125 -1.402  1.00 32.81 ? 212 ILE A CD1 1 
ATOM   953  N  N   . ARG A 1 120 ? -8.602  -13.057 -5.706  1.00 32.29 ? 213 ARG A N   1 
ATOM   954  C  CA  . ARG A 1 120 ? -7.792  -14.054 -6.386  1.00 32.83 ? 213 ARG A CA  1 
ATOM   955  C  C   . ARG A 1 120 ? -6.303  -13.754 -6.285  1.00 32.91 ? 213 ARG A C   1 
ATOM   956  O  O   . ARG A 1 120 ? -5.493  -14.663 -6.123  1.00 32.86 ? 213 ARG A O   1 
ATOM   957  C  CB  . ARG A 1 120 ? -8.200  -14.171 -7.864  1.00 33.57 ? 213 ARG A CB  1 
ATOM   958  C  CG  . ARG A 1 120 ? -9.131  -15.345 -8.156  1.00 34.55 ? 213 ARG A CG  1 
ATOM   959  C  CD  . ARG A 1 120 ? -9.448  -15.515 -9.648  1.00 35.44 ? 213 ARG A CD  1 
ATOM   960  N  NE  . ARG A 1 120 ? -10.539 -14.655 -10.085 1.00 36.49 ? 213 ARG A NE  1 
ATOM   961  C  CZ  . ARG A 1 120 ? -10.381 -13.528 -10.774 1.00 37.11 ? 213 ARG A CZ  1 
ATOM   962  N  NH1 . ARG A 1 120 ? -9.165  -13.115 -11.125 1.00 37.35 ? 213 ARG A NH1 1 
ATOM   963  N  NH2 . ARG A 1 120 ? -11.440 -12.798 -11.095 1.00 37.14 ? 213 ARG A NH2 1 
ATOM   964  N  N   . ARG A 1 121 ? -5.939  -12.478 -6.364  1.00 33.05 ? 214 ARG A N   1 
ATOM   965  C  CA  . ARG A 1 121 ? -4.533  -12.092 -6.298  1.00 33.14 ? 214 ARG A CA  1 
ATOM   966  C  C   . ARG A 1 121 ? -3.950  -11.866 -4.901  1.00 33.23 ? 214 ARG A C   1 
ATOM   967  O  O   . ARG A 1 121 ? -2.819  -12.256 -4.641  1.00 33.07 ? 214 ARG A O   1 
ATOM   968  C  CB  . ARG A 1 121 ? -4.299  -10.840 -7.149  1.00 32.95 ? 214 ARG A CB  1 
ATOM   969  C  CG  . ARG A 1 121 ? -2.925  -10.191 -6.970  1.00 32.85 ? 214 ARG A CG  1 
ATOM   970  C  CD  . ARG A 1 121 ? -1.790  -11.040 -7.536  1.00 32.56 ? 214 ARG A CD  1 
ATOM   971  N  NE  . ARG A 1 121 ? -0.492  -10.386 -7.369  1.00 32.46 ? 214 ARG A NE  1 
ATOM   972  C  CZ  . ARG A 1 121 ? 0.168   -10.312 -6.218  1.00 32.46 ? 214 ARG A CZ  1 
ATOM   973  N  NH1 . ARG A 1 121 ? -0.341  -10.859 -5.124  1.00 32.39 ? 214 ARG A NH1 1 
ATOM   974  N  NH2 . ARG A 1 121 ? 1.333   -9.680  -6.156  1.00 32.81 ? 214 ARG A NH2 1 
ATOM   975  N  N   . TYR A 1 122 ? -4.712  -11.257 -3.998  1.00 33.80 ? 215 TYR A N   1 
ATOM   976  C  CA  . TYR A 1 122 ? -4.186  -10.955 -2.667  1.00 34.51 ? 215 TYR A CA  1 
ATOM   977  C  C   . TYR A 1 122 ? -4.707  -11.751 -1.475  1.00 35.16 ? 215 TYR A C   1 
ATOM   978  O  O   . TYR A 1 122 ? -4.230  -11.559 -0.359  1.00 35.21 ? 215 TYR A O   1 
ATOM   979  C  CB  . TYR A 1 122 ? -4.360  -9.459  -2.368  1.00 34.42 ? 215 TYR A CB  1 
ATOM   980  C  CG  . TYR A 1 122 ? -3.674  -8.544  -3.357  1.00 34.23 ? 215 TYR A CG  1 
ATOM   981  C  CD1 . TYR A 1 122 ? -4.301  -8.167  -4.541  1.00 34.19 ? 215 TYR A CD1 1 
ATOM   982  C  CD2 . TYR A 1 122 ? -2.381  -8.070  -3.115  1.00 34.50 ? 215 TYR A CD2 1 
ATOM   983  C  CE1 . TYR A 1 122 ? -3.659  -7.339  -5.467  1.00 34.42 ? 215 TYR A CE1 1 
ATOM   984  C  CE2 . TYR A 1 122 ? -1.726  -7.241  -4.033  1.00 34.43 ? 215 TYR A CE2 1 
ATOM   985  C  CZ  . TYR A 1 122 ? -2.367  -6.880  -5.205  1.00 34.72 ? 215 TYR A CZ  1 
ATOM   986  O  OH  . TYR A 1 122 ? -1.713  -6.076  -6.124  1.00 35.24 ? 215 TYR A OH  1 
ATOM   987  N  N   . SER A 1 123 ? -5.669  -12.638 -1.690  1.00 35.92 ? 216 SER A N   1 
ATOM   988  C  CA  . SER A 1 123 ? -6.202  -13.421 -0.579  1.00 36.97 ? 216 SER A CA  1 
ATOM   989  C  C   . SER A 1 123 ? -5.747  -14.868 -0.693  1.00 37.74 ? 216 SER A C   1 
ATOM   990  O  O   . SER A 1 123 ? -5.283  -15.291 -1.747  1.00 37.87 ? 216 SER A O   1 
ATOM   991  C  CB  . SER A 1 123 ? -7.730  -13.358 -0.578  1.00 36.66 ? 216 SER A CB  1 
ATOM   992  O  OG  . SER A 1 123 ? -8.172  -12.017 -0.647  1.00 36.33 ? 216 SER A OG  1 
ATOM   993  N  N   . ASP A 1 124 ? -5.882  -15.629 0.388   1.00 38.65 ? 217 ASP A N   1 
ATOM   994  C  CA  . ASP A 1 124 ? -5.469  -17.027 0.363   1.00 39.72 ? 217 ASP A CA  1 
ATOM   995  C  C   . ASP A 1 124 ? -6.569  -17.955 -0.167  1.00 40.13 ? 217 ASP A C   1 
ATOM   996  O  O   . ASP A 1 124 ? -7.651  -17.502 -0.559  1.00 40.30 ? 217 ASP A O   1 
ATOM   997  C  CB  . ASP A 1 124 ? -5.025  -17.474 1.764   1.00 39.94 ? 217 ASP A CB  1 
ATOM   998  C  CG  . ASP A 1 124 ? -6.169  -17.531 2.750   1.00 40.34 ? 217 ASP A CG  1 
ATOM   999  O  OD1 . ASP A 1 124 ? -5.915  -17.797 3.945   1.00 40.64 ? 217 ASP A OD1 1 
ATOM   1000 O  OD2 . ASP A 1 124 ? -7.326  -17.318 2.334   1.00 40.83 ? 217 ASP A OD2 1 
ATOM   1001 N  N   . GLU A 1 125 ? -6.280  -19.253 -0.172  1.00 40.49 ? 218 GLU A N   1 
ATOM   1002 C  CA  . GLU A 1 125 ? -7.205  -20.272 -0.663  1.00 40.77 ? 218 GLU A CA  1 
ATOM   1003 C  C   . GLU A 1 125 ? -8.590  -20.156 -0.051  1.00 40.53 ? 218 GLU A C   1 
ATOM   1004 O  O   . GLU A 1 125 ? -9.585  -20.522 -0.677  1.00 40.85 ? 218 GLU A O   1 
ATOM   1005 C  CB  . GLU A 1 125 ? -6.652  -21.667 -0.360  1.00 41.56 ? 218 GLU A CB  1 
ATOM   1006 C  CG  . GLU A 1 125 ? -5.235  -21.890 -0.851  1.00 42.40 ? 218 GLU A CG  1 
ATOM   1007 C  CD  . GLU A 1 125 ? -5.167  -22.117 -2.345  1.00 43.02 ? 218 GLU A CD  1 
ATOM   1008 O  OE1 . GLU A 1 125 ? -5.950  -21.463 -3.074  1.00 43.15 ? 218 GLU A OE1 1 
ATOM   1009 O  OE2 . GLU A 1 125 ? -4.325  -22.941 -2.783  1.00 43.12 ? 218 GLU A OE2 1 
ATOM   1010 N  N   . GLY A 1 126 ? -8.656  -19.654 1.175   1.00 40.14 ? 219 GLY A N   1 
ATOM   1011 C  CA  . GLY A 1 126 ? -9.940  -19.527 1.839   1.00 39.29 ? 219 GLY A CA  1 
ATOM   1012 C  C   . GLY A 1 126 ? -10.576 -18.164 1.680   1.00 38.69 ? 219 GLY A C   1 
ATOM   1013 O  O   . GLY A 1 126 ? -11.581 -17.864 2.330   1.00 38.73 ? 219 GLY A O   1 
ATOM   1014 N  N   . GLY A 1 127 ? -9.998  -17.333 0.818   1.00 38.03 ? 220 GLY A N   1 
ATOM   1015 C  CA  . GLY A 1 127 ? -10.537 -15.998 0.609   1.00 36.96 ? 220 GLY A CA  1 
ATOM   1016 C  C   . GLY A 1 127 ? -10.144 -15.049 1.728   1.00 36.24 ? 220 GLY A C   1 
ATOM   1017 O  O   . GLY A 1 127 ? -10.807 -14.036 1.956   1.00 36.19 ? 220 GLY A O   1 
ATOM   1018 N  N   . ASN A 1 128 ? -9.062  -15.378 2.431   1.00 35.38 ? 221 ASN A N   1 
ATOM   1019 C  CA  . ASN A 1 128 ? -8.579  -14.550 3.536   1.00 34.63 ? 221 ASN A CA  1 
ATOM   1020 C  C   . ASN A 1 128 ? -7.341  -13.745 3.148   1.00 33.59 ? 221 ASN A C   1 
ATOM   1021 O  O   . ASN A 1 128 ? -6.435  -14.253 2.485   1.00 33.47 ? 221 ASN A O   1 
ATOM   1022 C  CB  . ASN A 1 128 ? -8.262  -15.419 4.760   1.00 34.98 ? 221 ASN A CB  1 
ATOM   1023 C  CG  . ASN A 1 128 ? -9.487  -16.138 5.293   1.00 35.46 ? 221 ASN A CG  1 
ATOM   1024 O  OD1 . ASN A 1 128 ? -10.543 -15.532 5.481   1.00 35.99 ? 221 ASN A OD1 1 
ATOM   1025 N  ND2 . ASN A 1 128 ? -9.351  -17.436 5.544   1.00 35.76 ? 221 ASN A ND2 1 
ATOM   1026 N  N   . MET A 1 129 ? -7.317  -12.483 3.571   1.00 32.50 ? 222 MET A N   1 
ATOM   1027 C  CA  . MET A 1 129 ? -6.208  -11.581 3.276   1.00 31.22 ? 222 MET A CA  1 
ATOM   1028 C  C   . MET A 1 129 ? -5.502  -11.158 4.560   1.00 30.50 ? 222 MET A C   1 
ATOM   1029 O  O   . MET A 1 129 ? -6.128  -10.618 5.465   1.00 30.30 ? 222 MET A O   1 
ATOM   1030 C  CB  . MET A 1 129 ? -6.727  -10.339 2.543   1.00 30.88 ? 222 MET A CB  1 
ATOM   1031 C  CG  . MET A 1 129 ? -5.633  -9.470  1.947   1.00 30.59 ? 222 MET A CG  1 
ATOM   1032 S  SD  . MET A 1 129 ? -6.271  -8.029  1.085   1.00 30.54 ? 222 MET A SD  1 
ATOM   1033 C  CE  . MET A 1 129 ? -7.124  -8.817  -0.306  1.00 30.55 ? 222 MET A CE  1 
ATOM   1034 N  N   . ASP A 1 130 ? -4.199  -11.411 4.646   1.00 29.87 ? 223 ASP A N   1 
ATOM   1035 C  CA  . ASP A 1 130 ? -3.466  -11.024 5.841   1.00 29.16 ? 223 ASP A CA  1 
ATOM   1036 C  C   . ASP A 1 130 ? -3.050  -9.560  5.741   1.00 28.50 ? 223 ASP A C   1 
ATOM   1037 O  O   . ASP A 1 130 ? -3.275  -8.911  4.718   1.00 28.36 ? 223 ASP A O   1 
ATOM   1038 C  CB  . ASP A 1 130 ? -2.261  -11.949 6.082   1.00 29.39 ? 223 ASP A CB  1 
ATOM   1039 C  CG  . ASP A 1 130 ? -1.174  -11.792 5.049   1.00 29.33 ? 223 ASP A CG  1 
ATOM   1040 O  OD1 . ASP A 1 130 ? -1.311  -10.943 4.148   1.00 29.56 ? 223 ASP A OD1 1 
ATOM   1041 O  OD2 . ASP A 1 130 ? -0.169  -12.522 5.149   1.00 29.25 ? 223 ASP A OD2 1 
ATOM   1042 N  N   . PHE A 1 131 ? -2.454  -9.044  6.807   1.00 27.76 ? 224 PHE A N   1 
ATOM   1043 C  CA  . PHE A 1 131 ? -2.076  -7.637  6.879   1.00 27.09 ? 224 PHE A CA  1 
ATOM   1044 C  C   . PHE A 1 131 ? -1.104  -7.101  5.830   1.00 26.56 ? 224 PHE A C   1 
ATOM   1045 O  O   . PHE A 1 131 ? -1.361  -6.051  5.244   1.00 26.38 ? 224 PHE A O   1 
ATOM   1046 C  CB  . PHE A 1 131 ? -1.546  -7.312  8.282   1.00 27.09 ? 224 PHE A CB  1 
ATOM   1047 C  CG  . PHE A 1 131 ? -1.381  -5.843  8.537   1.00 27.28 ? 224 PHE A CG  1 
ATOM   1048 C  CD1 . PHE A 1 131 ? -2.492  -5.002  8.578   1.00 27.44 ? 224 PHE A CD1 1 
ATOM   1049 C  CD2 . PHE A 1 131 ? -0.114  -5.289  8.692   1.00 27.02 ? 224 PHE A CD2 1 
ATOM   1050 C  CE1 . PHE A 1 131 ? -2.338  -3.625  8.766   1.00 27.42 ? 224 PHE A CE1 1 
ATOM   1051 C  CE2 . PHE A 1 131 ? 0.051   -3.923  8.880   1.00 26.85 ? 224 PHE A CE2 1 
ATOM   1052 C  CZ  . PHE A 1 131 ? -1.060  -3.087  8.917   1.00 27.42 ? 224 PHE A CZ  1 
ATOM   1053 N  N   . ASP A 1 132 ? 0.004   -7.798  5.585   1.00 26.15 ? 225 ASP A N   1 
ATOM   1054 C  CA  . ASP A 1 132 ? 0.950   -7.300  4.596   1.00 25.75 ? 225 ASP A CA  1 
ATOM   1055 C  C   . ASP A 1 132 ? 0.330   -7.301  3.203   1.00 25.66 ? 225 ASP A C   1 
ATOM   1056 O  O   . ASP A 1 132 ? 0.612   -6.420  2.396   1.00 25.62 ? 225 ASP A O   1 
ATOM   1057 C  CB  . ASP A 1 132 ? 2.259   -8.106  4.610   1.00 25.31 ? 225 ASP A CB  1 
ATOM   1058 C  CG  . ASP A 1 132 ? 2.062   -9.564  4.265   1.00 25.22 ? 225 ASP A CG  1 
ATOM   1059 O  OD1 . ASP A 1 132 ? 1.472   -10.290 5.086   1.00 25.64 ? 225 ASP A OD1 1 
ATOM   1060 O  OD2 . ASP A 1 132 ? 2.498   -9.990  3.175   1.00 24.41 ? 225 ASP A OD2 1 
ATOM   1061 N  N   . ASN A 1 133 ? -0.530  -8.274  2.921   1.00 25.55 ? 226 ASN A N   1 
ATOM   1062 C  CA  . ASN A 1 133 ? -1.182  -8.322  1.613   1.00 25.70 ? 226 ASN A CA  1 
ATOM   1063 C  C   . ASN A 1 133 ? -2.190  -7.183  1.480   1.00 25.45 ? 226 ASN A C   1 
ATOM   1064 O  O   . ASN A 1 133 ? -2.266  -6.514  0.448   1.00 25.23 ? 226 ASN A O   1 
ATOM   1065 C  CB  . ASN A 1 133 ? -1.896  -9.662  1.409   1.00 26.26 ? 226 ASN A CB  1 
ATOM   1066 C  CG  . ASN A 1 133 ? -0.941  -10.790 1.077   1.00 26.76 ? 226 ASN A CG  1 
ATOM   1067 O  OD1 . ASN A 1 133 ? -1.329  -11.775 0.454   1.00 27.79 ? 226 ASN A OD1 1 
ATOM   1068 N  ND2 . ASN A 1 133 ? 0.311   -10.657 1.492   1.00 26.66 ? 226 ASN A ND2 1 
ATOM   1069 N  N   . PHE A 1 134 ? -2.958  -6.971  2.542   1.00 25.16 ? 227 PHE A N   1 
ATOM   1070 C  CA  . PHE A 1 134 ? -3.960  -5.917  2.587   1.00 25.03 ? 227 PHE A CA  1 
ATOM   1071 C  C   . PHE A 1 134 ? -3.308  -4.548  2.340   1.00 25.10 ? 227 PHE A C   1 
ATOM   1072 O  O   . PHE A 1 134 ? -3.759  -3.773  1.488   1.00 24.84 ? 227 PHE A O   1 
ATOM   1073 C  CB  . PHE A 1 134 ? -4.644  -5.955  3.957   1.00 25.08 ? 227 PHE A CB  1 
ATOM   1074 C  CG  . PHE A 1 134 ? -5.691  -4.893  4.168   1.00 25.18 ? 227 PHE A CG  1 
ATOM   1075 C  CD1 . PHE A 1 134 ? -5.391  -3.735  4.879   1.00 25.15 ? 227 PHE A CD1 1 
ATOM   1076 C  CD2 . PHE A 1 134 ? -6.992  -5.078  3.707   1.00 24.93 ? 227 PHE A CD2 1 
ATOM   1077 C  CE1 . PHE A 1 134 ? -6.371  -2.773  5.138   1.00 25.04 ? 227 PHE A CE1 1 
ATOM   1078 C  CE2 . PHE A 1 134 ? -7.977  -4.128  3.955   1.00 25.05 ? 227 PHE A CE2 1 
ATOM   1079 C  CZ  . PHE A 1 134 ? -7.667  -2.971  4.675   1.00 25.23 ? 227 PHE A CZ  1 
ATOM   1080 N  N   . ILE A 1 135 ? -2.239  -4.264  3.079   1.00 24.93 ? 228 ILE A N   1 
ATOM   1081 C  CA  . ILE A 1 135 ? -1.529  -2.995  2.948   1.00 24.80 ? 228 ILE A CA  1 
ATOM   1082 C  C   . ILE A 1 135 ? -0.882  -2.798  1.578   1.00 24.79 ? 228 ILE A C   1 
ATOM   1083 O  O   . ILE A 1 135 ? -0.980  -1.717  0.997   1.00 24.59 ? 228 ILE A O   1 
ATOM   1084 C  CB  . ILE A 1 135 ? -0.420  -2.852  4.024   1.00 24.86 ? 228 ILE A CB  1 
ATOM   1085 C  CG1 . ILE A 1 135 ? -1.041  -2.846  5.426   1.00 24.99 ? 228 ILE A CG1 1 
ATOM   1086 C  CG2 . ILE A 1 135 ? 0.375   -1.572  3.796   1.00 24.69 ? 228 ILE A CG2 1 
ATOM   1087 C  CD1 . ILE A 1 135 ? -2.018  -1.711  5.684   1.00 24.92 ? 228 ILE A CD1 1 
ATOM   1088 N  N   . SER A 1 136 ? -0.210  -3.821  1.059   1.00 24.73 ? 229 SER A N   1 
ATOM   1089 C  CA  . SER A 1 136 ? 0.436   -3.661  -0.240  1.00 24.88 ? 229 SER A CA  1 
ATOM   1090 C  C   . SER A 1 136 ? -0.595  -3.527  -1.360  1.00 24.58 ? 229 SER A C   1 
ATOM   1091 O  O   . SER A 1 136 ? -0.363  -2.808  -2.338  1.00 24.48 ? 229 SER A O   1 
ATOM   1092 C  CB  . SER A 1 136 ? 1.404   -4.817  -0.530  1.00 25.07 ? 229 SER A CB  1 
ATOM   1093 O  OG  . SER A 1 136 ? 0.766   -6.070  -0.440  1.00 26.05 ? 229 SER A OG  1 
ATOM   1094 N  N   . CYS A 1 137 ? -1.730  -4.207  -1.213  1.00 24.13 ? 230 CYS A N   1 
ATOM   1095 C  CA  . CYS A 1 137 ? -2.794  -4.125  -2.208  1.00 23.66 ? 230 CYS A CA  1 
ATOM   1096 C  C   . CYS A 1 137 ? -3.315  -2.699  -2.282  1.00 23.15 ? 230 CYS A C   1 
ATOM   1097 O  O   . CYS A 1 137 ? -3.401  -2.121  -3.357  1.00 22.87 ? 230 CYS A O   1 
ATOM   1098 C  CB  . CYS A 1 137 ? -3.950  -5.070  -1.850  1.00 24.04 ? 230 CYS A CB  1 
ATOM   1099 S  SG  . CYS A 1 137 ? -5.406  -4.927  -2.940  1.00 24.02 ? 230 CYS A SG  1 
ATOM   1100 N  N   . LEU A 1 138 ? -3.643  -2.125  -1.130  1.00 23.17 ? 231 LEU A N   1 
ATOM   1101 C  CA  . LEU A 1 138 ? -4.163  -0.759  -1.088  1.00 23.18 ? 231 LEU A CA  1 
ATOM   1102 C  C   . LEU A 1 138 ? -3.140  0.285   -1.534  1.00 23.10 ? 231 LEU A C   1 
ATOM   1103 O  O   . LEU A 1 138 ? -3.499  1.281   -2.154  1.00 22.77 ? 231 LEU A O   1 
ATOM   1104 C  CB  . LEU A 1 138 ? -4.687  -0.421  0.320   1.00 23.41 ? 231 LEU A CB  1 
ATOM   1105 C  CG  . LEU A 1 138 ? -6.055  -1.036  0.657   1.00 23.87 ? 231 LEU A CG  1 
ATOM   1106 C  CD1 . LEU A 1 138 ? -6.450  -0.730  2.104   1.00 23.84 ? 231 LEU A CD1 1 
ATOM   1107 C  CD2 . LEU A 1 138 ? -7.098  -0.484  -0.293  1.00 23.92 ? 231 LEU A CD2 1 
ATOM   1108 N  N   . VAL A 1 139 ? -1.866  0.069   -1.218  1.00 23.43 ? 232 VAL A N   1 
ATOM   1109 C  CA  . VAL A 1 139 ? -0.831  1.013   -1.626  1.00 23.55 ? 232 VAL A CA  1 
ATOM   1110 C  C   . VAL A 1 139 ? -0.837  1.060   -3.145  1.00 23.92 ? 232 VAL A C   1 
ATOM   1111 O  O   . VAL A 1 139 ? -0.812  2.128   -3.748  1.00 24.34 ? 232 VAL A O   1 
ATOM   1112 C  CB  . VAL A 1 139 ? 0.577   0.572   -1.130  1.00 23.61 ? 232 VAL A CB  1 
ATOM   1113 C  CG1 . VAL A 1 139 ? 1.666   1.387   -1.820  1.00 23.12 ? 232 VAL A CG1 1 
ATOM   1114 C  CG2 . VAL A 1 139 ? 0.673   0.753   0.382   1.00 23.26 ? 232 VAL A CG2 1 
ATOM   1115 N  N   . ARG A 1 140 ? -0.884  -0.116  -3.754  1.00 24.14 ? 233 ARG A N   1 
ATOM   1116 C  CA  . ARG A 1 140 ? -0.892  -0.248  -5.205  1.00 24.61 ? 233 ARG A CA  1 
ATOM   1117 C  C   . ARG A 1 140 ? -2.186  0.278   -5.814  1.00 24.45 ? 233 ARG A C   1 
ATOM   1118 O  O   . ARG A 1 140 ? -2.178  0.963   -6.837  1.00 24.18 ? 233 ARG A O   1 
ATOM   1119 C  CB  . ARG A 1 140 ? -0.729  -1.712  -5.574  1.00 25.11 ? 233 ARG A CB  1 
ATOM   1120 C  CG  . ARG A 1 140 ? -0.601  -1.984  -7.048  1.00 26.52 ? 233 ARG A CG  1 
ATOM   1121 C  CD  . ARG A 1 140 ? -0.547  -3.477  -7.266  1.00 27.58 ? 233 ARG A CD  1 
ATOM   1122 N  NE  . ARG A 1 140 ? -0.019  -3.816  -8.575  1.00 28.88 ? 233 ARG A NE  1 
ATOM   1123 C  CZ  . ARG A 1 140 ? 1.197   -3.481  -8.986  1.00 29.28 ? 233 ARG A CZ  1 
ATOM   1124 N  NH1 . ARG A 1 140 ? 1.996   -2.798  -8.178  1.00 29.68 ? 233 ARG A NH1 1 
ATOM   1125 N  NH2 . ARG A 1 140 ? 1.611   -3.834  -10.200 1.00 29.73 ? 233 ARG A NH2 1 
ATOM   1126 N  N   . LEU A 1 141 ? -3.298  -0.062  -5.180  1.00 24.44 ? 234 LEU A N   1 
ATOM   1127 C  CA  . LEU A 1 141 ? -4.607  0.362   -5.652  1.00 24.72 ? 234 LEU A CA  1 
ATOM   1128 C  C   . LEU A 1 141 ? -4.705  1.889   -5.651  1.00 24.87 ? 234 LEU A C   1 
ATOM   1129 O  O   . LEU A 1 141 ? -5.106  2.504   -6.646  1.00 24.94 ? 234 LEU A O   1 
ATOM   1130 C  CB  . LEU A 1 141 ? -5.687  -0.238  -4.749  1.00 24.60 ? 234 LEU A CB  1 
ATOM   1131 C  CG  . LEU A 1 141 ? -7.129  -0.067  -5.203  1.00 24.51 ? 234 LEU A CG  1 
ATOM   1132 C  CD1 . LEU A 1 141 ? -7.332  -0.727  -6.552  1.00 24.51 ? 234 LEU A CD1 1 
ATOM   1133 C  CD2 . LEU A 1 141 ? -8.037  -0.687  -4.173  1.00 24.54 ? 234 LEU A CD2 1 
ATOM   1134 N  N   . ASP A 1 142 ? -4.350  2.498   -4.523  1.00 24.87 ? 235 ASP A N   1 
ATOM   1135 C  CA  . ASP A 1 142 ? -4.377  3.953   -4.408  1.00 25.04 ? 235 ASP A CA  1 
ATOM   1136 C  C   . ASP A 1 142 ? -3.506  4.572   -5.499  1.00 24.95 ? 235 ASP A C   1 
ATOM   1137 O  O   . ASP A 1 142 ? -3.887  5.560   -6.117  1.00 25.03 ? 235 ASP A O   1 
ATOM   1138 C  CB  . ASP A 1 142 ? -3.853  4.390   -3.038  1.00 25.09 ? 235 ASP A CB  1 
ATOM   1139 C  CG  . ASP A 1 142 ? -3.698  5.904   -2.924  1.00 25.58 ? 235 ASP A CG  1 
ATOM   1140 O  OD1 . ASP A 1 142 ? -4.715  6.628   -2.890  1.00 25.66 ? 235 ASP A OD1 1 
ATOM   1141 O  OD2 . ASP A 1 142 ? -2.552  6.378   -2.866  1.00 25.50 ? 235 ASP A OD2 1 
ATOM   1142 N  N   . ALA A 1 143 ? -2.343  3.975   -5.737  1.00 24.87 ? 236 ALA A N   1 
ATOM   1143 C  CA  . ALA A 1 143 ? -1.412  4.484   -6.737  1.00 24.93 ? 236 ALA A CA  1 
ATOM   1144 C  C   . ALA A 1 143 ? -1.942  4.354   -8.155  1.00 24.80 ? 236 ALA A C   1 
ATOM   1145 O  O   . ALA A 1 143 ? -1.753  5.251   -8.974  1.00 24.72 ? 236 ALA A O   1 
ATOM   1146 C  CB  . ALA A 1 143 ? -0.067  3.772   -6.613  1.00 25.02 ? 236 ALA A CB  1 
ATOM   1147 N  N   . MET A 1 144 ? -2.603  3.241   -8.453  1.00 24.86 ? 237 MET A N   1 
ATOM   1148 C  CA  . MET A 1 144 ? -3.143  3.050   -9.792  1.00 24.87 ? 237 MET A CA  1 
ATOM   1149 C  C   . MET A 1 144 ? -4.329  3.985   -10.039 1.00 24.74 ? 237 MET A C   1 
ATOM   1150 O  O   . MET A 1 144 ? -4.571  4.414   -11.165 1.00 24.30 ? 237 MET A O   1 
ATOM   1151 C  CB  . MET A 1 144 ? -3.538  1.587   -10.003 1.00 25.09 ? 237 MET A CB  1 
ATOM   1152 C  CG  . MET A 1 144 ? -2.341  0.651   -10.117 1.00 25.21 ? 237 MET A CG  1 
ATOM   1153 S  SD  . MET A 1 144 ? -1.147  1.196   -11.355 1.00 25.51 ? 237 MET A SD  1 
ATOM   1154 C  CE  . MET A 1 144 ? 0.174   1.766   -10.300 1.00 26.52 ? 237 MET A CE  1 
ATOM   1155 N  N   . PHE A 1 145 ? -5.067  4.299   -8.982  1.00 24.90 ? 238 PHE A N   1 
ATOM   1156 C  CA  . PHE A 1 145 ? -6.179  5.228   -9.107  1.00 24.97 ? 238 PHE A CA  1 
ATOM   1157 C  C   . PHE A 1 145 ? -5.583  6.604   -9.431  1.00 25.10 ? 238 PHE A C   1 
ATOM   1158 O  O   . PHE A 1 145 ? -5.992  7.257   -10.389 1.00 24.88 ? 238 PHE A O   1 
ATOM   1159 C  CB  . PHE A 1 145 ? -6.982  5.293   -7.799  1.00 24.79 ? 238 PHE A CB  1 
ATOM   1160 C  CG  . PHE A 1 145 ? -8.258  4.480   -7.822  1.00 24.93 ? 238 PHE A CG  1 
ATOM   1161 C  CD1 . PHE A 1 145 ? -9.360  4.911   -8.561  1.00 25.07 ? 238 PHE A CD1 1 
ATOM   1162 C  CD2 . PHE A 1 145 ? -8.350  3.276   -7.128  1.00 24.78 ? 238 PHE A CD2 1 
ATOM   1163 C  CE1 . PHE A 1 145 ? -10.533 4.160   -8.610  1.00 24.82 ? 238 PHE A CE1 1 
ATOM   1164 C  CE2 . PHE A 1 145 ? -9.522  2.512   -7.169  1.00 24.89 ? 238 PHE A CE2 1 
ATOM   1165 C  CZ  . PHE A 1 145 ? -10.615 2.957   -7.912  1.00 24.79 ? 238 PHE A CZ  1 
ATOM   1166 N  N   . ARG A 1 146 ? -4.602  7.033   -8.641  1.00 25.32 ? 239 ARG A N   1 
ATOM   1167 C  CA  . ARG A 1 146 ? -3.977  8.339   -8.857  1.00 26.14 ? 239 ARG A CA  1 
ATOM   1168 C  C   . ARG A 1 146 ? -3.367  8.473   -10.245 1.00 25.81 ? 239 ARG A C   1 
ATOM   1169 O  O   . ARG A 1 146 ? -3.507  9.505   -10.890 1.00 25.98 ? 239 ARG A O   1 
ATOM   1170 C  CB  . ARG A 1 146 ? -2.904  8.617   -7.794  1.00 26.56 ? 239 ARG A CB  1 
ATOM   1171 C  CG  . ARG A 1 146 ? -3.477  8.919   -6.411  1.00 27.94 ? 239 ARG A CG  1 
ATOM   1172 C  CD  . ARG A 1 146 ? -2.377  9.301   -5.402  1.00 28.77 ? 239 ARG A CD  1 
ATOM   1173 N  NE  . ARG A 1 146 ? -1.590  8.151   -4.966  1.00 29.43 ? 239 ARG A NE  1 
ATOM   1174 C  CZ  . ARG A 1 146 ? -0.278  8.019   -5.143  1.00 30.32 ? 239 ARG A CZ  1 
ATOM   1175 N  NH1 . ARG A 1 146 ? 0.415   8.970   -5.758  1.00 30.50 ? 239 ARG A NH1 1 
ATOM   1176 N  NH2 . ARG A 1 146 ? 0.350   6.935   -4.691  1.00 30.71 ? 239 ARG A NH2 1 
ATOM   1177 N  N   . ALA A 1 147 ? -2.705  7.421   -10.706 1.00 25.66 ? 240 ALA A N   1 
ATOM   1178 C  CA  . ALA A 1 147 ? -2.083  7.436   -12.018 1.00 25.79 ? 240 ALA A CA  1 
ATOM   1179 C  C   . ALA A 1 147 ? -3.127  7.635   -13.109 1.00 25.89 ? 240 ALA A C   1 
ATOM   1180 O  O   . ALA A 1 147 ? -2.909  8.380   -14.066 1.00 25.56 ? 240 ALA A O   1 
ATOM   1181 C  CB  . ALA A 1 147 ? -1.321  6.131   -12.254 1.00 25.49 ? 240 ALA A CB  1 
ATOM   1182 N  N   . PHE A 1 148 ? -4.264  6.966   -12.976 1.00 26.19 ? 241 PHE A N   1 
ATOM   1183 C  CA  . PHE A 1 148 ? -5.294  7.104   -13.992 1.00 26.84 ? 241 PHE A CA  1 
ATOM   1184 C  C   . PHE A 1 148 ? -5.837  8.532   -13.994 1.00 27.58 ? 241 PHE A C   1 
ATOM   1185 O  O   . PHE A 1 148 ? -5.952  9.168   -15.041 1.00 27.29 ? 241 PHE A O   1 
ATOM   1186 C  CB  . PHE A 1 148 ? -6.435  6.119   -13.744 1.00 26.14 ? 241 PHE A CB  1 
ATOM   1187 C  CG  . PHE A 1 148 ? -7.425  6.053   -14.872 1.00 25.83 ? 241 PHE A CG  1 
ATOM   1188 C  CD1 . PHE A 1 148 ? -7.306  5.085   -15.863 1.00 25.48 ? 241 PHE A CD1 1 
ATOM   1189 C  CD2 . PHE A 1 148 ? -8.477  6.965   -14.948 1.00 25.48 ? 241 PHE A CD2 1 
ATOM   1190 C  CE1 . PHE A 1 148 ? -8.218  5.020   -16.913 1.00 24.91 ? 241 PHE A CE1 1 
ATOM   1191 C  CE2 . PHE A 1 148 ? -9.394  6.909   -15.996 1.00 25.00 ? 241 PHE A CE2 1 
ATOM   1192 C  CZ  . PHE A 1 148 ? -9.264  5.933   -16.980 1.00 24.93 ? 241 PHE A CZ  1 
ATOM   1193 N  N   . LYS A 1 149 ? -6.160  9.031   -12.810 1.00 28.75 ? 242 LYS A N   1 
ATOM   1194 C  CA  . LYS A 1 149 ? -6.708  10.371  -12.690 1.00 30.28 ? 242 LYS A CA  1 
ATOM   1195 C  C   . LYS A 1 149 ? -5.766  11.433  -13.234 1.00 30.81 ? 242 LYS A C   1 
ATOM   1196 O  O   . LYS A 1 149 ? -6.203  12.339  -13.929 1.00 30.86 ? 242 LYS A O   1 
ATOM   1197 C  CB  . LYS A 1 149 ? -7.054  10.673  -11.231 1.00 30.77 ? 242 LYS A CB  1 
ATOM   1198 C  CG  . LYS A 1 149 ? -8.203  9.824   -10.696 1.00 32.03 ? 242 LYS A CG  1 
ATOM   1199 C  CD  . LYS A 1 149 ? -8.356  9.997   -9.190  1.00 32.82 ? 242 LYS A CD  1 
ATOM   1200 C  CE  . LYS A 1 149 ? -9.456  9.106   -8.632  1.00 33.33 ? 242 LYS A CE  1 
ATOM   1201 N  NZ  . LYS A 1 149 ? -9.476  9.154   -7.133  1.00 34.07 ? 242 LYS A NZ  1 
ATOM   1202 N  N   . SER A 1 150 ? -4.475  11.321  -12.940 1.00 31.68 ? 243 SER A N   1 
ATOM   1203 C  CA  . SER A 1 150 ? -3.539  12.323  -13.431 1.00 32.85 ? 243 SER A CA  1 
ATOM   1204 C  C   . SER A 1 150 ? -3.409  12.271  -14.948 1.00 33.30 ? 243 SER A C   1 
ATOM   1205 O  O   . SER A 1 150 ? -3.003  13.249  -15.568 1.00 33.67 ? 243 SER A O   1 
ATOM   1206 C  CB  . SER A 1 150 ? -2.163  12.157  -12.780 1.00 32.89 ? 243 SER A CB  1 
ATOM   1207 O  OG  . SER A 1 150 ? -1.478  11.033  -13.296 1.00 34.01 ? 243 SER A OG  1 
ATOM   1208 N  N   . LEU A 1 151 ? -3.769  11.142  -15.548 1.00 33.86 ? 244 LEU A N   1 
ATOM   1209 C  CA  . LEU A 1 151 ? -3.693  10.994  -16.998 1.00 34.49 ? 244 LEU A CA  1 
ATOM   1210 C  C   . LEU A 1 151 ? -5.026  11.315  -17.673 1.00 35.20 ? 244 LEU A C   1 
ATOM   1211 O  O   . LEU A 1 151 ? -5.136  11.306  -18.896 1.00 35.19 ? 244 LEU A O   1 
ATOM   1212 C  CB  . LEU A 1 151 ? -3.256  9.572   -17.358 1.00 34.28 ? 244 LEU A CB  1 
ATOM   1213 C  CG  . LEU A 1 151 ? -1.803  9.368   -17.805 1.00 34.36 ? 244 LEU A CG  1 
ATOM   1214 C  CD1 . LEU A 1 151 ? -0.852  10.131  -16.898 1.00 34.32 ? 244 LEU A CD1 1 
ATOM   1215 C  CD2 . LEU A 1 151 ? -1.485  7.883   -17.799 1.00 34.29 ? 244 LEU A CD2 1 
ATOM   1216 N  N   . ASP A 1 152 ? -6.036  11.607  -16.864 1.00 36.20 ? 245 ASP A N   1 
ATOM   1217 C  CA  . ASP A 1 152 ? -7.367  11.936  -17.365 1.00 37.09 ? 245 ASP A CA  1 
ATOM   1218 C  C   . ASP A 1 152 ? -7.897  13.145  -16.582 1.00 38.13 ? 245 ASP A C   1 
ATOM   1219 O  O   . ASP A 1 152 ? -8.915  13.057  -15.894 1.00 38.30 ? 245 ASP A O   1 
ATOM   1220 C  CB  . ASP A 1 152 ? -8.281  10.718  -17.183 1.00 36.55 ? 245 ASP A CB  1 
ATOM   1221 C  CG  . ASP A 1 152 ? -9.704  10.979  -17.617 1.00 35.97 ? 245 ASP A CG  1 
ATOM   1222 O  OD1 . ASP A 1 152 ? -9.906  11.577  -18.694 1.00 36.06 ? 245 ASP A OD1 1 
ATOM   1223 O  OD2 . ASP A 1 152 ? -10.621 10.571  -16.883 1.00 35.44 ? 245 ASP A OD2 1 
ATOM   1224 N  N   . LYS A 1 153 ? -7.194  14.274  -16.696 1.00 39.19 ? 246 LYS A N   1 
ATOM   1225 C  CA  . LYS A 1 153 ? -7.552  15.505  -15.981 1.00 40.37 ? 246 LYS A CA  1 
ATOM   1226 C  C   . LYS A 1 153 ? -8.881  16.134  -16.398 1.00 40.67 ? 246 LYS A C   1 
ATOM   1227 O  O   . LYS A 1 153 ? -9.471  16.909  -15.640 1.00 40.99 ? 246 LYS A O   1 
ATOM   1228 C  CB  . LYS A 1 153 ? -6.437  16.550  -16.134 1.00 41.05 ? 246 LYS A CB  1 
ATOM   1229 C  CG  . LYS A 1 153 ? -5.062  16.081  -15.657 1.00 41.92 ? 246 LYS A CG  1 
ATOM   1230 C  CD  . LYS A 1 153 ? -5.013  15.852  -14.142 1.00 42.59 ? 246 LYS A CD  1 
ATOM   1231 C  CE  . LYS A 1 153 ? -4.497  17.082  -13.397 1.00 43.11 ? 246 LYS A CE  1 
ATOM   1232 N  NZ  . LYS A 1 153 ? -5.421  18.257  -13.473 1.00 43.53 ? 246 LYS A NZ  1 
ATOM   1233 N  N   . ASP A 1 154 ? -9.348  15.809  -17.598 1.00 40.88 ? 247 ASP A N   1 
ATOM   1234 C  CA  . ASP A 1 154 ? -10.609 16.349  -18.095 1.00 40.81 ? 247 ASP A CA  1 
ATOM   1235 C  C   . ASP A 1 154 ? -11.788 15.448  -17.710 1.00 40.40 ? 247 ASP A C   1 
ATOM   1236 O  O   . ASP A 1 154 ? -12.953 15.783  -17.965 1.00 40.57 ? 247 ASP A O   1 
ATOM   1237 C  CB  . ASP A 1 154 ? -10.537 16.518  -19.617 1.00 41.47 ? 247 ASP A CB  1 
ATOM   1238 C  CG  . ASP A 1 154 ? -9.577  17.630  -20.037 1.00 42.09 ? 247 ASP A CG  1 
ATOM   1239 O  OD1 . ASP A 1 154 ? -9.295  17.751  -21.253 1.00 42.45 ? 247 ASP A OD1 1 
ATOM   1240 O  OD2 . ASP A 1 154 ? -9.112  18.389  -19.153 1.00 42.41 ? 247 ASP A OD2 1 
ATOM   1241 N  N   . GLY A 1 155 ? -11.475 14.307  -17.092 1.00 39.54 ? 248 GLY A N   1 
ATOM   1242 C  CA  . GLY A 1 155 ? -12.502 13.375  -16.656 1.00 38.04 ? 248 GLY A CA  1 
ATOM   1243 C  C   . GLY A 1 155 ? -13.307 12.718  -17.764 1.00 37.07 ? 248 GLY A C   1 
ATOM   1244 O  O   . GLY A 1 155 ? -14.529 12.582  -17.652 1.00 36.98 ? 248 GLY A O   1 
ATOM   1245 N  N   . THR A 1 156 ? -12.629 12.300  -18.828 1.00 35.94 ? 249 THR A N   1 
ATOM   1246 C  CA  . THR A 1 156 ? -13.293 11.653  -19.958 1.00 34.96 ? 249 THR A CA  1 
ATOM   1247 C  C   . THR A 1 156 ? -13.608 10.175  -19.704 1.00 34.05 ? 249 THR A C   1 
ATOM   1248 O  O   . THR A 1 156 ? -14.355 9.561   -20.468 1.00 33.95 ? 249 THR A O   1 
ATOM   1249 C  CB  . THR A 1 156 ? -12.420 11.712  -21.220 1.00 35.19 ? 249 THR A CB  1 
ATOM   1250 O  OG1 . THR A 1 156 ? -11.223 10.960  -20.990 1.00 35.10 ? 249 THR A OG1 1 
ATOM   1251 C  CG2 . THR A 1 156 ? -12.049 13.162  -21.559 1.00 35.34 ? 249 THR A CG2 1 
ATOM   1252 N  N   . GLY A 1 157 ? -13.025 9.604   -18.653 1.00 32.85 ? 250 GLY A N   1 
ATOM   1253 C  CA  . GLY A 1 157 ? -13.265 8.200   -18.360 1.00 31.60 ? 250 GLY A CA  1 
ATOM   1254 C  C   . GLY A 1 157 ? -12.308 7.232   -19.054 1.00 30.79 ? 250 GLY A C   1 
ATOM   1255 O  O   . GLY A 1 157 ? -12.441 6.011   -18.924 1.00 30.37 ? 250 GLY A O   1 
ATOM   1256 N  N   . GLN A 1 158 ? -11.352 7.767   -19.808 1.00 29.98 ? 251 GLN A N   1 
ATOM   1257 C  CA  . GLN A 1 158 ? -10.371 6.926   -20.490 1.00 29.48 ? 251 GLN A CA  1 
ATOM   1258 C  C   . GLN A 1 158 ? -9.028  7.620   -20.576 1.00 28.85 ? 251 GLN A C   1 
ATOM   1259 O  O   . GLN A 1 158 ? -8.953  8.846   -20.559 1.00 28.66 ? 251 GLN A O   1 
ATOM   1260 C  CB  . GLN A 1 158 ? -10.806 6.589   -21.916 1.00 29.31 ? 251 GLN A CB  1 
ATOM   1261 C  CG  . GLN A 1 158 ? -12.138 5.919   -22.041 1.00 29.95 ? 251 GLN A CG  1 
ATOM   1262 C  CD  . GLN A 1 158 ? -12.336 5.326   -23.412 1.00 30.14 ? 251 GLN A CD  1 
ATOM   1263 O  OE1 . GLN A 1 158 ? -11.860 4.231   -23.699 1.00 30.59 ? 251 GLN A OE1 1 
ATOM   1264 N  NE2 . GLN A 1 158 ? -13.028 6.051   -24.273 1.00 30.47 ? 251 GLN A NE2 1 
ATOM   1265 N  N   . ILE A 1 159 ? -7.969  6.823   -20.654 1.00 28.14 ? 252 ILE A N   1 
ATOM   1266 C  CA  . ILE A 1 159 ? -6.628  7.363   -20.807 1.00 27.71 ? 252 ILE A CA  1 
ATOM   1267 C  C   . ILE A 1 159 ? -6.064  6.696   -22.051 1.00 27.65 ? 252 ILE A C   1 
ATOM   1268 O  O   . ILE A 1 159 ? -6.493  5.597   -22.426 1.00 27.73 ? 252 ILE A O   1 
ATOM   1269 C  CB  . ILE A 1 159 ? -5.700  7.054   -19.597 1.00 27.19 ? 252 ILE A CB  1 
ATOM   1270 C  CG1 . ILE A 1 159 ? -5.565  5.544   -19.395 1.00 27.00 ? 252 ILE A CG1 1 
ATOM   1271 C  CG2 . ILE A 1 159 ? -6.234  7.726   -18.346 1.00 27.12 ? 252 ILE A CG2 1 
ATOM   1272 C  CD1 . ILE A 1 159 ? -4.637  5.173   -18.253 1.00 26.64 ? 252 ILE A CD1 1 
ATOM   1273 N  N   . GLN A 1 160 ? -5.118  7.368   -22.695 1.00 27.51 ? 253 GLN A N   1 
ATOM   1274 C  CA  . GLN A 1 160 ? -4.485  6.837   -23.895 1.00 27.33 ? 253 GLN A CA  1 
ATOM   1275 C  C   . GLN A 1 160 ? -2.974  6.875   -23.673 1.00 26.76 ? 253 GLN A C   1 
ATOM   1276 O  O   . GLN A 1 160 ? -2.422  7.931   -23.396 1.00 26.81 ? 253 GLN A O   1 
ATOM   1277 C  CB  . GLN A 1 160 ? -4.878  7.694   -25.105 1.00 27.93 ? 253 GLN A CB  1 
ATOM   1278 C  CG  . GLN A 1 160 ? -4.291  7.217   -26.429 1.00 29.11 ? 253 GLN A CG  1 
ATOM   1279 C  CD  . GLN A 1 160 ? -4.882  7.956   -27.626 1.00 29.66 ? 253 GLN A CD  1 
ATOM   1280 O  OE1 . GLN A 1 160 ? -4.846  9.189   -27.694 1.00 30.23 ? 253 GLN A OE1 1 
ATOM   1281 N  NE2 . GLN A 1 160 ? -5.424  7.201   -28.575 1.00 29.75 ? 253 GLN A NE2 1 
ATOM   1282 N  N   . VAL A 1 161 ? -2.309  5.726   -23.787 1.00 26.03 ? 254 VAL A N   1 
ATOM   1283 C  CA  . VAL A 1 161 ? -0.865  5.670   -23.574 1.00 24.94 ? 254 VAL A CA  1 
ATOM   1284 C  C   . VAL A 1 161 ? -0.128  4.876   -24.644 1.00 24.56 ? 254 VAL A C   1 
ATOM   1285 O  O   . VAL A 1 161 ? -0.699  3.989   -25.277 1.00 24.42 ? 254 VAL A O   1 
ATOM   1286 C  CB  . VAL A 1 161 ? -0.532  5.034   -22.209 1.00 24.99 ? 254 VAL A CB  1 
ATOM   1287 C  CG1 . VAL A 1 161 ? -1.142  5.855   -21.081 1.00 24.78 ? 254 VAL A CG1 1 
ATOM   1288 C  CG2 . VAL A 1 161 ? -1.044  3.605   -22.172 1.00 24.63 ? 254 VAL A CG2 1 
ATOM   1289 N  N   . ASN A 1 162 ? 1.144   5.209   -24.853 1.00 24.07 ? 255 ASN A N   1 
ATOM   1290 C  CA  . ASN A 1 162 ? 1.950   4.488   -25.824 1.00 23.67 ? 255 ASN A CA  1 
ATOM   1291 C  C   . ASN A 1 162 ? 2.655   3.354   -25.080 1.00 23.62 ? 255 ASN A C   1 
ATOM   1292 O  O   . ASN A 1 162 ? 2.579   3.267   -23.853 1.00 23.51 ? 255 ASN A O   1 
ATOM   1293 C  CB  . ASN A 1 162 ? 2.955   5.422   -26.519 1.00 23.56 ? 255 ASN A CB  1 
ATOM   1294 C  CG  . ASN A 1 162 ? 3.882   6.131   -25.548 1.00 23.10 ? 255 ASN A CG  1 
ATOM   1295 O  OD1 . ASN A 1 162 ? 4.676   5.503   -24.860 1.00 23.02 ? 255 ASN A OD1 1 
ATOM   1296 N  ND2 . ASN A 1 162 ? 3.786   7.450   -25.501 1.00 23.34 ? 255 ASN A ND2 1 
ATOM   1297 N  N   . ILE A 1 163 ? 3.327   2.479   -25.819 1.00 23.34 ? 256 ILE A N   1 
ATOM   1298 C  CA  . ILE A 1 163 ? 3.993   1.343   -25.206 1.00 23.11 ? 256 ILE A CA  1 
ATOM   1299 C  C   . ILE A 1 163 ? 5.028   1.724   -24.141 1.00 22.99 ? 256 ILE A C   1 
ATOM   1300 O  O   . ILE A 1 163 ? 5.167   1.030   -23.140 1.00 23.04 ? 256 ILE A O   1 
ATOM   1301 C  CB  . ILE A 1 163 ? 4.642   0.428   -26.292 1.00 23.11 ? 256 ILE A CB  1 
ATOM   1302 C  CG1 . ILE A 1 163 ? 5.127   -0.873  -25.656 1.00 23.43 ? 256 ILE A CG1 1 
ATOM   1303 C  CG2 . ILE A 1 163 ? 5.827   1.118   -26.952 1.00 22.76 ? 256 ILE A CG2 1 
ATOM   1304 C  CD1 . ILE A 1 163 ? 4.039   -1.737  -25.152 1.00 23.71 ? 256 ILE A CD1 1 
ATOM   1305 N  N   . GLN A 1 164 ? 5.734   2.834   -24.328 1.00 22.75 ? 257 GLN A N   1 
ATOM   1306 C  CA  . GLN A 1 164 ? 6.745   3.234   -23.348 1.00 22.40 ? 257 GLN A CA  1 
ATOM   1307 C  C   . GLN A 1 164 ? 6.127   3.691   -22.036 1.00 22.15 ? 257 GLN A C   1 
ATOM   1308 O  O   . GLN A 1 164 ? 6.618   3.344   -20.960 1.00 21.80 ? 257 GLN A O   1 
ATOM   1309 C  CB  . GLN A 1 164 ? 7.666   4.304   -23.955 1.00 22.38 ? 257 GLN A CB  1 
ATOM   1310 C  CG  . GLN A 1 164 ? 8.310   3.787   -25.248 1.00 22.73 ? 257 GLN A CG  1 
ATOM   1311 C  CD  . GLN A 1 164 ? 9.431   4.661   -25.804 1.00 23.02 ? 257 GLN A CD  1 
ATOM   1312 O  OE1 . GLN A 1 164 ? 9.802   4.527   -26.978 1.00 23.57 ? 257 GLN A OE1 1 
ATOM   1313 N  NE2 . GLN A 1 164 ? 9.989   5.535   -24.972 1.00 22.82 ? 257 GLN A NE2 1 
ATOM   1314 N  N   . GLU A 1 165 ? 5.040   4.452   -22.112 1.00 22.13 ? 258 GLU A N   1 
ATOM   1315 C  CA  . GLU A 1 165 ? 4.354   4.901   -20.900 1.00 22.22 ? 258 GLU A CA  1 
ATOM   1316 C  C   . GLU A 1 165 ? 3.739   3.664   -20.225 1.00 22.02 ? 258 GLU A C   1 
ATOM   1317 O  O   . GLU A 1 165 ? 3.849   3.478   -19.014 1.00 21.49 ? 258 GLU A O   1 
ATOM   1318 C  CB  . GLU A 1 165 ? 3.260   5.903   -21.262 1.00 22.38 ? 258 GLU A CB  1 
ATOM   1319 C  CG  . GLU A 1 165 ? 3.772   7.100   -22.040 1.00 22.90 ? 258 GLU A CG  1 
ATOM   1320 C  CD  . GLU A 1 165 ? 2.659   8.000   -22.526 1.00 23.32 ? 258 GLU A CD  1 
ATOM   1321 O  OE1 . GLU A 1 165 ? 1.772   7.510   -23.260 1.00 23.18 ? 258 GLU A OE1 1 
ATOM   1322 O  OE2 . GLU A 1 165 ? 2.672   9.198   -22.172 1.00 23.94 ? 258 GLU A OE2 1 
ATOM   1323 N  N   . TRP A 1 166 ? 3.099   2.820   -21.033 1.00 22.18 ? 259 TRP A N   1 
ATOM   1324 C  CA  . TRP A 1 166 ? 2.482   1.585   -20.548 1.00 22.62 ? 259 TRP A CA  1 
ATOM   1325 C  C   . TRP A 1 166 ? 3.457   0.752   -19.708 1.00 22.85 ? 259 TRP A C   1 
ATOM   1326 O  O   . TRP A 1 166 ? 3.157   0.396   -18.567 1.00 23.12 ? 259 TRP A O   1 
ATOM   1327 C  CB  . TRP A 1 166 ? 1.990   0.750   -21.735 1.00 22.44 ? 259 TRP A CB  1 
ATOM   1328 C  CG  . TRP A 1 166 ? 1.464   -0.615  -21.363 1.00 22.78 ? 259 TRP A CG  1 
ATOM   1329 C  CD1 . TRP A 1 166 ? 2.054   -1.819  -21.616 1.00 22.76 ? 259 TRP A CD1 1 
ATOM   1330 C  CD2 . TRP A 1 166 ? 0.253   -0.904  -20.661 1.00 22.86 ? 259 TRP A CD2 1 
ATOM   1331 N  NE1 . TRP A 1 166 ? 1.288   -2.839  -21.116 1.00 22.96 ? 259 TRP A NE1 1 
ATOM   1332 C  CE2 . TRP A 1 166 ? 0.177   -2.307  -20.521 1.00 22.98 ? 259 TRP A CE2 1 
ATOM   1333 C  CE3 . TRP A 1 166 ? -0.776  -0.113  -20.134 1.00 23.05 ? 259 TRP A CE3 1 
ATOM   1334 C  CZ2 . TRP A 1 166 ? -0.892  -2.941  -19.871 1.00 23.05 ? 259 TRP A CZ2 1 
ATOM   1335 C  CZ3 . TRP A 1 166 ? -1.846  -0.745  -19.483 1.00 23.21 ? 259 TRP A CZ3 1 
ATOM   1336 C  CH2 . TRP A 1 166 ? -1.889  -2.146  -19.359 1.00 23.04 ? 259 TRP A CH2 1 
ATOM   1337 N  N   . LEU A 1 167 ? 4.623   0.448   -20.279 1.00 23.08 ? 260 LEU A N   1 
ATOM   1338 C  CA  . LEU A 1 167 ? 5.640   -0.351  -19.602 1.00 23.33 ? 260 LEU A CA  1 
ATOM   1339 C  C   . LEU A 1 167 ? 6.214   0.330   -18.357 1.00 23.72 ? 260 LEU A C   1 
ATOM   1340 O  O   . LEU A 1 167 ? 6.520   -0.335  -17.364 1.00 23.62 ? 260 LEU A O   1 
ATOM   1341 C  CB  . LEU A 1 167 ? 6.762   -0.706  -20.576 1.00 23.36 ? 260 LEU A CB  1 
ATOM   1342 C  CG  . LEU A 1 167 ? 6.363   -1.656  -21.709 1.00 23.24 ? 260 LEU A CG  1 
ATOM   1343 C  CD1 . LEU A 1 167 ? 7.577   -1.967  -22.578 1.00 23.25 ? 260 LEU A CD1 1 
ATOM   1344 C  CD2 . LEU A 1 167 ? 5.797   -2.940  -21.119 1.00 23.39 ? 260 LEU A CD2 1 
ATOM   1345 N  N   . GLN A 1 168 ? 6.370   1.648   -18.415 1.00 24.06 ? 261 GLN A N   1 
ATOM   1346 C  CA  . GLN A 1 168 ? 6.862   2.404   -17.272 1.00 24.57 ? 261 GLN A CA  1 
ATOM   1347 C  C   . GLN A 1 168 ? 5.861   2.252   -16.127 1.00 24.81 ? 261 GLN A C   1 
ATOM   1348 O  O   . GLN A 1 168 ? 6.231   1.960   -14.994 1.00 24.88 ? 261 GLN A O   1 
ATOM   1349 C  CB  . GLN A 1 168 ? 6.994   3.891   -17.627 1.00 24.79 ? 261 GLN A CB  1 
ATOM   1350 C  CG  . GLN A 1 168 ? 7.120   4.811   -16.415 1.00 25.38 ? 261 GLN A CG  1 
ATOM   1351 C  CD  . GLN A 1 168 ? 8.405   4.602   -15.634 1.00 26.08 ? 261 GLN A CD  1 
ATOM   1352 O  OE1 . GLN A 1 168 ? 8.410   4.666   -14.402 1.00 26.85 ? 261 GLN A OE1 1 
ATOM   1353 N  NE2 . GLN A 1 168 ? 9.502   4.362   -16.342 1.00 26.32 ? 261 GLN A NE2 1 
ATOM   1354 N  N   . LEU A 1 169 ? 4.584   2.438   -16.441 1.00 24.84 ? 262 LEU A N   1 
ATOM   1355 C  CA  . LEU A 1 169 ? 3.529   2.347   -15.444 1.00 24.77 ? 262 LEU A CA  1 
ATOM   1356 C  C   . LEU A 1 169 ? 3.282   0.951   -14.888 1.00 25.04 ? 262 LEU A C   1 
ATOM   1357 O  O   . LEU A 1 169 ? 3.078   0.801   -13.690 1.00 25.22 ? 262 LEU A O   1 
ATOM   1358 C  CB  . LEU A 1 169 ? 2.225   2.905   -16.015 1.00 24.35 ? 262 LEU A CB  1 
ATOM   1359 C  CG  . LEU A 1 169 ? 2.172   4.428   -16.127 1.00 24.28 ? 262 LEU A CG  1 
ATOM   1360 C  CD1 . LEU A 1 169 ? 1.049   4.852   -17.042 1.00 24.32 ? 262 LEU A CD1 1 
ATOM   1361 C  CD2 . LEU A 1 169 ? 1.994   5.023   -14.744 1.00 24.32 ? 262 LEU A CD2 1 
ATOM   1362 N  N   . THR A 1 170 ? 3.305   -0.068  -15.743 1.00 25.14 ? 263 THR A N   1 
ATOM   1363 C  CA  . THR A 1 170 ? 3.048   -1.436  -15.296 1.00 25.15 ? 263 THR A CA  1 
ATOM   1364 C  C   . THR A 1 170 ? 4.245   -2.186  -14.723 1.00 25.35 ? 263 THR A C   1 
ATOM   1365 O  O   . THR A 1 170 ? 4.080   -3.029  -13.841 1.00 25.73 ? 263 THR A O   1 
ATOM   1366 C  CB  . THR A 1 170 ? 2.454   -2.301  -16.429 1.00 25.21 ? 263 THR A CB  1 
ATOM   1367 O  OG1 . THR A 1 170 ? 3.346   -2.309  -17.554 1.00 24.94 ? 263 THR A OG1 1 
ATOM   1368 C  CG2 . THR A 1 170 ? 1.108   -1.752  -16.855 1.00 25.24 ? 263 THR A CG2 1 
ATOM   1369 N  N   . MET A 1 171 ? 5.439   -1.902  -15.226 1.00 25.23 ? 264 MET A N   1 
ATOM   1370 C  CA  . MET A 1 171 ? 6.635   -2.577  -14.741 1.00 25.45 ? 264 MET A CA  1 
ATOM   1371 C  C   . MET A 1 171 ? 7.208   -1.941  -13.487 1.00 25.75 ? 264 MET A C   1 
ATOM   1372 O  O   . MET A 1 171 ? 7.725   -2.648  -12.628 1.00 25.93 ? 264 MET A O   1 
ATOM   1373 C  CB  . MET A 1 171 ? 7.718   -2.608  -15.821 1.00 25.30 ? 264 MET A CB  1 
ATOM   1374 C  CG  . MET A 1 171 ? 7.362   -3.456  -17.033 1.00 25.31 ? 264 MET A CG  1 
ATOM   1375 S  SD  . MET A 1 171 ? 7.017   -5.168  -16.594 1.00 25.04 ? 264 MET A SD  1 
ATOM   1376 C  CE  . MET A 1 171 ? 8.678   -5.773  -16.262 1.00 24.78 ? 264 MET A CE  1 
ATOM   1377 N  N   . TYR A 1 172 ? 7.136   -0.615  -13.380 1.00 25.72 ? 265 TYR A N   1 
ATOM   1378 C  CA  . TYR A 1 172 ? 7.671   0.053   -12.196 1.00 25.80 ? 265 TYR A CA  1 
ATOM   1379 C  C   . TYR A 1 172 ? 6.604   0.059   -11.103 1.00 25.77 ? 265 TYR A C   1 
ATOM   1380 O  O   . TYR A 1 172 ? 6.073   1.103   -10.734 1.00 25.83 ? 265 TYR A O   1 
ATOM   1381 C  CB  . TYR A 1 172 ? 8.112   1.489   -12.520 1.00 25.86 ? 265 TYR A CB  1 
ATOM   1382 C  CG  . TYR A 1 172 ? 9.077   2.051   -11.496 1.00 25.72 ? 265 TYR A CG  1 
ATOM   1383 C  CD1 . TYR A 1 172 ? 8.844   3.282   -10.885 1.00 25.65 ? 265 TYR A CD1 1 
ATOM   1384 C  CD2 . TYR A 1 172 ? 10.218  1.337   -11.122 1.00 25.79 ? 265 TYR A CD2 1 
ATOM   1385 C  CE1 . TYR A 1 172 ? 9.717   3.789   -9.924  1.00 25.49 ? 265 TYR A CE1 1 
ATOM   1386 C  CE2 . TYR A 1 172 ? 11.100  1.834   -10.158 1.00 25.79 ? 265 TYR A CE2 1 
ATOM   1387 C  CZ  . TYR A 1 172 ? 10.841  3.061   -9.566  1.00 25.89 ? 265 TYR A CZ  1 
ATOM   1388 O  OH  . TYR A 1 172 ? 11.710  3.561   -8.619  1.00 26.08 ? 265 TYR A OH  1 
ATOM   1389 N  N   . SER A 1 173 ? 6.310   -1.128  -10.582 1.00 25.65 ? 266 SER A N   1 
ATOM   1390 C  CA  . SER A 1 173 ? 5.294   -1.295  -9.553  1.00 25.33 ? 266 SER A CA  1 
ATOM   1391 C  C   . SER A 1 173 ? 5.398   -2.701  -8.966  1.00 25.55 ? 266 SER A C   1 
ATOM   1392 O  O   . SER A 1 173 ? 6.365   -3.416  -9.308  1.00 25.54 ? 266 SER A O   1 
ATOM   1393 C  CB  . SER A 1 173 ? 3.902   -1.116  -10.169 1.00 25.27 ? 266 SER A CB  1 
ATOM   1394 O  OG  . SER A 1 173 ? 3.632   -2.146  -11.106 1.00 24.32 ? 266 SER A OG  1 
ATOM   1395 O  OXT . SER A 1 173 ? 4.501   -3.074  -8.190  1.00 25.31 ? 266 SER A OXT 1 
HETATM 1396 CA CA  . CA  B 2 .   ? 1.065   -11.995 3.411   1.00 27.00 ? 1   CA  A CA  1 
HETATM 1397 CA CA  . CA  C 2 .   ? 11.556  9.038   -4.554  1.00 27.59 ? 2   CA  A CA  1 
HETATM 1398 CA CA  . CA  D 2 .   ? 18.699  4.796   2.945   1.00 27.36 ? 3   CA  A CA  1 
HETATM 1399 CA CA  . CA  E 2 .   ? -11.955 -11.502 9.587   1.00 43.03 ? 4   CA  A CA  1 
HETATM 1400 O  O   . HOH F 3 .   ? 19.033  3.366   1.017   1.00 23.97 ? 267 HOH A O   1 
HETATM 1401 O  O   . HOH F 3 .   ? -13.490 5.011   -16.529 1.00 19.05 ? 268 HOH A O   1 
HETATM 1402 O  O   . HOH F 3 .   ? 19.524  4.003   9.510   1.00 18.88 ? 269 HOH A O   1 
HETATM 1403 O  O   . HOH F 3 .   ? 16.851  2.060   8.319   1.00 24.83 ? 270 HOH A O   1 
HETATM 1404 O  O   . HOH F 3 .   ? 7.936   2.999   -28.545 1.00 24.12 ? 271 HOH A O   1 
HETATM 1405 O  O   . HOH F 3 .   ? 9.629   12.352  -1.229  1.00 28.63 ? 272 HOH A O   1 
HETATM 1406 O  O   . HOH F 3 .   ? 12.334  10.937  -3.242  1.00 25.88 ? 273 HOH A O   1 
HETATM 1407 O  O   . HOH F 3 .   ? 3.820   2.477   -11.672 1.00 21.87 ? 274 HOH A O   1 
HETATM 1408 O  O   . HOH F 3 .   ? 13.489  13.832  1.558   1.00 26.88 ? 275 HOH A O   1 
HETATM 1409 O  O   . HOH F 3 .   ? 11.629  -1.059  -6.166  1.00 22.58 ? 276 HOH A O   1 
HETATM 1410 O  O   . HOH F 3 .   ? 14.301  0.515   8.666   1.00 27.02 ? 277 HOH A O   1 
HETATM 1411 O  O   . HOH F 3 .   ? 5.138   -9.999  1.940   1.00 27.27 ? 278 HOH A O   1 
HETATM 1412 O  O   . HOH F 3 .   ? -8.107  -16.267 -3.332  1.00 32.40 ? 279 HOH A O   1 
HETATM 1413 O  O   . HOH F 3 .   ? 16.748  -2.008  -1.044  1.00 28.71 ? 280 HOH A O   1 
HETATM 1414 O  O   . HOH F 3 .   ? 19.763  2.739   6.946   1.00 27.87 ? 281 HOH A O   1 
HETATM 1415 O  O   . HOH F 3 .   ? 14.563  0.778   -2.899  1.00 25.57 ? 282 HOH A O   1 
HETATM 1416 O  O   . HOH F 3 .   ? 6.132   5.110   -9.820  1.00 30.36 ? 283 HOH A O   1 
HETATM 1417 O  O   . HOH F 3 .   ? 2.535   -9.040  0.421   1.00 29.22 ? 284 HOH A O   1 
HETATM 1418 O  O   . HOH F 3 .   ? 6.214   8.695   -24.205 1.00 28.60 ? 285 HOH A O   1 
HETATM 1419 O  O   . HOH F 3 .   ? 9.033   17.264  20.375  1.00 41.87 ? 286 HOH A O   1 
HETATM 1420 O  O   . HOH F 3 .   ? 9.933   -11.620 -1.258  1.00 32.89 ? 287 HOH A O   1 
HETATM 1421 O  O   . HOH F 3 .   ? 0.592   4.821   -0.081  1.00 27.93 ? 288 HOH A O   1 
HETATM 1422 O  O   . HOH F 3 .   ? -3.355  -13.285 2.846   1.00 30.95 ? 289 HOH A O   1 
HETATM 1423 O  O   . HOH F 3 .   ? -17.226 11.459  -18.832 1.00 32.53 ? 290 HOH A O   1 
HETATM 1424 O  O   . HOH F 3 .   ? -16.932 -11.474 9.176   1.00 43.27 ? 291 HOH A O   1 
HETATM 1425 O  O   . HOH F 3 .   ? 20.518  0.644   4.470   1.00 32.11 ? 292 HOH A O   1 
HETATM 1426 O  O   . HOH F 3 .   ? 12.109  1.882   -6.513  1.00 33.92 ? 293 HOH A O   1 
HETATM 1427 O  O   . HOH F 3 .   ? 13.707  -8.500  -4.529  1.00 33.09 ? 294 HOH A O   1 
HETATM 1428 O  O   . HOH F 3 .   ? -10.327 -11.378 1.555   1.00 31.99 ? 295 HOH A O   1 
HETATM 1429 O  O   . HOH F 3 .   ? 15.431  13.329  -1.072  1.00 36.36 ? 296 HOH A O   1 
HETATM 1430 O  O   . HOH F 3 .   ? 3.543   13.626  2.009   1.00 27.63 ? 297 HOH A O   1 
HETATM 1431 O  O   . HOH F 3 .   ? -18.885 -6.309  -11.528 1.00 30.90 ? 298 HOH A O   1 
HETATM 1432 O  O   . HOH F 3 .   ? 25.888  5.133   9.412   1.00 35.73 ? 299 HOH A O   1 
HETATM 1433 O  O   . HOH F 3 .   ? 12.539  -7.188  8.182   1.00 34.69 ? 300 HOH A O   1 
HETATM 1434 O  O   . HOH F 3 .   ? -7.481  5.729   1.871   1.00 31.87 ? 301 HOH A O   1 
HETATM 1435 O  O   . HOH F 3 .   ? -15.241 -14.177 4.702   1.00 32.28 ? 302 HOH A O   1 
HETATM 1436 O  O   . HOH F 3 .   ? 9.108   7.776   -23.874 1.00 32.12 ? 303 HOH A O   1 
HETATM 1437 O  O   . HOH F 3 .   ? -12.330 -14.401 -6.388  1.00 32.85 ? 304 HOH A O   1 
HETATM 1438 O  O   . HOH F 3 .   ? -3.926  11.972  -9.530  1.00 39.31 ? 305 HOH A O   1 
HETATM 1439 O  O   . HOH F 3 .   ? 7.302   -9.988  -0.694  1.00 38.66 ? 306 HOH A O   1 
HETATM 1440 O  O   . HOH F 3 .   ? -2.485  -24.759 -3.670  1.00 33.68 ? 307 HOH A O   1 
HETATM 1441 O  O   . HOH F 3 .   ? -7.688  11.134  -21.312 1.00 37.19 ? 308 HOH A O   1 
HETATM 1442 O  O   . HOH F 3 .   ? -14.350 2.585   -22.319 1.00 37.09 ? 309 HOH A O   1 
HETATM 1443 O  O   . HOH F 3 .   ? 10.563  14.958  0.304   1.00 40.02 ? 310 HOH A O   1 
HETATM 1444 O  O   . HOH F 3 .   ? 2.925   16.765  3.975   1.00 43.17 ? 311 HOH A O   1 
HETATM 1445 O  O   . HOH F 3 .   ? 11.858  -11.057 1.881   1.00 35.40 ? 312 HOH A O   1 
HETATM 1446 O  O   . HOH F 3 .   ? 11.543  10.305  16.444  1.00 36.49 ? 313 HOH A O   1 
HETATM 1447 O  O   . HOH F 3 .   ? 3.398   10.457  9.868   1.00 37.11 ? 314 HOH A O   1 
HETATM 1448 O  O   . HOH F 3 .   ? -12.996 -10.947 -11.907 1.00 41.34 ? 315 HOH A O   1 
HETATM 1449 O  O   . HOH F 3 .   ? 0.472   7.091   -8.987  1.00 39.76 ? 316 HOH A O   1 
HETATM 1450 O  O   . HOH F 3 .   ? -0.463  4.672   -2.844  1.00 31.30 ? 317 HOH A O   1 
HETATM 1451 O  O   . HOH F 3 .   ? 19.798  8.945   -2.035  1.00 39.26 ? 318 HOH A O   1 
HETATM 1452 O  O   . HOH F 3 .   ? 12.756  3.055   14.700  1.00 43.37 ? 319 HOH A O   1 
HETATM 1453 O  O   . HOH F 3 .   ? 6.306   -12.800 3.025   1.00 38.20 ? 320 HOH A O   1 
HETATM 1454 O  O   . HOH F 3 .   ? 8.596   5.456   -19.990 1.00 41.21 ? 321 HOH A O   1 
HETATM 1455 O  O   . HOH F 3 .   ? 16.951  -1.107  7.761   1.00 38.14 ? 322 HOH A O   1 
HETATM 1456 O  O   . HOH F 3 .   ? -4.298  9.975   -21.668 1.00 33.27 ? 323 HOH A O   1 
HETATM 1457 O  O   . HOH F 3 .   ? 17.634  7.874   -3.738  1.00 31.53 ? 324 HOH A O   1 
HETATM 1458 O  O   . HOH F 3 .   ? 18.626  -5.273  6.196   1.00 41.03 ? 325 HOH A O   1 
HETATM 1459 O  O   . HOH F 3 .   ? -10.353 9.912   -23.169 1.00 42.67 ? 326 HOH A O   1 
HETATM 1460 O  O   . HOH F 3 .   ? -0.114  12.252  4.374   1.00 39.97 ? 327 HOH A O   1 
HETATM 1461 O  O   . HOH F 3 .   ? -16.043 6.249   1.786   1.00 37.52 ? 328 HOH A O   1 
HETATM 1462 O  O   . HOH F 3 .   ? 1.253   -0.699  -12.698 1.00 43.58 ? 329 HOH A O   1 
HETATM 1463 O  O   . HOH F 3 .   ? -3.095  8.647   8.740   1.00 38.52 ? 330 HOH A O   1 
HETATM 1464 O  O   . HOH F 3 .   ? 22.787  7.024   8.750   1.00 31.82 ? 331 HOH A O   1 
HETATM 1465 O  O   . HOH F 3 .   ? -3.834  -15.206 5.118   1.00 40.09 ? 332 HOH A O   1 
HETATM 1466 O  O   . HOH F 3 .   ? -17.933 -5.989  4.185   1.00 38.10 ? 333 HOH A O   1 
HETATM 1467 O  O   . HOH F 3 .   ? 7.511   12.386  -5.037  1.00 44.89 ? 334 HOH A O   1 
HETATM 1468 O  O   . HOH F 3 .   ? 22.384  3.826   5.834   1.00 31.67 ? 335 HOH A O   1 
HETATM 1469 O  O   . HOH F 3 .   ? -9.709  0.782   14.518  1.00 46.44 ? 336 HOH A O   1 
HETATM 1470 O  O   . HOH F 3 .   ? 16.008  13.244  3.210   1.00 34.97 ? 337 HOH A O   1 
HETATM 1471 O  O   . HOH F 3 .   ? 13.046  -5.774  10.998  1.00 43.66 ? 338 HOH A O   1 
HETATM 1472 O  O   . HOH F 3 .   ? 4.661   10.718  -20.901 1.00 45.65 ? 339 HOH A O   1 
HETATM 1473 O  O   . HOH F 3 .   ? -5.188  -17.044 -4.270  1.00 36.33 ? 340 HOH A O   1 
HETATM 1474 O  O   . HOH F 3 .   ? 1.806   -9.367  13.630  1.00 44.32 ? 341 HOH A O   1 
HETATM 1475 O  O   . HOH F 3 .   ? -3.571  3.033   13.195  1.00 42.45 ? 342 HOH A O   1 
HETATM 1476 O  O   . HOH F 3 .   ? -13.600 4.314   -5.887  1.00 42.38 ? 343 HOH A O   1 
HETATM 1477 O  O   . HOH F 3 .   ? 5.892   10.700  -11.734 1.00 42.79 ? 344 HOH A O   1 
HETATM 1478 O  O   . HOH F 3 .   ? 3.233   7.600   13.068  1.00 47.20 ? 345 HOH A O   1 
HETATM 1479 O  O   . HOH F 3 .   ? 11.604  -3.967  18.699  1.00 41.09 ? 346 HOH A O   1 
HETATM 1480 O  O   . HOH F 3 .   ? 0.270   8.921   -14.113 1.00 44.40 ? 347 HOH A O   1 
HETATM 1481 O  O   . HOH F 3 .   ? 16.111  -7.892  7.894   1.00 42.50 ? 348 HOH A O   1 
HETATM 1482 O  O   . HOH F 3 .   ? -16.609 -6.132  8.180   1.00 41.22 ? 349 HOH A O   1 
HETATM 1483 O  O   . HOH F 3 .   ? -20.890 -5.122  -9.098  1.00 42.25 ? 350 HOH A O   1 
HETATM 1484 O  O   . HOH F 3 .   ? 2.926   7.837   -6.116  1.00 48.68 ? 351 HOH A O   1 
HETATM 1485 O  O   . HOH F 3 .   ? -12.758 -15.777 3.581   1.00 46.20 ? 352 HOH A O   1 
# 
